data_8K80
#
_entry.id   8K80
#
_cell.length_a   110.010
_cell.length_b   110.010
_cell.length_c   331.110
_cell.angle_alpha   90.00
_cell.angle_beta   90.00
_cell.angle_gamma   90.00
#
_symmetry.space_group_name_H-M   'P 41 21 2'
#
_entity_poly.entity_id   1
_entity_poly.type   'polypeptide(L)'
_entity_poly.pdbx_seq_one_letter_code
;TIKPVEYYKPDGCNKTNDHFTMQPGVNFYTVPNLGPSSSSADECYTNPSFSIGSSIYMFSQEIRKTDCTTGEILSIQIVL
GRIVDKGQQGPQASPLLVWSVPNPKIINSCAVAAGDETGWVLCSVTLTAASGEPIPHMFDGFWLYKFEPDTEVVAYRITG
FAYLLDKVYDSVFIGKGGGIQRGNDLYFQMFGLSRNRQSIKALCEHGSCLGTGGGGYQVLCDRAVMSFGSEESLISNAYL
KVNDVASGKPTIISQTFPPSDSYKGSNGRIYTIGERYGIYLAPSSWNRYLRFGLTPDISVRSTTWLKEKDPIMKVLTTCT
NTDKDMCPEICNTRGYQDIFPLSEDSSFYTYIGITPSNEGTKSFVAVKDDAGHVASITILPNYYSITSATISCFMYKEEI
WCIAVTEGRKQKENPQRIYAHSYRVQKMCFNIKP
;
_entity_poly.pdbx_strand_id   A,B,C
#
# COMPACT_ATOMS: atom_id res chain seq x y z
N THR A 1 -12.57 -3.03 -52.53
CA THR A 1 -11.15 -3.10 -52.17
C THR A 1 -10.87 -4.14 -51.07
N ILE A 2 -11.74 -4.19 -50.06
CA ILE A 2 -11.67 -5.22 -49.03
C ILE A 2 -12.99 -5.98 -49.01
N LYS A 3 -12.90 -7.22 -48.55
CA LYS A 3 -14.05 -8.08 -48.44
C LYS A 3 -14.06 -8.68 -47.04
N PRO A 4 -15.23 -8.99 -46.51
CA PRO A 4 -15.31 -9.74 -45.26
C PRO A 4 -14.59 -11.07 -45.32
N VAL A 5 -13.95 -11.43 -44.20
CA VAL A 5 -12.95 -12.48 -44.17
C VAL A 5 -13.53 -13.80 -44.63
N GLU A 6 -12.74 -14.53 -45.44
CA GLU A 6 -13.09 -15.88 -45.90
C GLU A 6 -12.22 -16.87 -45.12
N TYR A 7 -12.76 -17.42 -44.02
CA TYR A 7 -12.02 -18.37 -43.18
C TYR A 7 -11.52 -19.48 -44.07
N TYR A 8 -10.20 -19.68 -44.14
CA TYR A 8 -9.69 -20.48 -45.24
C TYR A 8 -9.12 -21.79 -44.71
N LYS A 9 -9.39 -22.86 -45.46
CA LYS A 9 -9.09 -24.19 -44.94
C LYS A 9 -8.09 -24.89 -45.85
N PRO A 10 -7.53 -26.01 -45.39
CA PRO A 10 -6.45 -26.64 -46.15
C PRO A 10 -6.97 -27.27 -47.43
N ASP A 11 -6.45 -26.77 -48.55
CA ASP A 11 -6.61 -27.40 -49.86
C ASP A 11 -5.67 -28.60 -50.03
N GLY A 12 -4.58 -28.67 -49.26
CA GLY A 12 -3.72 -29.83 -49.27
C GLY A 12 -3.71 -30.62 -47.97
N CYS A 13 -2.53 -30.83 -47.39
CA CYS A 13 -2.27 -31.68 -46.20
C CYS A 13 -2.89 -33.06 -46.44
N ASN A 14 -3.79 -33.55 -45.57
CA ASN A 14 -4.40 -34.89 -45.69
C ASN A 14 -3.33 -35.93 -45.96
N LYS A 15 -2.20 -35.74 -45.30
CA LYS A 15 -1.06 -36.61 -45.45
C LYS A 15 -0.57 -36.92 -44.06
N THR A 16 0.17 -38.02 -43.95
CA THR A 16 0.69 -38.40 -42.67
C THR A 16 1.59 -37.30 -42.14
N ASN A 17 1.40 -36.96 -40.87
CA ASN A 17 2.20 -35.96 -40.18
C ASN A 17 2.15 -34.56 -40.83
N ASP A 18 1.13 -34.24 -41.62
CA ASP A 18 0.99 -32.88 -42.15
C ASP A 18 -0.04 -32.16 -41.31
N HIS A 19 0.31 -30.95 -40.87
CA HIS A 19 -0.55 -30.13 -40.04
C HIS A 19 -0.80 -28.81 -40.74
N PHE A 20 -2.08 -28.44 -40.85
CA PHE A 20 -2.50 -27.14 -41.36
C PHE A 20 -2.54 -26.17 -40.19
N THR A 21 -1.62 -25.20 -40.18
CA THR A 21 -1.59 -24.15 -39.17
C THR A 21 -1.72 -22.79 -39.84
N MET A 22 -1.97 -21.81 -38.99
CA MET A 22 -2.03 -20.41 -39.37
C MET A 22 -1.05 -19.67 -38.49
N GLN A 23 -0.52 -18.57 -39.01
CA GLN A 23 0.52 -17.84 -38.30
C GLN A 23 0.50 -16.37 -38.68
N PRO A 24 1.01 -15.49 -37.81
CA PRO A 24 1.04 -14.06 -38.14
C PRO A 24 2.13 -13.74 -39.14
N GLY A 25 1.88 -12.72 -39.95
CA GLY A 25 2.90 -12.22 -40.86
C GLY A 25 4.10 -11.67 -40.12
N VAL A 26 5.23 -11.58 -40.84
CA VAL A 26 6.46 -11.22 -40.15
C VAL A 26 6.42 -9.77 -39.67
N ASN A 27 5.68 -8.92 -40.36
CA ASN A 27 5.71 -7.49 -40.08
C ASN A 27 4.43 -7.00 -39.45
N PHE A 28 4.59 -5.82 -38.81
CA PHE A 28 3.57 -5.11 -38.05
C PHE A 28 3.54 -3.70 -38.63
N TYR A 29 2.82 -3.50 -39.72
CA TYR A 29 2.86 -2.24 -40.45
C TYR A 29 2.00 -1.22 -39.75
N THR A 30 2.43 0.04 -39.77
CA THR A 30 1.59 1.09 -39.22
C THR A 30 0.39 1.42 -40.10
N VAL A 31 -0.70 1.81 -39.45
CA VAL A 31 -1.90 2.31 -40.09
C VAL A 31 -2.14 3.72 -39.58
N PRO A 32 -1.44 4.70 -40.15
CA PRO A 32 -1.49 6.04 -39.59
C PRO A 32 -2.81 6.71 -39.87
N ASN A 33 -3.17 7.63 -38.97
CA ASN A 33 -4.31 8.50 -39.14
C ASN A 33 -5.58 7.71 -39.40
N LEU A 34 -5.72 6.58 -38.69
CA LEU A 34 -7.01 5.91 -38.65
C LEU A 34 -8.06 6.80 -38.03
N GLY A 35 -7.66 7.57 -37.03
CA GLY A 35 -8.44 8.64 -36.49
C GLY A 35 -7.50 9.72 -36.02
N PRO A 36 -8.05 10.90 -35.78
CA PRO A 36 -7.21 12.03 -35.39
C PRO A 36 -6.75 11.90 -33.95
N SER A 37 -5.62 12.55 -33.66
CA SER A 37 -5.01 12.56 -32.33
C SER A 37 -4.40 13.90 -32.04
N SER A 38 -4.63 14.40 -30.82
CA SER A 38 -4.12 15.67 -30.34
C SER A 38 -2.68 15.53 -29.83
N SER A 39 -1.97 16.65 -29.82
CA SER A 39 -0.68 16.74 -29.17
C SER A 39 -0.80 17.30 -27.75
N SER A 40 -1.99 17.75 -27.35
CA SER A 40 -2.17 18.32 -26.02
C SER A 40 -1.89 17.24 -24.99
N ALA A 41 -0.86 17.43 -24.16
CA ALA A 41 -0.49 16.41 -23.19
C ALA A 41 -1.45 16.34 -22.03
N ASP A 42 -2.42 17.22 -21.97
CA ASP A 42 -3.43 17.19 -20.93
C ASP A 42 -4.55 16.20 -21.24
N GLU A 43 -4.49 15.51 -22.36
CA GLU A 43 -5.60 14.74 -22.87
C GLU A 43 -5.20 13.28 -23.00
N CYS A 44 -6.07 12.41 -22.50
CA CYS A 44 -5.91 10.97 -22.60
C CYS A 44 -6.92 10.45 -23.62
N TYR A 45 -6.44 9.69 -24.60
CA TYR A 45 -7.27 8.99 -25.58
C TYR A 45 -7.52 7.57 -25.07
N THR A 46 -8.76 7.19 -24.88
CA THR A 46 -9.01 5.92 -24.20
C THR A 46 -10.30 5.29 -24.74
N ASN A 47 -10.51 4.04 -24.35
CA ASN A 47 -11.69 3.25 -24.68
C ASN A 47 -12.05 3.28 -26.17
N PRO A 48 -11.14 2.84 -27.04
CA PRO A 48 -11.50 2.79 -28.45
C PRO A 48 -12.51 1.70 -28.69
N SER A 49 -13.31 1.90 -29.74
CA SER A 49 -14.19 0.90 -30.30
C SER A 49 -13.88 0.84 -31.77
N PHE A 50 -13.66 -0.36 -32.29
CA PHE A 50 -13.23 -0.51 -33.69
C PHE A 50 -13.96 -1.69 -34.32
N SER A 51 -14.63 -1.41 -35.45
CA SER A 51 -15.38 -2.41 -36.21
C SER A 51 -15.13 -2.21 -37.70
N ILE A 52 -15.04 -3.31 -38.45
CA ILE A 52 -14.82 -3.27 -39.90
C ILE A 52 -15.98 -3.99 -40.58
N GLY A 53 -16.58 -3.34 -41.56
CA GLY A 53 -17.73 -3.93 -42.21
C GLY A 53 -17.42 -4.57 -43.55
N SER A 54 -18.26 -4.24 -44.54
CA SER A 54 -18.07 -4.68 -45.92
C SER A 54 -16.80 -4.06 -46.51
N SER A 55 -16.74 -2.72 -46.54
CA SER A 55 -15.54 -1.99 -46.94
C SER A 55 -15.21 -0.83 -46.02
N ILE A 56 -16.17 -0.25 -45.30
CA ILE A 56 -15.94 0.88 -44.40
C ILE A 56 -15.51 0.35 -43.04
N TYR A 57 -14.99 1.23 -42.21
CA TYR A 57 -14.77 0.95 -40.81
C TYR A 57 -15.39 2.06 -39.99
N MET A 58 -15.74 1.69 -38.76
CA MET A 58 -16.21 2.62 -37.74
C MET A 58 -15.23 2.57 -36.58
N PHE A 59 -14.87 3.74 -36.08
CA PHE A 59 -13.91 3.88 -34.99
C PHE A 59 -14.40 4.96 -34.05
N SER A 60 -14.22 4.74 -32.76
CA SER A 60 -14.56 5.78 -31.79
C SER A 60 -13.50 5.80 -30.71
N GLN A 61 -13.29 6.99 -30.12
CA GLN A 61 -12.34 7.16 -29.04
C GLN A 61 -12.88 8.21 -28.06
N GLU A 62 -12.71 7.95 -26.76
CA GLU A 62 -13.01 8.92 -25.71
C GLU A 62 -11.77 9.75 -25.44
N ILE A 63 -11.94 11.06 -25.38
CA ILE A 63 -10.87 11.98 -25.02
C ILE A 63 -11.22 12.55 -23.66
N ARG A 64 -10.44 12.20 -22.64
CA ARG A 64 -10.69 12.60 -21.26
C ARG A 64 -9.56 13.48 -20.72
N LYS A 65 -9.90 14.33 -19.74
CA LYS A 65 -8.94 15.28 -19.19
C LYS A 65 -8.14 14.61 -18.08
N THR A 66 -6.82 14.57 -18.27
CA THR A 66 -5.84 14.08 -17.29
C THR A 66 -5.87 12.56 -17.10
N ASP A 67 -6.90 12.04 -16.44
CA ASP A 67 -6.96 10.62 -16.04
C ASP A 67 -7.72 9.75 -17.06
N CYS A 68 -7.05 8.69 -17.48
CA CYS A 68 -7.61 7.80 -18.49
C CYS A 68 -8.81 7.05 -17.99
N THR A 69 -8.92 6.89 -16.67
CA THR A 69 -9.96 6.06 -16.07
C THR A 69 -11.17 6.91 -15.75
N THR A 70 -10.95 7.95 -14.96
CA THR A 70 -11.99 8.76 -14.34
C THR A 70 -11.97 10.23 -14.74
N GLY A 71 -11.10 10.62 -15.67
CA GLY A 71 -11.07 12.01 -16.10
C GLY A 71 -12.35 12.39 -16.81
N GLU A 72 -12.66 13.69 -16.77
CA GLU A 72 -13.88 14.18 -17.39
C GLU A 72 -13.83 13.93 -18.89
N ILE A 73 -14.93 13.41 -19.44
CA ILE A 73 -14.99 13.17 -20.87
C ILE A 73 -15.08 14.50 -21.58
N LEU A 74 -13.96 14.95 -22.18
CA LEU A 74 -13.98 16.17 -22.97
C LEU A 74 -14.64 15.94 -24.33
N SER A 75 -14.42 14.78 -24.92
CA SER A 75 -14.95 14.56 -26.26
C SER A 75 -15.17 13.07 -26.49
N ILE A 76 -16.15 12.72 -27.29
CA ILE A 76 -16.21 11.39 -27.86
C ILE A 76 -16.23 11.56 -29.35
N GLN A 77 -15.19 11.04 -29.99
CA GLN A 77 -14.92 11.29 -31.39
C GLN A 77 -15.19 10.02 -32.16
N ILE A 78 -15.91 10.15 -33.27
CA ILE A 78 -16.28 9.06 -34.14
C ILE A 78 -15.63 9.30 -35.49
N VAL A 79 -15.10 8.24 -36.09
CA VAL A 79 -14.53 8.28 -37.43
C VAL A 79 -15.15 7.18 -38.26
N LEU A 80 -15.73 7.56 -39.39
CA LEU A 80 -16.09 6.61 -40.42
C LEU A 80 -15.10 6.72 -41.56
N GLY A 81 -14.50 5.61 -41.91
CA GLY A 81 -13.54 5.65 -42.99
C GLY A 81 -13.64 4.40 -43.84
N ARG A 82 -12.70 4.26 -44.74
CA ARG A 82 -12.61 3.08 -45.57
C ARG A 82 -11.20 2.52 -45.49
N ILE A 83 -11.11 1.21 -45.48
CA ILE A 83 -9.82 0.55 -45.61
C ILE A 83 -9.52 0.49 -47.10
N VAL A 84 -8.37 1.07 -47.47
CA VAL A 84 -7.97 1.24 -48.86
C VAL A 84 -6.48 0.94 -49.00
N ASP A 85 -6.05 0.80 -50.24
CA ASP A 85 -4.64 0.61 -50.58
C ASP A 85 -4.10 1.95 -51.05
N LYS A 86 -3.15 2.51 -50.28
CA LYS A 86 -2.39 3.69 -50.68
C LYS A 86 -0.97 3.32 -51.12
N GLY A 87 -0.80 2.12 -51.68
CA GLY A 87 0.49 1.71 -52.20
C GLY A 87 1.51 1.34 -51.14
N GLN A 88 1.08 1.12 -49.91
CA GLN A 88 2.02 0.76 -48.86
C GLN A 88 2.19 -0.75 -48.73
N GLN A 89 3.21 -1.10 -47.93
CA GLN A 89 3.41 -2.41 -47.31
C GLN A 89 2.10 -3.03 -46.82
N GLY A 90 1.28 -2.24 -46.12
CA GLY A 90 0.04 -2.76 -45.59
C GLY A 90 -1.16 -1.94 -45.97
N PRO A 91 -2.35 -2.37 -45.52
CA PRO A 91 -3.56 -1.59 -45.77
C PRO A 91 -3.53 -0.30 -44.97
N GLN A 92 -4.29 0.68 -45.43
CA GLN A 92 -4.29 2.01 -44.84
C GLN A 92 -5.71 2.50 -44.63
N ALA A 93 -5.84 3.63 -43.92
CA ALA A 93 -7.14 4.16 -43.53
C ALA A 93 -7.41 5.50 -44.21
N SER A 94 -8.61 5.65 -44.78
CA SER A 94 -9.07 6.93 -45.32
C SER A 94 -10.26 7.43 -44.55
N PRO A 95 -10.06 8.30 -43.56
CA PRO A 95 -11.19 8.90 -42.86
C PRO A 95 -12.13 9.61 -43.83
N LEU A 96 -13.41 9.31 -43.71
CA LEU A 96 -14.45 9.92 -44.52
C LEU A 96 -15.29 10.92 -43.73
N LEU A 97 -15.68 10.59 -42.49
CA LEU A 97 -16.33 11.55 -41.61
C LEU A 97 -15.66 11.50 -40.26
N VAL A 98 -15.54 12.67 -39.65
CA VAL A 98 -15.16 12.80 -38.26
C VAL A 98 -16.27 13.60 -37.60
N TRP A 99 -16.74 13.12 -36.44
CA TRP A 99 -17.94 13.66 -35.83
C TRP A 99 -17.82 13.53 -34.31
N SER A 100 -18.45 14.42 -33.58
CA SER A 100 -18.37 14.36 -32.12
C SER A 100 -19.73 14.01 -31.55
N VAL A 101 -19.74 13.13 -30.55
CA VAL A 101 -21.01 12.77 -29.94
C VAL A 101 -21.48 13.94 -29.10
N PRO A 102 -22.73 14.41 -29.25
CA PRO A 102 -23.20 15.58 -28.49
C PRO A 102 -23.27 15.36 -26.99
N ASN A 103 -22.88 16.40 -26.25
CA ASN A 103 -22.95 16.41 -24.80
C ASN A 103 -22.20 15.21 -24.22
N PRO A 104 -20.90 15.11 -24.46
CA PRO A 104 -20.18 13.93 -23.99
C PRO A 104 -20.23 13.79 -22.49
N LYS A 105 -20.50 14.87 -21.78
CA LYS A 105 -20.54 14.82 -20.33
C LYS A 105 -21.66 13.93 -19.80
N ILE A 106 -22.64 13.58 -20.65
CA ILE A 106 -23.77 12.74 -20.24
C ILE A 106 -23.57 11.27 -20.58
N ILE A 107 -22.58 10.94 -21.40
CA ILE A 107 -22.42 9.59 -21.93
C ILE A 107 -21.82 8.67 -20.87
N ASN A 108 -22.39 7.45 -20.74
CA ASN A 108 -21.71 6.38 -20.01
C ASN A 108 -20.62 5.73 -20.86
N SER A 109 -20.99 5.18 -22.00
CA SER A 109 -20.03 4.73 -23.00
C SER A 109 -20.77 4.49 -24.31
N CYS A 110 -19.98 4.50 -25.38
CA CYS A 110 -20.46 4.24 -26.72
C CYS A 110 -19.69 3.08 -27.28
N ALA A 111 -20.23 2.51 -28.34
CA ALA A 111 -19.50 1.54 -29.13
C ALA A 111 -20.03 1.62 -30.55
N VAL A 112 -19.30 0.99 -31.46
CA VAL A 112 -19.56 1.10 -32.88
C VAL A 112 -19.86 -0.26 -33.45
N ALA A 113 -20.45 -0.25 -34.65
CA ALA A 113 -20.68 -1.42 -35.49
C ALA A 113 -20.62 -0.97 -36.93
N ALA A 114 -19.80 -1.62 -37.75
CA ALA A 114 -19.67 -1.28 -39.17
C ALA A 114 -20.44 -2.27 -40.04
N GLY A 115 -21.26 -1.74 -40.94
CA GLY A 115 -22.05 -2.58 -41.84
C GLY A 115 -21.69 -2.45 -43.30
N ASP A 116 -22.68 -2.30 -44.17
CA ASP A 116 -22.44 -2.18 -45.60
C ASP A 116 -22.68 -0.73 -45.98
N GLU A 117 -21.61 0.03 -46.14
CA GLU A 117 -21.69 1.46 -46.42
C GLU A 117 -22.54 2.21 -45.38
N THR A 118 -22.67 1.62 -44.19
CA THR A 118 -23.39 2.21 -43.08
C THR A 118 -22.72 1.78 -41.78
N GLY A 119 -22.61 2.71 -40.82
CA GLY A 119 -22.03 2.42 -39.53
C GLY A 119 -22.91 2.97 -38.42
N TRP A 120 -22.74 2.41 -37.22
CA TRP A 120 -23.61 2.70 -36.09
C TRP A 120 -22.80 2.98 -34.85
N VAL A 121 -23.26 3.96 -34.06
CA VAL A 121 -22.77 4.18 -32.71
C VAL A 121 -23.93 4.07 -31.74
N LEU A 122 -23.79 3.22 -30.76
CA LEU A 122 -24.78 3.10 -29.70
C LEU A 122 -24.18 3.60 -28.39
N CYS A 123 -24.88 4.51 -27.72
CA CYS A 123 -24.40 5.13 -26.49
C CYS A 123 -25.44 5.01 -25.40
N SER A 124 -25.00 4.67 -24.19
CA SER A 124 -25.89 4.76 -23.05
C SER A 124 -25.58 6.03 -22.28
N VAL A 125 -26.62 6.67 -21.74
CA VAL A 125 -26.56 7.97 -21.08
C VAL A 125 -27.11 7.86 -19.66
N THR A 126 -26.58 8.70 -18.80
CA THR A 126 -27.02 8.76 -17.41
C THR A 126 -28.09 9.86 -17.23
N LEU A 127 -28.69 9.87 -16.04
CA LEU A 127 -29.69 10.90 -15.71
C LEU A 127 -29.01 12.25 -15.52
N THR A 128 -29.73 13.31 -15.88
CA THR A 128 -29.27 14.68 -15.72
C THR A 128 -30.02 15.38 -14.59
N ALA A 129 -29.31 16.16 -13.77
CA ALA A 129 -30.01 16.99 -12.80
C ALA A 129 -30.74 18.11 -13.56
N ALA A 130 -31.51 18.94 -12.83
CA ALA A 130 -32.12 20.10 -13.48
C ALA A 130 -31.06 21.08 -13.95
N SER A 131 -29.90 21.09 -13.28
CA SER A 131 -28.76 21.93 -13.65
C SER A 131 -28.18 21.58 -15.01
N GLY A 132 -28.60 20.45 -15.59
CA GLY A 132 -28.00 19.95 -16.81
C GLY A 132 -26.79 19.08 -16.55
N GLU A 133 -26.29 19.10 -15.31
CA GLU A 133 -25.14 18.31 -14.92
C GLU A 133 -25.52 16.84 -14.77
N PRO A 134 -24.63 15.94 -15.17
CA PRO A 134 -24.96 14.52 -15.13
C PRO A 134 -25.03 14.00 -13.71
N ILE A 135 -25.96 13.07 -13.51
CA ILE A 135 -26.02 12.35 -12.25
C ILE A 135 -25.26 11.05 -12.51
N PRO A 136 -24.03 10.92 -12.05
CA PRO A 136 -23.26 9.75 -12.44
C PRO A 136 -23.84 8.47 -11.87
N HIS A 137 -23.43 7.39 -12.55
CA HIS A 137 -23.57 5.96 -12.24
C HIS A 137 -24.97 5.53 -12.46
N MET A 138 -25.74 6.31 -13.21
CA MET A 138 -27.17 6.12 -13.41
C MET A 138 -27.49 5.87 -14.88
N PHE A 139 -28.79 5.71 -15.19
CA PHE A 139 -29.16 5.28 -16.53
C PHE A 139 -30.37 6.04 -17.07
N ASP A 140 -30.29 6.51 -18.31
CA ASP A 140 -31.41 7.24 -18.89
C ASP A 140 -31.59 6.93 -20.39
N GLY A 141 -31.54 5.67 -20.76
CA GLY A 141 -31.84 5.31 -22.13
C GLY A 141 -30.63 5.37 -23.04
N PHE A 142 -30.89 5.49 -24.34
CA PHE A 142 -29.82 5.34 -25.33
C PHE A 142 -29.92 6.39 -26.42
N TRP A 143 -28.78 6.59 -27.08
CA TRP A 143 -28.72 7.28 -28.35
C TRP A 143 -28.15 6.32 -29.38
N LEU A 144 -28.76 6.29 -30.56
CA LEU A 144 -28.22 5.53 -31.69
C LEU A 144 -27.96 6.49 -32.82
N TYR A 145 -26.74 6.48 -33.34
CA TYR A 145 -26.29 7.34 -34.44
C TYR A 145 -25.97 6.51 -35.67
N LYS A 146 -26.57 6.89 -36.81
CA LYS A 146 -26.36 6.23 -38.08
C LYS A 146 -25.48 7.10 -38.97
N PHE A 147 -24.37 6.51 -39.46
CA PHE A 147 -23.35 7.16 -40.27
C PHE A 147 -23.34 6.52 -41.64
N GLU A 148 -23.14 7.35 -42.67
CA GLU A 148 -23.19 6.86 -44.02
C GLU A 148 -22.31 7.81 -44.82
N PRO A 149 -21.57 7.31 -45.81
CA PRO A 149 -20.68 8.18 -46.60
C PRO A 149 -21.45 9.31 -47.25
N ASP A 150 -20.92 10.52 -47.17
CA ASP A 150 -21.51 11.70 -47.82
C ASP A 150 -22.92 11.98 -47.31
N THR A 151 -23.24 11.54 -46.10
CA THR A 151 -24.56 11.72 -45.53
C THR A 151 -24.45 12.18 -44.08
N GLU A 152 -25.24 13.18 -43.70
CA GLU A 152 -25.20 13.62 -42.32
C GLU A 152 -25.68 12.53 -41.39
N VAL A 153 -25.10 12.53 -40.19
CA VAL A 153 -25.43 11.57 -39.14
C VAL A 153 -26.88 11.73 -38.69
N VAL A 154 -27.54 10.60 -38.49
CA VAL A 154 -28.91 10.55 -38.01
C VAL A 154 -28.91 10.12 -36.53
N ALA A 155 -29.67 10.84 -35.70
CA ALA A 155 -29.76 10.54 -34.27
C ALA A 155 -31.11 9.94 -33.93
N TYR A 156 -31.10 8.95 -33.03
CA TYR A 156 -32.30 8.29 -32.54
C TYR A 156 -32.21 8.24 -31.03
N ARG A 157 -33.15 8.90 -30.36
CA ARG A 157 -33.24 8.77 -28.92
C ARG A 157 -34.09 7.56 -28.64
N ILE A 158 -33.65 6.72 -27.71
CA ILE A 158 -34.35 5.49 -27.39
C ILE A 158 -34.58 5.52 -25.88
N THR A 159 -35.76 6.01 -25.45
CA THR A 159 -36.09 6.13 -24.03
C THR A 159 -37.44 5.46 -23.76
N GLY A 160 -37.76 5.28 -22.48
CA GLY A 160 -39.06 4.77 -22.11
C GLY A 160 -39.55 3.49 -22.77
N PHE A 161 -40.63 3.56 -23.55
CA PHE A 161 -41.13 2.30 -24.09
C PHE A 161 -40.29 1.78 -25.23
N ALA A 162 -39.29 2.54 -25.68
CA ALA A 162 -38.44 2.11 -26.77
C ALA A 162 -37.34 1.16 -26.34
N TYR A 163 -37.07 1.01 -25.05
CA TYR A 163 -36.14 -0.01 -24.57
C TYR A 163 -36.88 -0.90 -23.58
N LEU A 164 -36.67 -2.21 -23.72
CA LEU A 164 -37.25 -3.19 -22.83
C LEU A 164 -36.10 -4.06 -22.36
N LEU A 165 -35.74 -3.99 -21.09
CA LEU A 165 -34.59 -4.74 -20.61
C LEU A 165 -35.10 -5.82 -19.68
N ASP A 166 -34.49 -7.00 -19.75
CA ASP A 166 -34.98 -8.13 -18.94
C ASP A 166 -34.79 -7.92 -17.43
N LYS A 167 -33.81 -7.14 -17.01
CA LYS A 167 -33.70 -6.77 -15.62
C LYS A 167 -33.81 -5.27 -15.47
N VAL A 168 -34.08 -4.81 -14.24
CA VAL A 168 -34.06 -3.38 -13.99
C VAL A 168 -32.63 -2.96 -13.69
N TYR A 169 -32.09 -2.10 -14.55
CA TYR A 169 -30.68 -1.72 -14.52
C TYR A 169 -30.58 -0.33 -13.95
N ASP A 170 -29.71 -0.15 -12.95
CA ASP A 170 -29.46 1.18 -12.42
C ASP A 170 -28.36 1.91 -13.20
N SER A 171 -27.44 1.16 -13.81
CA SER A 171 -26.42 1.74 -14.69
C SER A 171 -26.18 0.78 -15.85
N VAL A 172 -25.90 1.36 -17.02
CA VAL A 172 -25.75 0.62 -18.27
C VAL A 172 -24.54 1.13 -19.04
N PHE A 173 -23.62 0.24 -19.38
CA PHE A 173 -22.50 0.60 -20.22
C PHE A 173 -22.40 -0.33 -21.42
N ILE A 174 -22.29 0.23 -22.63
CA ILE A 174 -22.10 -0.57 -23.84
C ILE A 174 -20.66 -1.04 -23.89
N GLY A 175 -20.46 -2.34 -24.13
CA GLY A 175 -19.12 -2.89 -24.20
C GLY A 175 -18.32 -2.27 -25.33
N LYS A 176 -17.16 -1.73 -25.00
CA LYS A 176 -16.37 -0.98 -25.97
C LYS A 176 -15.87 -1.83 -27.14
N GLY A 177 -15.97 -3.16 -27.06
CA GLY A 177 -15.55 -3.97 -28.20
C GLY A 177 -16.37 -3.70 -29.44
N GLY A 178 -17.64 -3.37 -29.26
CA GLY A 178 -18.52 -3.03 -30.36
C GLY A 178 -19.53 -4.12 -30.63
N GLY A 179 -20.33 -3.85 -31.67
CA GLY A 179 -21.37 -4.74 -32.15
C GLY A 179 -21.37 -4.96 -33.66
N ILE A 180 -22.43 -5.61 -34.16
CA ILE A 180 -22.55 -6.02 -35.55
C ILE A 180 -23.95 -5.64 -36.05
N GLN A 181 -24.09 -5.59 -37.37
CA GLN A 181 -25.42 -5.47 -37.98
C GLN A 181 -25.73 -6.80 -38.62
N ARG A 182 -26.92 -7.33 -38.38
CA ARG A 182 -27.39 -8.54 -39.05
C ARG A 182 -28.77 -8.21 -39.62
N GLY A 183 -28.83 -8.08 -40.93
CA GLY A 183 -30.07 -7.71 -41.56
C GLY A 183 -30.49 -6.36 -41.05
N ASN A 184 -31.73 -6.28 -40.60
CA ASN A 184 -32.30 -5.03 -40.13
C ASN A 184 -32.12 -4.85 -38.63
N ASP A 185 -31.17 -5.56 -38.01
CA ASP A 185 -31.00 -5.50 -36.57
C ASP A 185 -29.54 -5.20 -36.22
N LEU A 186 -29.30 -4.62 -35.05
CA LEU A 186 -27.95 -4.50 -34.53
C LEU A 186 -27.81 -5.34 -33.27
N TYR A 187 -26.58 -5.76 -32.98
CA TYR A 187 -26.28 -6.52 -31.77
C TYR A 187 -25.03 -6.00 -31.08
N PHE A 188 -25.18 -5.63 -29.81
CA PHE A 188 -24.08 -5.15 -28.99
C PHE A 188 -24.06 -5.95 -27.71
N GLN A 189 -23.02 -5.76 -26.93
CA GLN A 189 -22.97 -6.30 -25.59
C GLN A 189 -22.97 -5.15 -24.61
N MET A 190 -23.64 -5.33 -23.47
CA MET A 190 -23.64 -4.31 -22.44
C MET A 190 -23.60 -4.94 -21.06
N PHE A 191 -23.22 -4.11 -20.09
CA PHE A 191 -23.04 -4.55 -18.73
C PHE A 191 -23.43 -3.38 -17.81
N GLY A 192 -23.73 -3.73 -16.57
CA GLY A 192 -24.12 -2.70 -15.62
C GLY A 192 -24.68 -3.30 -14.36
N LEU A 193 -25.20 -2.41 -13.51
CA LEU A 193 -25.79 -2.79 -12.23
C LEU A 193 -27.27 -3.08 -12.43
N SER A 194 -27.64 -4.33 -12.17
CA SER A 194 -29.02 -4.81 -12.24
C SER A 194 -29.45 -5.15 -10.84
N ARG A 195 -30.70 -4.85 -10.51
CA ARG A 195 -31.18 -5.15 -9.17
C ARG A 195 -31.37 -6.66 -9.04
N ASN A 196 -31.14 -7.17 -7.84
CA ASN A 196 -31.21 -8.60 -7.66
C ASN A 196 -31.90 -8.97 -6.37
N ARG A 197 -32.87 -9.87 -6.48
CA ARG A 197 -33.75 -10.20 -5.38
C ARG A 197 -33.70 -11.66 -5.01
N GLN A 198 -33.00 -12.47 -5.81
CA GLN A 198 -33.00 -13.91 -5.69
C GLN A 198 -31.59 -14.38 -5.31
N SER A 199 -31.47 -15.50 -4.60
CA SER A 199 -30.15 -16.04 -4.29
C SER A 199 -29.47 -16.50 -5.58
N ILE A 200 -28.13 -16.57 -5.56
CA ILE A 200 -27.36 -16.96 -6.74
C ILE A 200 -26.21 -17.90 -6.41
N LYS A 201 -25.75 -18.57 -7.45
CA LYS A 201 -24.53 -19.38 -7.44
C LYS A 201 -23.70 -18.95 -8.65
N ALA A 202 -22.78 -18.01 -8.43
CA ALA A 202 -21.99 -17.48 -9.51
C ALA A 202 -21.03 -18.53 -10.05
N LEU A 203 -20.73 -18.41 -11.34
CA LEU A 203 -19.77 -19.30 -11.97
C LEU A 203 -18.45 -19.27 -11.23
N CYS A 204 -17.91 -20.44 -10.92
CA CYS A 204 -16.77 -20.40 -10.04
C CYS A 204 -15.81 -21.53 -10.42
N GLU A 205 -15.48 -21.59 -11.70
CA GLU A 205 -14.58 -22.60 -12.19
C GLU A 205 -13.13 -22.16 -12.00
N HIS A 206 -12.33 -22.99 -11.33
CA HIS A 206 -10.94 -22.65 -11.07
C HIS A 206 -10.12 -23.92 -10.98
N GLY A 207 -8.82 -23.74 -10.80
CA GLY A 207 -7.86 -24.83 -10.72
C GLY A 207 -7.62 -25.34 -9.31
N SER A 208 -6.38 -25.76 -9.06
CA SER A 208 -6.00 -26.30 -7.76
C SER A 208 -5.84 -25.16 -6.76
N CYS A 209 -6.67 -25.15 -5.72
CA CYS A 209 -6.70 -24.09 -4.74
C CYS A 209 -6.82 -24.71 -3.36
N LEU A 210 -6.24 -24.08 -2.34
CA LEU A 210 -6.21 -24.69 -1.02
C LEU A 210 -7.31 -24.10 -0.15
N GLY A 211 -7.92 -24.96 0.67
CA GLY A 211 -9.10 -24.60 1.40
C GLY A 211 -10.36 -24.86 0.62
N THR A 212 -10.25 -25.48 -0.57
CA THR A 212 -11.39 -25.71 -1.47
C THR A 212 -12.49 -26.50 -0.76
N GLY A 213 -12.09 -27.45 0.08
CA GLY A 213 -13.07 -28.22 0.83
C GLY A 213 -13.91 -27.32 1.73
N GLY A 214 -15.21 -27.58 1.73
CA GLY A 214 -16.12 -26.70 2.44
C GLY A 214 -16.53 -25.52 1.60
N GLY A 215 -16.34 -25.59 0.28
CA GLY A 215 -16.71 -24.49 -0.58
C GLY A 215 -16.02 -23.22 -0.14
N GLY A 216 -16.82 -22.22 0.26
CA GLY A 216 -16.28 -20.93 0.66
C GLY A 216 -15.63 -20.17 -0.47
N TYR A 217 -15.00 -20.87 -1.42
CA TYR A 217 -14.54 -20.24 -2.64
C TYR A 217 -15.75 -19.82 -3.45
N GLN A 218 -16.82 -20.58 -3.33
CA GLN A 218 -18.07 -20.21 -3.95
C GLN A 218 -18.57 -18.94 -3.33
N VAL A 219 -18.27 -18.72 -2.05
CA VAL A 219 -18.71 -17.47 -1.43
C VAL A 219 -17.95 -16.29 -2.03
N LEU A 220 -16.64 -16.43 -2.23
CA LEU A 220 -15.88 -15.42 -2.98
C LEU A 220 -16.50 -15.16 -4.32
N CYS A 221 -16.75 -16.23 -5.07
CA CYS A 221 -17.27 -16.08 -6.42
C CYS A 221 -18.61 -15.37 -6.41
N ASP A 222 -19.47 -15.72 -5.46
CA ASP A 222 -20.75 -15.06 -5.30
C ASP A 222 -20.58 -13.60 -4.95
N ARG A 223 -19.56 -13.30 -4.15
CA ARG A 223 -19.36 -11.91 -3.77
C ARG A 223 -18.80 -11.12 -4.96
N ALA A 224 -17.89 -11.74 -5.71
CA ALA A 224 -17.11 -11.10 -6.74
C ALA A 224 -17.98 -10.39 -7.76
N VAL A 225 -19.21 -10.87 -7.97
CA VAL A 225 -20.12 -10.29 -8.94
C VAL A 225 -21.06 -9.25 -8.34
N MET A 226 -21.04 -9.04 -7.02
CA MET A 226 -21.93 -8.10 -6.35
C MET A 226 -21.27 -6.74 -6.16
N SER A 227 -22.04 -5.83 -5.60
CA SER A 227 -21.66 -4.45 -5.38
C SER A 227 -21.68 -4.15 -3.88
N PHE A 228 -20.72 -3.36 -3.44
CA PHE A 228 -20.64 -2.91 -2.06
C PHE A 228 -21.57 -1.73 -1.89
N GLY A 229 -22.37 -1.74 -0.83
CA GLY A 229 -23.18 -0.57 -0.56
C GLY A 229 -24.32 -0.83 0.40
N SER A 230 -25.17 0.19 0.52
CA SER A 230 -26.50 0.04 1.10
C SER A 230 -27.37 -0.87 0.23
N GLU A 231 -27.35 -0.66 -1.10
CA GLU A 231 -28.05 -1.54 -2.03
C GLU A 231 -27.04 -2.46 -2.72
N GLU A 232 -27.21 -3.75 -2.50
CA GLU A 232 -26.44 -4.76 -3.21
C GLU A 232 -27.17 -5.13 -4.48
N SER A 233 -26.49 -5.02 -5.61
CA SER A 233 -27.03 -5.35 -6.91
C SER A 233 -25.92 -6.02 -7.69
N LEU A 234 -26.24 -6.60 -8.84
CA LEU A 234 -25.26 -7.40 -9.57
C LEU A 234 -24.64 -6.67 -10.76
N ILE A 235 -23.34 -6.87 -10.88
CA ILE A 235 -22.59 -6.40 -12.03
C ILE A 235 -22.72 -7.47 -13.10
N SER A 236 -23.55 -7.24 -14.11
CA SER A 236 -23.95 -8.30 -15.02
C SER A 236 -23.77 -7.91 -16.49
N ASN A 237 -23.63 -8.94 -17.32
CA ASN A 237 -23.52 -8.87 -18.77
C ASN A 237 -24.86 -9.20 -19.45
N ALA A 238 -25.01 -8.71 -20.67
CA ALA A 238 -26.23 -8.95 -21.43
C ALA A 238 -26.02 -8.66 -22.92
N TYR A 239 -26.81 -9.34 -23.73
CA TYR A 239 -26.91 -9.02 -25.14
C TYR A 239 -27.90 -7.89 -25.32
N LEU A 240 -27.56 -6.93 -26.20
CA LEU A 240 -28.52 -5.95 -26.74
C LEU A 240 -28.85 -6.22 -28.20
N LYS A 241 -30.13 -6.26 -28.51
CA LYS A 241 -30.60 -6.28 -29.88
C LYS A 241 -31.28 -4.94 -30.15
N VAL A 242 -30.95 -4.34 -31.28
CA VAL A 242 -31.60 -3.12 -31.75
C VAL A 242 -32.44 -3.49 -32.96
N ASN A 243 -33.77 -3.53 -32.79
CA ASN A 243 -34.74 -3.91 -33.83
C ASN A 243 -35.19 -2.75 -34.69
N ASP A 244 -35.59 -3.11 -35.92
CA ASP A 244 -36.23 -2.22 -36.89
C ASP A 244 -35.37 -1.00 -37.12
N VAL A 245 -34.10 -1.24 -37.41
CA VAL A 245 -33.17 -0.14 -37.43
C VAL A 245 -33.45 0.74 -38.64
N ALA A 246 -33.95 0.15 -39.73
CA ALA A 246 -34.37 0.92 -40.90
C ALA A 246 -35.69 1.63 -40.66
N SER A 247 -36.48 1.18 -39.69
CA SER A 247 -37.74 1.82 -39.41
C SER A 247 -37.57 3.28 -39.07
N GLY A 248 -36.49 3.63 -38.42
CA GLY A 248 -36.36 4.96 -37.86
C GLY A 248 -36.95 5.03 -36.49
N LYS A 249 -37.53 3.93 -36.01
CA LYS A 249 -38.09 3.83 -34.68
C LYS A 249 -37.43 2.60 -34.09
N PRO A 250 -36.17 2.70 -33.70
CA PRO A 250 -35.44 1.55 -33.20
C PRO A 250 -35.90 1.15 -31.80
N THR A 251 -35.89 -0.15 -31.52
CA THR A 251 -36.20 -0.60 -30.17
C THR A 251 -35.10 -1.52 -29.64
N ILE A 252 -34.73 -1.35 -28.38
CA ILE A 252 -33.61 -2.07 -27.80
C ILE A 252 -34.12 -3.13 -26.85
N ILE A 253 -33.62 -4.34 -26.99
CA ILE A 253 -34.04 -5.45 -26.18
C ILE A 253 -32.81 -6.01 -25.50
N SER A 254 -32.99 -6.54 -24.31
CA SER A 254 -31.89 -7.06 -23.53
C SER A 254 -32.19 -8.47 -23.07
N GLN A 255 -31.17 -9.33 -23.08
CA GLN A 255 -31.20 -10.58 -22.32
C GLN A 255 -29.93 -10.67 -21.50
N THR A 256 -30.06 -10.97 -20.21
CA THR A 256 -28.96 -10.90 -19.26
C THR A 256 -28.45 -12.29 -18.94
N PHE A 257 -27.14 -12.46 -18.96
CA PHE A 257 -26.49 -13.69 -18.53
C PHE A 257 -26.66 -13.84 -17.03
N PRO A 258 -27.19 -14.94 -16.54
CA PRO A 258 -27.30 -15.17 -15.09
C PRO A 258 -25.93 -15.34 -14.47
N PRO A 259 -25.81 -15.04 -13.17
CA PRO A 259 -24.52 -15.18 -12.52
C PRO A 259 -23.97 -16.56 -12.64
N SER A 260 -24.85 -17.55 -12.69
CA SER A 260 -24.42 -18.94 -12.83
C SER A 260 -23.63 -19.17 -14.11
N ASP A 261 -23.81 -18.33 -15.13
CA ASP A 261 -23.17 -18.49 -16.43
C ASP A 261 -22.22 -17.33 -16.74
N SER A 262 -21.78 -16.58 -15.74
CA SER A 262 -20.96 -15.41 -16.02
C SER A 262 -20.06 -15.06 -14.84
N TYR A 263 -18.97 -14.36 -15.16
CA TYR A 263 -18.15 -13.72 -14.13
C TYR A 263 -18.60 -12.27 -14.00
N LYS A 264 -17.82 -11.44 -13.32
CA LYS A 264 -18.24 -10.06 -13.18
C LYS A 264 -18.41 -9.40 -14.54
N GLY A 265 -19.45 -8.59 -14.63
CA GLY A 265 -19.72 -7.90 -15.89
C GLY A 265 -18.54 -7.06 -16.32
N SER A 266 -18.40 -6.90 -17.63
CA SER A 266 -17.21 -6.29 -18.18
C SER A 266 -17.49 -5.82 -19.59
N ASN A 267 -16.58 -5.03 -20.12
CA ASN A 267 -16.65 -4.64 -21.51
C ASN A 267 -16.58 -5.88 -22.40
N GLY A 268 -17.48 -5.94 -23.40
CA GLY A 268 -17.58 -7.07 -24.30
C GLY A 268 -17.61 -6.65 -25.76
N ARG A 269 -17.79 -7.65 -26.62
CA ARG A 269 -17.83 -7.42 -28.07
C ARG A 269 -18.63 -8.51 -28.73
N ILE A 270 -19.35 -8.15 -29.79
CA ILE A 270 -20.14 -9.09 -30.57
C ILE A 270 -19.42 -9.33 -31.91
N TYR A 271 -19.48 -10.57 -32.37
CA TYR A 271 -18.80 -11.03 -33.57
C TYR A 271 -19.80 -11.72 -34.48
N THR A 272 -19.59 -11.53 -35.78
CA THR A 272 -20.16 -12.40 -36.81
C THR A 272 -19.10 -13.45 -37.12
N ILE A 273 -19.42 -14.73 -36.95
CA ILE A 273 -18.48 -15.82 -37.21
C ILE A 273 -19.17 -16.75 -38.20
N GLY A 274 -19.00 -16.47 -39.48
CA GLY A 274 -19.67 -17.26 -40.51
C GLY A 274 -21.18 -17.17 -40.38
N GLU A 275 -21.83 -18.34 -40.23
CA GLU A 275 -23.28 -18.38 -40.07
C GLU A 275 -23.70 -18.24 -38.60
N ARG A 276 -22.74 -18.21 -37.70
CA ARG A 276 -22.98 -18.14 -36.28
C ARG A 276 -22.42 -16.81 -35.77
N TYR A 277 -22.34 -16.68 -34.44
CA TYR A 277 -21.94 -15.43 -33.80
C TYR A 277 -21.07 -15.74 -32.59
N GLY A 278 -20.40 -14.70 -32.08
CA GLY A 278 -19.50 -14.85 -30.95
C GLY A 278 -19.57 -13.66 -30.02
N ILE A 279 -19.10 -13.88 -28.80
CA ILE A 279 -19.08 -12.86 -27.77
C ILE A 279 -17.73 -12.90 -27.06
N TYR A 280 -17.09 -11.74 -26.92
CA TYR A 280 -15.91 -11.63 -26.09
C TYR A 280 -16.27 -10.81 -24.86
N LEU A 281 -15.81 -11.27 -23.71
CA LEU A 281 -15.99 -10.58 -22.43
C LEU A 281 -14.63 -10.44 -21.78
N ALA A 282 -14.16 -9.20 -21.67
CA ALA A 282 -12.88 -8.99 -21.02
C ALA A 282 -12.99 -9.39 -19.56
N PRO A 283 -11.90 -9.88 -18.97
CA PRO A 283 -11.92 -10.16 -17.53
C PRO A 283 -12.09 -8.85 -16.76
N SER A 284 -12.95 -8.86 -15.78
CA SER A 284 -13.04 -7.69 -14.93
C SER A 284 -12.78 -8.01 -13.47
N SER A 285 -12.55 -9.28 -13.15
CA SER A 285 -12.52 -9.74 -11.77
C SER A 285 -11.49 -10.84 -11.72
N TRP A 286 -11.66 -11.81 -10.81
CA TRP A 286 -10.57 -12.75 -10.53
C TRP A 286 -10.21 -13.67 -11.70
N ASN A 287 -11.16 -13.99 -12.61
CA ASN A 287 -10.88 -14.94 -13.70
C ASN A 287 -10.30 -14.22 -14.90
N ARG A 288 -9.04 -14.47 -15.19
CA ARG A 288 -8.33 -13.72 -16.21
C ARG A 288 -8.11 -14.51 -17.49
N TYR A 289 -8.73 -15.70 -17.61
CA TYR A 289 -8.66 -16.49 -18.84
C TYR A 289 -9.57 -15.93 -19.92
N LEU A 290 -9.29 -16.32 -21.16
CA LEU A 290 -10.12 -15.91 -22.28
C LEU A 290 -11.57 -16.32 -22.06
N ARG A 291 -12.45 -15.36 -22.16
CA ARG A 291 -13.87 -15.58 -22.01
C ARG A 291 -14.49 -15.30 -23.39
N PHE A 292 -14.72 -16.36 -24.15
CA PHE A 292 -15.23 -16.19 -25.50
C PHE A 292 -16.32 -17.21 -25.76
N GLY A 293 -17.45 -16.74 -26.29
CA GLY A 293 -18.59 -17.60 -26.51
C GLY A 293 -19.01 -17.67 -27.98
N LEU A 294 -19.58 -18.82 -28.35
CA LEU A 294 -20.10 -19.07 -29.69
C LEU A 294 -21.60 -19.35 -29.59
N THR A 295 -22.37 -18.76 -30.49
CA THR A 295 -23.79 -18.88 -30.40
C THR A 295 -24.41 -18.88 -31.80
N PRO A 296 -25.35 -19.80 -32.07
CA PRO A 296 -25.97 -19.86 -33.40
C PRO A 296 -27.07 -18.84 -33.61
N ASP A 297 -27.66 -18.34 -32.52
CA ASP A 297 -28.77 -17.40 -32.61
C ASP A 297 -28.71 -16.28 -31.58
N ILE A 298 -27.55 -16.00 -30.98
CA ILE A 298 -27.33 -14.90 -30.04
C ILE A 298 -28.31 -14.98 -28.87
N SER A 299 -28.22 -16.04 -28.11
CA SER A 299 -29.07 -16.21 -26.94
C SER A 299 -28.14 -16.52 -25.80
N VAL A 300 -28.59 -16.22 -24.59
CA VAL A 300 -27.72 -16.55 -23.47
C VAL A 300 -27.63 -18.05 -23.42
N ARG A 301 -28.73 -18.68 -23.82
CA ARG A 301 -28.84 -20.09 -23.64
C ARG A 301 -28.05 -20.88 -24.67
N SER A 302 -27.97 -20.39 -25.89
CA SER A 302 -27.22 -21.03 -26.95
C SER A 302 -25.75 -20.70 -26.93
N THR A 303 -25.26 -20.01 -25.91
CA THR A 303 -23.85 -19.65 -25.88
C THR A 303 -23.00 -20.74 -25.26
N THR A 304 -21.97 -21.10 -26.00
CA THR A 304 -20.97 -22.07 -25.56
C THR A 304 -19.65 -21.33 -25.40
N TRP A 305 -18.93 -21.60 -24.31
CA TRP A 305 -17.67 -20.93 -24.00
C TRP A 305 -16.46 -21.76 -24.40
N LEU A 306 -15.49 -21.12 -25.07
CA LEU A 306 -14.27 -21.78 -25.47
C LEU A 306 -13.47 -22.23 -24.25
N LYS A 307 -12.86 -23.41 -24.37
CA LYS A 307 -12.09 -24.03 -23.31
C LYS A 307 -10.65 -23.56 -23.31
N GLU A 308 -10.22 -22.86 -24.35
CA GLU A 308 -8.85 -22.41 -24.37
C GLU A 308 -8.66 -21.21 -23.44
N LYS A 309 -7.44 -21.05 -22.91
CA LYS A 309 -7.20 -20.07 -21.86
C LYS A 309 -6.56 -18.77 -22.34
N ASP A 310 -5.99 -18.74 -23.53
CA ASP A 310 -5.17 -17.69 -24.14
C ASP A 310 -6.03 -16.73 -24.96
N PRO A 311 -5.79 -15.40 -24.91
CA PRO A 311 -4.80 -14.73 -24.08
C PRO A 311 -5.22 -14.59 -22.62
N ILE A 312 -4.27 -14.77 -21.72
CA ILE A 312 -4.47 -14.53 -20.30
C ILE A 312 -4.11 -13.08 -20.02
N MET A 313 -5.01 -12.37 -19.34
CA MET A 313 -4.77 -10.97 -19.12
C MET A 313 -3.93 -10.77 -17.87
N LYS A 314 -2.73 -10.20 -18.05
CA LYS A 314 -1.73 -10.10 -17.00
C LYS A 314 -1.49 -8.65 -16.59
N VAL A 315 -2.12 -7.71 -17.30
CA VAL A 315 -1.95 -6.27 -17.12
C VAL A 315 -3.21 -5.67 -16.52
N LEU A 316 -3.08 -4.49 -15.96
CA LEU A 316 -4.23 -3.73 -15.43
C LEU A 316 -5.08 -4.55 -14.46
N THR A 317 -4.43 -5.19 -13.49
CA THR A 317 -5.14 -6.02 -12.54
C THR A 317 -4.56 -5.90 -11.14
N THR A 318 -5.45 -5.88 -10.15
CA THR A 318 -5.00 -5.99 -8.78
C THR A 318 -4.97 -7.44 -8.31
N CYS A 319 -5.29 -8.40 -9.17
CA CYS A 319 -5.32 -9.77 -8.70
C CYS A 319 -3.92 -10.31 -8.49
N THR A 320 -3.81 -11.26 -7.57
CA THR A 320 -2.55 -11.83 -7.17
C THR A 320 -2.54 -13.32 -7.38
N ASN A 321 -3.60 -13.87 -7.93
CA ASN A 321 -3.65 -15.31 -8.16
C ASN A 321 -2.68 -15.70 -9.29
N THR A 322 -2.46 -17.01 -9.40
CA THR A 322 -1.51 -17.59 -10.34
C THR A 322 -2.17 -17.83 -11.70
N ASP A 323 -1.38 -17.71 -12.77
CA ASP A 323 -1.94 -18.07 -14.07
C ASP A 323 -2.23 -19.57 -14.19
N LYS A 324 -1.65 -20.40 -13.33
CA LYS A 324 -1.84 -21.85 -13.43
C LYS A 324 -3.21 -22.27 -12.92
N ASP A 325 -3.62 -21.72 -11.78
CA ASP A 325 -4.79 -22.17 -11.03
C ASP A 325 -5.90 -21.12 -10.90
N MET A 326 -5.60 -19.82 -10.97
CA MET A 326 -6.63 -18.78 -11.07
C MET A 326 -7.61 -18.84 -9.90
N CYS A 327 -7.08 -18.89 -8.70
CA CYS A 327 -7.93 -19.01 -7.52
C CYS A 327 -8.76 -17.75 -7.32
N PRO A 328 -10.07 -17.88 -7.05
CA PRO A 328 -10.92 -16.69 -6.87
C PRO A 328 -10.43 -15.83 -5.71
N GLU A 329 -10.63 -14.52 -5.85
CA GLU A 329 -10.29 -13.54 -4.84
C GLU A 329 -11.05 -12.27 -5.19
N ILE A 330 -11.18 -11.37 -4.24
CA ILE A 330 -11.84 -10.11 -4.54
C ILE A 330 -10.79 -9.18 -5.13
N CYS A 331 -10.90 -8.93 -6.42
CA CYS A 331 -9.96 -8.04 -7.10
C CYS A 331 -10.62 -7.52 -8.36
N ASN A 332 -9.97 -6.56 -8.98
CA ASN A 332 -10.46 -5.90 -10.18
C ASN A 332 -9.44 -5.95 -11.31
N THR A 333 -9.93 -6.24 -12.51
CA THR A 333 -9.14 -6.22 -13.73
C THR A 333 -9.83 -5.29 -14.72
N ARG A 334 -9.05 -4.44 -15.40
CA ARG A 334 -9.62 -3.42 -16.27
C ARG A 334 -8.86 -3.33 -17.59
N GLY A 335 -8.40 -4.47 -18.09
CA GLY A 335 -7.74 -4.54 -19.37
C GLY A 335 -8.74 -4.90 -20.46
N TYR A 336 -8.22 -5.06 -21.67
CA TYR A 336 -9.05 -5.53 -22.78
C TYR A 336 -8.12 -6.11 -23.82
N GLN A 337 -8.25 -7.40 -24.09
CA GLN A 337 -7.44 -8.06 -25.12
C GLN A 337 -8.35 -9.13 -25.73
N ASP A 338 -9.05 -8.76 -26.80
CA ASP A 338 -10.00 -9.67 -27.44
C ASP A 338 -9.25 -10.50 -28.48
N ILE A 339 -9.99 -11.34 -29.20
CA ILE A 339 -9.45 -12.21 -30.24
C ILE A 339 -10.21 -11.93 -31.52
N PHE A 340 -9.73 -12.50 -32.63
CA PHE A 340 -10.49 -12.53 -33.87
C PHE A 340 -10.48 -13.96 -34.37
N PRO A 341 -11.62 -14.60 -34.54
CA PRO A 341 -11.63 -15.98 -35.04
C PRO A 341 -11.18 -16.07 -36.48
N LEU A 342 -10.49 -17.19 -36.78
CA LEU A 342 -9.96 -17.47 -38.12
C LEU A 342 -10.57 -18.72 -38.76
N SER A 343 -11.51 -19.38 -38.09
CA SER A 343 -12.22 -20.55 -38.60
C SER A 343 -13.65 -20.47 -38.12
N GLU A 344 -14.50 -21.37 -38.62
CA GLU A 344 -15.92 -21.28 -38.26
C GLU A 344 -16.19 -21.62 -36.79
N ASP A 345 -15.42 -22.54 -36.21
CA ASP A 345 -15.52 -22.99 -34.82
C ASP A 345 -14.65 -22.19 -33.85
N SER A 346 -13.89 -21.21 -34.36
CA SER A 346 -12.92 -20.44 -33.59
C SER A 346 -11.91 -21.34 -32.87
N SER A 347 -11.55 -22.47 -33.49
CA SER A 347 -10.39 -23.22 -33.03
C SER A 347 -9.09 -22.60 -33.51
N PHE A 348 -9.15 -21.84 -34.61
CA PHE A 348 -8.08 -20.97 -35.06
C PHE A 348 -8.45 -19.51 -34.80
N TYR A 349 -7.55 -18.77 -34.15
CA TYR A 349 -7.84 -17.36 -33.99
C TYR A 349 -6.57 -16.58 -33.69
N THR A 350 -6.59 -15.28 -34.04
CA THR A 350 -5.48 -14.37 -33.78
C THR A 350 -5.75 -13.44 -32.59
N TYR A 351 -4.67 -13.08 -31.89
CA TYR A 351 -4.80 -12.19 -30.74
C TYR A 351 -3.49 -11.48 -30.47
N ILE A 352 -3.52 -10.59 -29.49
CA ILE A 352 -2.33 -9.93 -28.99
C ILE A 352 -2.21 -10.14 -27.50
N GLY A 353 -1.02 -10.53 -27.06
CA GLY A 353 -0.72 -10.76 -25.67
C GLY A 353 0.12 -9.64 -25.13
N ILE A 354 -0.09 -9.34 -23.86
CA ILE A 354 0.63 -8.28 -23.15
C ILE A 354 1.08 -8.83 -21.81
N THR A 355 2.39 -8.73 -21.54
CA THR A 355 3.00 -9.15 -20.30
C THR A 355 3.73 -7.98 -19.62
N PRO A 356 3.52 -7.76 -18.31
CA PRO A 356 4.11 -6.58 -17.66
C PRO A 356 5.59 -6.78 -17.42
N SER A 357 6.37 -5.72 -17.71
CA SER A 357 7.81 -5.74 -17.49
C SER A 357 8.30 -4.39 -16.96
N ASN A 358 8.65 -4.31 -15.68
CA ASN A 358 9.34 -3.14 -15.13
C ASN A 358 8.61 -1.84 -15.43
N GLU A 359 7.34 -1.81 -15.04
CA GLU A 359 6.46 -0.66 -15.24
C GLU A 359 6.34 -0.28 -16.71
N GLY A 360 6.63 -1.25 -17.59
CA GLY A 360 6.38 -1.14 -19.01
C GLY A 360 5.69 -2.43 -19.41
N THR A 361 5.36 -2.54 -20.68
CA THR A 361 4.78 -3.78 -21.15
C THR A 361 5.49 -4.37 -22.36
N LYS A 362 5.62 -5.68 -22.36
CA LYS A 362 6.12 -6.42 -23.51
C LYS A 362 4.94 -7.03 -24.25
N SER A 363 4.98 -6.96 -25.57
CA SER A 363 3.81 -7.31 -26.37
C SER A 363 4.17 -8.25 -27.49
N PHE A 364 3.24 -9.16 -27.82
CA PHE A 364 3.40 -10.05 -28.97
C PHE A 364 2.08 -10.20 -29.71
N VAL A 365 2.17 -10.50 -31.01
CA VAL A 365 1.02 -10.85 -31.85
C VAL A 365 1.06 -12.34 -32.10
N ALA A 366 -0.11 -12.99 -32.12
CA ALA A 366 -0.11 -14.45 -32.11
C ALA A 366 -1.29 -15.01 -32.89
N VAL A 367 -1.11 -16.25 -33.34
CA VAL A 367 -2.19 -17.03 -33.91
C VAL A 367 -2.18 -18.42 -33.27
N LYS A 368 -3.31 -18.82 -32.67
CA LYS A 368 -3.47 -20.12 -32.03
C LYS A 368 -4.17 -21.05 -33.01
N ASP A 369 -3.62 -22.26 -33.16
CA ASP A 369 -4.06 -23.30 -34.07
C ASP A 369 -4.88 -24.35 -33.29
N ASP A 370 -5.66 -25.14 -34.03
CA ASP A 370 -6.58 -26.09 -33.39
C ASP A 370 -5.86 -27.09 -32.48
N ALA A 371 -4.61 -27.47 -32.81
CA ALA A 371 -3.86 -28.36 -31.93
C ALA A 371 -3.48 -27.69 -30.62
N GLY A 372 -3.36 -26.37 -30.60
CA GLY A 372 -2.95 -25.66 -29.41
C GLY A 372 -1.62 -24.95 -29.54
N HIS A 373 -0.96 -25.07 -30.67
CA HIS A 373 0.26 -24.32 -30.90
C HIS A 373 -0.03 -22.84 -31.11
N VAL A 374 0.82 -22.00 -30.55
CA VAL A 374 0.70 -20.56 -30.66
C VAL A 374 1.94 -20.06 -31.37
N ALA A 375 1.74 -19.35 -32.46
CA ALA A 375 2.83 -18.74 -33.18
C ALA A 375 2.84 -17.27 -32.79
N SER A 376 3.89 -16.82 -32.10
CA SER A 376 3.98 -15.46 -31.57
C SER A 376 5.20 -14.76 -32.13
N ILE A 377 5.03 -13.47 -32.42
CA ILE A 377 6.09 -12.58 -32.88
C ILE A 377 6.05 -11.36 -31.99
N THR A 378 7.19 -11.02 -31.36
CA THR A 378 7.25 -9.78 -30.59
C THR A 378 6.96 -8.59 -31.50
N ILE A 379 6.25 -7.61 -30.95
CA ILE A 379 5.86 -6.40 -31.65
C ILE A 379 6.04 -5.19 -30.75
N LEU A 380 6.10 -4.03 -31.39
CA LEU A 380 6.25 -2.73 -30.75
C LEU A 380 7.31 -2.76 -29.65
N PRO A 381 8.56 -3.08 -29.98
CA PRO A 381 9.59 -3.14 -28.93
C PRO A 381 10.00 -1.78 -28.44
N ASN A 382 10.08 -0.81 -29.36
CA ASN A 382 10.34 0.57 -29.02
C ASN A 382 9.25 1.21 -28.13
N TYR A 383 8.02 0.71 -28.13
CA TYR A 383 6.97 1.33 -27.31
C TYR A 383 7.22 1.09 -25.83
N TYR A 384 6.93 2.11 -25.02
CA TYR A 384 7.07 1.93 -23.59
C TYR A 384 6.08 0.88 -23.08
N SER A 385 4.78 1.12 -23.30
CA SER A 385 3.69 0.27 -22.82
C SER A 385 2.59 0.20 -23.87
N ILE A 386 1.93 -0.94 -23.92
CA ILE A 386 0.65 -1.15 -24.60
C ILE A 386 -0.27 -1.83 -23.60
N THR A 387 -1.48 -1.32 -23.42
CA THR A 387 -2.32 -1.92 -22.39
C THR A 387 -3.59 -2.61 -22.89
N SER A 388 -3.96 -2.47 -24.16
CA SER A 388 -5.21 -3.03 -24.65
C SER A 388 -5.11 -3.33 -26.14
N ALA A 389 -6.01 -4.17 -26.65
CA ALA A 389 -6.01 -4.52 -28.07
C ALA A 389 -7.39 -4.97 -28.53
N THR A 390 -7.85 -4.42 -29.66
CA THR A 390 -9.01 -4.93 -30.38
C THR A 390 -8.55 -5.25 -31.78
N ILE A 391 -8.95 -6.39 -32.30
CA ILE A 391 -8.45 -6.89 -33.58
C ILE A 391 -9.63 -7.15 -34.49
N SER A 392 -9.54 -6.69 -35.73
CA SER A 392 -10.56 -7.03 -36.73
C SER A 392 -9.85 -7.39 -38.01
N CYS A 393 -10.23 -8.52 -38.63
CA CYS A 393 -9.57 -8.99 -39.85
C CYS A 393 -10.52 -8.96 -41.03
N PHE A 394 -9.96 -9.15 -42.21
CA PHE A 394 -10.72 -8.96 -43.44
C PHE A 394 -9.89 -9.48 -44.60
N MET A 395 -10.53 -9.57 -45.76
CA MET A 395 -9.82 -9.89 -46.99
C MET A 395 -9.23 -8.61 -47.58
N TYR A 396 -7.94 -8.70 -47.94
CA TYR A 396 -7.20 -7.64 -48.61
C TYR A 396 -6.10 -8.27 -49.44
N LYS A 397 -6.05 -7.93 -50.73
CA LYS A 397 -5.05 -8.48 -51.64
C LYS A 397 -5.00 -10.01 -51.47
N GLU A 398 -6.18 -10.61 -51.64
CA GLU A 398 -6.41 -12.06 -51.65
C GLU A 398 -5.79 -12.75 -50.45
N GLU A 399 -5.61 -12.03 -49.35
CA GLU A 399 -5.12 -12.67 -48.13
C GLU A 399 -5.90 -12.14 -46.93
N ILE A 400 -5.83 -12.89 -45.84
CA ILE A 400 -6.35 -12.36 -44.58
C ILE A 400 -5.39 -11.37 -43.95
N TRP A 401 -5.91 -10.17 -43.69
CA TRP A 401 -5.18 -9.09 -43.02
C TRP A 401 -5.98 -8.65 -41.81
N CYS A 402 -5.29 -8.34 -40.73
CA CYS A 402 -5.90 -7.87 -39.50
C CYS A 402 -5.37 -6.49 -39.15
N ILE A 403 -6.23 -5.66 -38.60
CA ILE A 403 -5.81 -4.39 -38.01
C ILE A 403 -6.03 -4.48 -36.51
N ALA A 404 -5.04 -4.03 -35.76
CA ALA A 404 -5.06 -4.04 -34.30
C ALA A 404 -4.98 -2.61 -33.78
N VAL A 405 -5.91 -2.28 -32.89
CA VAL A 405 -6.03 -0.96 -32.30
C VAL A 405 -5.69 -1.10 -30.82
N THR A 406 -4.69 -0.36 -30.38
CA THR A 406 -4.05 -0.54 -29.08
C THR A 406 -3.89 0.77 -28.34
N GLU A 407 -4.35 0.80 -27.09
CA GLU A 407 -4.02 1.91 -26.21
C GLU A 407 -2.61 1.76 -25.70
N GLY A 408 -1.89 2.87 -25.55
CA GLY A 408 -0.57 2.77 -24.98
C GLY A 408 0.16 4.09 -25.02
N ARG A 409 1.40 4.04 -24.54
CA ARG A 409 2.25 5.21 -24.53
C ARG A 409 3.51 4.85 -25.33
N LYS A 410 3.80 5.65 -26.37
CA LYS A 410 5.01 5.44 -27.16
C LYS A 410 6.25 5.62 -26.28
N GLN A 411 6.29 6.69 -25.47
CA GLN A 411 7.35 6.90 -24.49
C GLN A 411 6.73 7.13 -23.12
N LYS A 412 7.53 6.88 -22.06
CA LYS A 412 6.97 6.75 -20.72
C LYS A 412 6.22 7.98 -20.25
N GLU A 413 6.70 9.18 -20.56
CA GLU A 413 6.09 10.40 -20.03
C GLU A 413 4.99 10.95 -20.90
N ASN A 414 4.71 10.32 -22.03
CA ASN A 414 3.62 10.76 -22.89
C ASN A 414 2.28 10.52 -22.23
N PRO A 415 1.25 11.28 -22.63
CA PRO A 415 -0.13 10.89 -22.33
C PRO A 415 -0.52 9.67 -23.15
N GLN A 416 -1.49 8.91 -22.65
CA GLN A 416 -1.91 7.73 -23.39
C GLN A 416 -2.53 8.11 -24.74
N ARG A 417 -2.23 7.32 -25.77
CA ARG A 417 -2.81 7.51 -27.10
C ARG A 417 -3.29 6.16 -27.63
N ILE A 418 -3.86 6.19 -28.83
CA ILE A 418 -4.38 5.00 -29.51
C ILE A 418 -3.62 4.83 -30.81
N TYR A 419 -3.18 3.60 -31.09
CA TYR A 419 -2.29 3.29 -32.20
C TYR A 419 -2.86 2.14 -33.02
N ALA A 420 -2.69 2.21 -34.33
CA ALA A 420 -3.27 1.25 -35.24
C ALA A 420 -2.19 0.61 -36.08
N HIS A 421 -2.22 -0.72 -36.18
CA HIS A 421 -1.26 -1.43 -37.02
C HIS A 421 -1.98 -2.50 -37.81
N SER A 422 -1.28 -3.06 -38.81
CA SER A 422 -1.80 -4.13 -39.67
C SER A 422 -0.80 -5.27 -39.76
N TYR A 423 -1.30 -6.47 -39.97
CA TYR A 423 -0.45 -7.63 -40.19
C TYR A 423 -1.25 -8.63 -40.98
N ARG A 424 -0.60 -9.63 -41.54
CA ARG A 424 -1.38 -10.59 -42.31
C ARG A 424 -1.33 -11.96 -41.65
N VAL A 425 -2.30 -12.79 -42.00
CA VAL A 425 -2.43 -14.15 -41.51
C VAL A 425 -2.08 -15.08 -42.65
N GLN A 426 -1.06 -15.91 -42.45
CA GLN A 426 -0.55 -16.80 -43.47
C GLN A 426 -0.91 -18.21 -43.08
N LYS A 427 -1.17 -19.05 -44.08
CA LYS A 427 -1.48 -20.46 -43.87
C LYS A 427 -0.30 -21.33 -44.28
N MET A 428 0.00 -22.36 -43.48
CA MET A 428 1.12 -23.27 -43.73
C MET A 428 0.71 -24.72 -43.52
N CYS A 429 1.39 -25.64 -44.23
CA CYS A 429 1.18 -27.06 -44.02
C CYS A 429 2.55 -27.56 -43.58
N PHE A 430 2.79 -27.46 -42.27
CA PHE A 430 4.03 -27.96 -41.71
C PHE A 430 4.01 -29.47 -41.70
N ASN A 431 5.18 -30.11 -41.73
CA ASN A 431 5.27 -31.57 -41.67
C ASN A 431 6.30 -31.96 -40.66
N ILE A 432 5.86 -32.45 -39.53
CA ILE A 432 6.79 -32.77 -38.49
C ILE A 432 6.61 -34.19 -38.04
N LYS A 433 7.70 -34.92 -37.86
CA LYS A 433 7.63 -36.32 -37.49
C LYS A 433 8.35 -36.56 -36.19
N PRO A 434 7.75 -37.36 -35.30
CA PRO A 434 8.39 -37.54 -33.99
C PRO A 434 9.80 -38.07 -34.11
N THR B 1 -37.09 8.90 26.41
CA THR B 1 -36.45 10.16 26.85
C THR B 1 -35.66 10.94 25.74
N ILE B 2 -34.91 10.21 24.91
CA ILE B 2 -34.18 10.79 23.78
C ILE B 2 -34.62 10.14 22.48
N LYS B 3 -34.49 10.89 21.38
CA LYS B 3 -34.83 10.48 20.03
C LYS B 3 -33.67 10.77 19.11
N PRO B 4 -33.51 10.01 18.02
CA PRO B 4 -32.52 10.39 16.99
C PRO B 4 -32.75 11.80 16.46
N VAL B 5 -31.64 12.50 16.20
CA VAL B 5 -31.67 13.96 16.01
C VAL B 5 -32.57 14.35 14.84
N GLU B 6 -33.38 15.38 15.06
CA GLU B 6 -34.29 15.89 14.03
C GLU B 6 -33.76 17.26 13.55
N TYR B 7 -32.99 17.25 12.45
CA TYR B 7 -32.31 18.35 11.78
C TYR B 7 -33.45 19.35 11.55
N TYR B 8 -33.45 20.39 12.25
CA TYR B 8 -34.71 21.13 12.33
C TYR B 8 -34.51 22.37 11.44
N LYS B 9 -35.52 22.81 10.78
CA LYS B 9 -35.19 23.85 9.84
C LYS B 9 -35.93 25.16 10.16
N PRO B 10 -35.75 26.27 9.43
CA PRO B 10 -36.35 27.54 9.88
C PRO B 10 -37.87 27.39 9.82
N ASP B 11 -38.50 27.51 11.00
CA ASP B 11 -39.96 27.46 11.06
C ASP B 11 -40.65 28.73 10.57
N GLY B 12 -40.04 29.85 10.84
CA GLY B 12 -40.39 31.19 10.38
C GLY B 12 -39.27 31.63 9.47
N CYS B 13 -38.55 32.71 9.81
CA CYS B 13 -37.56 33.39 8.94
C CYS B 13 -38.19 33.67 7.58
N ASN B 14 -37.57 33.24 6.47
CA ASN B 14 -38.06 33.45 5.11
C ASN B 14 -38.38 34.92 4.85
N LYS B 15 -37.50 35.79 5.32
CA LYS B 15 -37.70 37.22 5.12
C LYS B 15 -36.36 37.82 4.71
N THR B 16 -36.41 38.98 4.03
CA THR B 16 -35.17 39.63 3.62
C THR B 16 -34.35 40.06 4.84
N ASN B 17 -33.03 39.85 4.73
CA ASN B 17 -32.05 40.18 5.77
C ASN B 17 -32.25 39.36 7.03
N ASP B 18 -32.97 38.23 6.95
CA ASP B 18 -33.09 37.26 8.03
C ASP B 18 -32.30 36.03 7.66
N HIS B 19 -31.41 35.60 8.55
CA HIS B 19 -30.63 34.41 8.28
C HIS B 19 -30.81 33.43 9.43
N PHE B 20 -31.06 32.16 9.07
CA PHE B 20 -31.20 31.06 10.02
C PHE B 20 -29.83 30.53 10.43
N THR B 21 -29.44 30.74 11.68
CA THR B 21 -28.21 30.18 12.20
C THR B 21 -28.52 29.28 13.39
N MET B 22 -27.52 28.49 13.75
CA MET B 22 -27.48 27.61 14.90
C MET B 22 -26.24 27.96 15.72
N GLN B 23 -26.30 27.73 17.03
CA GLN B 23 -25.11 28.05 17.81
C GLN B 23 -25.11 27.20 19.09
N PRO B 24 -23.96 27.06 19.75
CA PRO B 24 -23.90 26.27 20.98
C PRO B 24 -24.54 26.98 22.16
N GLY B 25 -25.04 26.18 23.09
CA GLY B 25 -25.52 26.72 24.35
C GLY B 25 -24.40 27.34 25.17
N VAL B 26 -24.80 28.26 26.04
CA VAL B 26 -23.84 29.06 26.78
C VAL B 26 -23.07 28.23 27.81
N ASN B 27 -23.64 27.12 28.29
CA ASN B 27 -23.08 26.32 29.38
C ASN B 27 -22.53 24.98 28.88
N PHE B 28 -21.64 24.36 29.68
CA PHE B 28 -21.00 23.08 29.31
C PHE B 28 -21.16 22.08 30.47
N TYR B 29 -22.27 21.32 30.44
CA TYR B 29 -22.65 20.46 31.56
C TYR B 29 -21.82 19.17 31.58
N THR B 30 -21.49 18.70 32.78
CA THR B 30 -20.81 17.42 32.89
C THR B 30 -21.80 16.27 32.70
N VAL B 31 -21.27 15.17 32.17
CA VAL B 31 -22.01 13.90 32.04
C VAL B 31 -21.18 12.86 32.78
N PRO B 32 -21.35 12.76 34.10
CA PRO B 32 -20.48 11.91 34.91
C PRO B 32 -20.77 10.44 34.72
N ASN B 33 -19.74 9.62 34.95
CA ASN B 33 -19.89 8.16 35.03
C ASN B 33 -20.62 7.59 33.82
N LEU B 34 -20.27 8.11 32.63
CA LEU B 34 -20.63 7.44 31.39
C LEU B 34 -19.94 6.09 31.27
N GLY B 35 -18.73 6.00 31.76
CA GLY B 35 -18.09 4.73 32.00
C GLY B 35 -17.22 4.84 33.22
N PRO B 36 -16.81 3.71 33.76
CA PRO B 36 -15.98 3.72 34.97
C PRO B 36 -14.54 4.13 34.69
N SER B 37 -13.89 4.64 35.73
CA SER B 37 -12.52 5.08 35.61
C SER B 37 -11.78 4.75 36.88
N SER B 38 -10.58 4.21 36.71
CA SER B 38 -9.65 3.94 37.79
C SER B 38 -8.89 5.22 38.15
N SER B 39 -8.39 5.27 39.38
CA SER B 39 -7.50 6.34 39.82
C SER B 39 -6.03 5.97 39.70
N SER B 40 -5.74 4.73 39.28
CA SER B 40 -4.37 4.26 39.24
C SER B 40 -3.56 5.16 38.34
N ALA B 41 -2.56 5.82 38.91
CA ALA B 41 -1.79 6.79 38.15
C ALA B 41 -0.87 6.13 37.15
N ASP B 42 -0.77 4.81 37.17
CA ASP B 42 0.03 4.11 36.18
C ASP B 42 -0.79 3.65 34.96
N GLU B 43 -2.07 4.02 34.87
CA GLU B 43 -2.96 3.56 33.81
C GLU B 43 -3.44 4.75 32.97
N CYS B 44 -3.37 4.60 31.65
CA CYS B 44 -3.87 5.59 30.70
C CYS B 44 -5.16 5.08 30.11
N TYR B 45 -6.21 5.90 30.15
CA TYR B 45 -7.45 5.63 29.45
C TYR B 45 -7.42 6.36 28.11
N THR B 46 -7.58 5.63 27.01
CA THR B 46 -7.35 6.21 25.69
C THR B 46 -8.29 5.55 24.68
N ASN B 47 -8.28 6.11 23.47
CA ASN B 47 -9.01 5.59 22.33
C ASN B 47 -10.45 5.20 22.63
N PRO B 48 -11.27 6.14 23.08
CA PRO B 48 -12.69 5.84 23.30
C PRO B 48 -13.43 5.69 22.00
N SER B 49 -14.55 4.98 22.05
CA SER B 49 -15.51 4.95 20.96
C SER B 49 -16.89 5.19 21.56
N PHE B 50 -17.64 6.13 20.99
CA PHE B 50 -18.89 6.55 21.58
C PHE B 50 -19.94 6.67 20.49
N SER B 51 -21.05 5.93 20.66
CA SER B 51 -22.14 6.00 19.70
C SER B 51 -23.45 6.01 20.48
N ILE B 52 -24.44 6.76 20.00
CA ILE B 52 -25.76 6.85 20.64
C ILE B 52 -26.84 6.42 19.65
N GLY B 53 -27.71 5.51 20.09
CA GLY B 53 -28.72 4.96 19.21
C GLY B 53 -30.09 5.55 19.36
N SER B 54 -31.10 4.68 19.38
CA SER B 54 -32.49 5.10 19.56
C SER B 54 -32.66 5.72 20.94
N SER B 55 -32.29 4.95 21.96
CA SER B 55 -32.22 5.41 23.33
C SER B 55 -30.97 4.93 24.07
N ILE B 56 -30.33 3.82 23.67
CA ILE B 56 -29.14 3.37 24.39
C ILE B 56 -27.92 4.05 23.80
N TYR B 57 -26.80 3.99 24.51
CA TYR B 57 -25.50 4.38 24.02
C TYR B 57 -24.50 3.25 24.24
N MET B 58 -23.47 3.25 23.42
CA MET B 58 -22.34 2.34 23.54
C MET B 58 -21.08 3.14 23.75
N PHE B 59 -20.25 2.69 24.69
CA PHE B 59 -19.01 3.39 24.99
C PHE B 59 -17.92 2.35 25.18
N SER B 60 -16.72 2.59 24.66
CA SER B 60 -15.62 1.66 24.88
C SER B 60 -14.36 2.45 25.12
N GLN B 61 -13.44 1.87 25.90
CA GLN B 61 -12.18 2.53 26.21
C GLN B 61 -11.04 1.54 26.36
N GLU B 62 -9.86 1.90 25.87
CA GLU B 62 -8.68 1.11 26.12
C GLU B 62 -8.02 1.63 27.39
N ILE B 63 -7.66 0.71 28.29
CA ILE B 63 -6.88 0.99 29.49
C ILE B 63 -5.51 0.39 29.23
N ARG B 64 -4.50 1.25 29.10
CA ARG B 64 -3.15 0.87 28.74
C ARG B 64 -2.16 1.18 29.86
N LYS B 65 -1.05 0.44 29.88
CA LYS B 65 -0.05 0.58 30.92
C LYS B 65 0.94 1.66 30.52
N THR B 66 1.01 2.73 31.30
CA THR B 66 1.99 3.82 31.16
C THR B 66 1.75 4.74 29.97
N ASP B 67 2.01 4.23 28.75
CA ASP B 67 1.99 5.05 27.53
C ASP B 67 0.63 4.99 26.84
N CYS B 68 0.08 6.18 26.55
CA CYS B 68 -1.24 6.27 25.92
C CYS B 68 -1.25 5.76 24.50
N THR B 69 -0.11 5.77 23.86
CA THR B 69 0.00 5.42 22.46
C THR B 69 0.38 3.95 22.27
N THR B 70 1.49 3.51 22.88
CA THR B 70 2.09 2.20 22.62
C THR B 70 2.16 1.30 23.84
N GLY B 71 1.59 1.71 24.97
CA GLY B 71 1.61 0.88 26.15
C GLY B 71 0.74 -0.35 26.01
N GLU B 72 1.08 -1.40 26.76
CA GLU B 72 0.34 -2.66 26.70
C GLU B 72 -1.12 -2.51 27.10
N ILE B 73 -2.00 -3.07 26.29
CA ILE B 73 -3.42 -2.99 26.59
C ILE B 73 -3.74 -3.90 27.78
N LEU B 74 -3.97 -3.29 28.94
CA LEU B 74 -4.40 -4.07 30.09
C LEU B 74 -5.86 -4.47 29.96
N SER B 75 -6.69 -3.58 29.43
CA SER B 75 -8.10 -3.93 29.36
C SER B 75 -8.77 -3.15 28.23
N ILE B 76 -9.83 -3.70 27.68
CA ILE B 76 -10.75 -2.96 26.82
C ILE B 76 -12.12 -3.08 27.43
N GLN B 77 -12.67 -1.96 27.84
CA GLN B 77 -13.89 -1.96 28.61
C GLN B 77 -15.03 -1.38 27.80
N ILE B 78 -16.17 -2.05 27.86
CA ILE B 78 -17.37 -1.68 27.12
C ILE B 78 -18.45 -1.37 28.13
N VAL B 79 -19.22 -0.32 27.85
CA VAL B 79 -20.37 0.07 28.65
C VAL B 79 -21.55 0.21 27.72
N LEU B 80 -22.61 -0.51 28.00
CA LEU B 80 -23.88 -0.22 27.37
C LEU B 80 -24.75 0.53 28.35
N GLY B 81 -25.28 1.67 27.92
CA GLY B 81 -26.12 2.44 28.82
C GLY B 81 -27.30 3.12 28.18
N ARG B 82 -27.98 3.98 28.91
CA ARG B 82 -29.08 4.74 28.35
C ARG B 82 -28.88 6.19 28.66
N ILE B 83 -29.18 7.05 27.69
CA ILE B 83 -29.20 8.48 27.92
C ILE B 83 -30.56 8.82 28.51
N VAL B 84 -30.53 9.42 29.71
CA VAL B 84 -31.71 9.67 30.54
C VAL B 84 -31.61 11.07 31.13
N ASP B 85 -32.74 11.53 31.69
CA ASP B 85 -32.82 12.77 32.46
C ASP B 85 -32.83 12.45 33.96
N LYS B 86 -31.77 12.81 34.67
CA LYS B 86 -31.72 12.68 36.11
C LYS B 86 -31.94 14.02 36.82
N GLY B 87 -32.68 14.93 36.19
CA GLY B 87 -33.01 16.20 36.79
C GLY B 87 -31.89 17.21 36.85
N GLN B 88 -30.81 17.00 36.12
CA GLN B 88 -29.74 17.97 36.10
C GLN B 88 -30.05 19.01 35.04
N GLN B 89 -29.27 20.09 35.04
CA GLN B 89 -29.25 21.02 33.91
C GLN B 89 -29.31 20.30 32.56
N GLY B 90 -28.50 19.25 32.38
CA GLY B 90 -28.44 18.53 31.12
C GLY B 90 -28.60 17.02 31.24
N PRO B 91 -28.63 16.34 30.10
CA PRO B 91 -28.82 14.88 30.09
C PRO B 91 -27.65 14.18 30.73
N GLN B 92 -27.94 12.97 31.21
CA GLN B 92 -27.03 12.17 32.01
C GLN B 92 -27.02 10.74 31.48
N ALA B 93 -26.04 9.97 31.97
CA ALA B 93 -25.79 8.62 31.47
C ALA B 93 -26.08 7.57 32.54
N SER B 94 -26.85 6.54 32.18
CA SER B 94 -27.15 5.41 33.08
C SER B 94 -26.56 4.10 32.59
N PRO B 95 -25.39 3.68 33.10
CA PRO B 95 -24.82 2.39 32.69
C PRO B 95 -25.80 1.24 32.95
N LEU B 96 -25.93 0.36 31.96
CA LEU B 96 -26.72 -0.85 32.09
C LEU B 96 -25.86 -2.10 32.16
N LEU B 97 -24.79 -2.16 31.38
CA LEU B 97 -23.84 -3.26 31.43
C LEU B 97 -22.43 -2.71 31.41
N VAL B 98 -21.54 -3.35 32.14
CA VAL B 98 -20.12 -3.10 32.00
C VAL B 98 -19.43 -4.44 31.77
N TRP B 99 -18.57 -4.50 30.75
CA TRP B 99 -18.05 -5.79 30.28
C TRP B 99 -16.64 -5.57 29.76
N SER B 100 -15.82 -6.62 29.81
CA SER B 100 -14.44 -6.50 29.34
C SER B 100 -14.25 -7.37 28.12
N VAL B 101 -13.46 -6.86 27.18
CA VAL B 101 -13.11 -7.62 25.99
C VAL B 101 -12.08 -8.70 26.35
N PRO B 102 -12.39 -9.96 26.07
CA PRO B 102 -11.48 -11.06 26.40
C PRO B 102 -10.18 -11.01 25.61
N ASN B 103 -9.11 -11.38 26.27
CA ASN B 103 -7.77 -11.41 25.69
C ASN B 103 -7.41 -10.09 25.02
N PRO B 104 -7.48 -8.98 25.74
CA PRO B 104 -7.21 -7.70 25.08
C PRO B 104 -5.79 -7.62 24.51
N LYS B 105 -4.86 -8.46 24.93
CA LYS B 105 -3.52 -8.38 24.37
C LYS B 105 -3.50 -8.73 22.87
N ILE B 106 -4.57 -9.36 22.35
CA ILE B 106 -4.69 -9.75 20.94
C ILE B 106 -5.40 -8.71 20.07
N ILE B 107 -6.05 -7.70 20.67
CA ILE B 107 -6.83 -6.72 19.93
C ILE B 107 -5.90 -5.72 19.25
N ASN B 108 -6.17 -5.43 17.98
CA ASN B 108 -5.65 -4.25 17.28
C ASN B 108 -6.41 -2.99 17.69
N SER B 109 -7.72 -2.98 17.49
CA SER B 109 -8.54 -1.92 18.05
C SER B 109 -10.00 -2.32 17.90
N CYS B 110 -10.84 -1.65 18.69
CA CYS B 110 -12.27 -1.87 18.64
C CYS B 110 -13.00 -0.55 18.44
N ALA B 111 -14.26 -0.68 18.01
CA ALA B 111 -15.18 0.45 17.96
C ALA B 111 -16.61 -0.03 18.17
N VAL B 112 -17.50 0.93 18.43
CA VAL B 112 -18.84 0.63 18.90
C VAL B 112 -19.87 1.12 17.90
N ALA B 113 -21.06 0.57 18.02
CA ALA B 113 -22.19 1.01 17.21
C ALA B 113 -23.45 0.83 18.04
N ALA B 114 -24.23 1.90 18.16
CA ALA B 114 -25.45 1.86 18.94
C ALA B 114 -26.66 1.79 18.02
N GLY B 115 -27.55 0.84 18.29
CA GLY B 115 -28.76 0.68 17.50
C GLY B 115 -30.01 0.95 18.30
N ASP B 116 -31.00 0.08 18.16
CA ASP B 116 -32.26 0.17 18.89
C ASP B 116 -32.25 -0.93 19.95
N GLU B 117 -32.06 -0.53 21.21
CA GLU B 117 -31.95 -1.45 22.35
C GLU B 117 -30.89 -2.54 22.14
N THR B 118 -29.95 -2.34 21.21
CA THR B 118 -28.89 -3.30 20.96
C THR B 118 -27.63 -2.56 20.53
N GLY B 119 -26.47 -3.05 20.96
CA GLY B 119 -25.22 -2.43 20.62
C GLY B 119 -24.21 -3.45 20.13
N TRP B 120 -23.17 -2.94 19.45
CA TRP B 120 -22.18 -3.79 18.79
C TRP B 120 -20.79 -3.28 19.06
N VAL B 121 -19.85 -4.20 19.23
CA VAL B 121 -18.41 -3.90 19.25
C VAL B 121 -17.72 -4.72 18.18
N LEU B 122 -17.03 -4.06 17.27
CA LEU B 122 -16.27 -4.75 16.25
C LEU B 122 -14.80 -4.55 16.56
N CYS B 123 -14.06 -5.65 16.61
CA CYS B 123 -12.65 -5.61 16.97
C CYS B 123 -11.85 -6.34 15.92
N SER B 124 -10.70 -5.77 15.55
CA SER B 124 -9.78 -6.51 14.71
C SER B 124 -8.72 -7.06 15.63
N VAL B 125 -8.22 -8.23 15.29
CA VAL B 125 -7.30 -8.96 16.13
C VAL B 125 -6.06 -9.35 15.34
N THR B 126 -4.92 -9.42 16.04
CA THR B 126 -3.69 -9.78 15.38
C THR B 126 -3.43 -11.28 15.53
N LEU B 127 -2.44 -11.78 14.78
CA LEU B 127 -2.11 -13.18 14.85
C LEU B 127 -1.46 -13.51 16.19
N THR B 128 -1.81 -14.67 16.72
CA THR B 128 -1.20 -15.14 17.95
C THR B 128 -0.17 -16.20 17.58
N ALA B 129 1.05 -16.02 18.05
CA ALA B 129 2.15 -16.94 17.78
C ALA B 129 1.93 -18.27 18.49
N ALA B 130 2.91 -19.17 18.35
CA ALA B 130 2.83 -20.44 19.09
C ALA B 130 2.87 -20.23 20.60
N SER B 131 3.53 -19.17 21.07
CA SER B 131 3.56 -18.84 22.51
C SER B 131 2.20 -18.39 23.06
N GLY B 132 1.24 -18.03 22.20
CA GLY B 132 0.01 -17.36 22.60
C GLY B 132 0.14 -15.85 22.67
N GLU B 133 1.38 -15.34 22.67
CA GLU B 133 1.62 -13.92 22.70
C GLU B 133 1.32 -13.32 21.33
N PRO B 134 0.79 -12.09 21.30
CA PRO B 134 0.44 -11.45 20.04
C PRO B 134 1.66 -11.09 19.19
N ILE B 135 1.47 -11.19 17.88
CA ILE B 135 2.43 -10.74 16.88
C ILE B 135 2.03 -9.32 16.48
N PRO B 136 2.86 -8.31 16.69
CA PRO B 136 2.41 -6.92 16.49
C PRO B 136 2.04 -6.62 15.05
N HIS B 137 1.07 -5.70 14.86
CA HIS B 137 0.76 -5.15 13.53
C HIS B 137 0.36 -6.21 12.51
N MET B 138 -0.20 -7.34 12.94
CA MET B 138 -0.61 -8.37 11.99
C MET B 138 -2.14 -8.50 12.09
N PHE B 139 -2.72 -9.41 11.29
CA PHE B 139 -4.16 -9.51 11.12
C PHE B 139 -4.58 -10.97 11.19
N ASP B 140 -5.64 -11.25 11.95
CA ASP B 140 -6.21 -12.57 12.12
C ASP B 140 -7.72 -12.52 12.27
N GLY B 141 -8.36 -11.69 11.48
CA GLY B 141 -9.81 -11.66 11.47
C GLY B 141 -10.41 -10.74 12.52
N PHE B 142 -11.68 -11.00 12.83
CA PHE B 142 -12.45 -10.07 13.65
C PHE B 142 -13.22 -10.79 14.74
N TRP B 143 -13.57 -10.04 15.78
CA TRP B 143 -14.55 -10.44 16.76
C TRP B 143 -15.69 -9.43 16.73
N LEU B 144 -16.91 -9.93 16.77
CA LEU B 144 -18.07 -9.07 16.88
C LEU B 144 -18.80 -9.45 18.16
N TYR B 145 -19.09 -8.46 19.00
CA TYR B 145 -19.82 -8.68 20.24
C TYR B 145 -21.13 -7.91 20.19
N LYS B 146 -22.23 -8.62 20.43
CA LYS B 146 -23.58 -8.04 20.46
C LYS B 146 -24.03 -7.91 21.90
N PHE B 147 -24.43 -6.70 22.26
CA PHE B 147 -24.83 -6.31 23.60
C PHE B 147 -26.31 -5.96 23.59
N GLU B 148 -26.99 -6.36 24.67
CA GLU B 148 -28.41 -6.14 24.80
C GLU B 148 -28.73 -6.25 26.28
N PRO B 149 -29.65 -5.46 26.81
CA PRO B 149 -29.96 -5.55 28.26
C PRO B 149 -30.47 -6.93 28.64
N ASP B 150 -29.98 -7.47 29.78
CA ASP B 150 -30.44 -8.76 30.30
C ASP B 150 -30.19 -9.91 29.33
N THR B 151 -29.15 -9.79 28.51
CA THR B 151 -28.79 -10.82 27.56
C THR B 151 -27.31 -11.04 27.70
N GLU B 152 -26.89 -12.30 27.67
CA GLU B 152 -25.47 -12.55 27.67
C GLU B 152 -24.85 -11.89 26.44
N VAL B 153 -23.62 -11.40 26.63
CA VAL B 153 -22.91 -10.85 25.49
C VAL B 153 -22.78 -11.98 24.48
N VAL B 154 -23.14 -11.72 23.22
CA VAL B 154 -23.05 -12.76 22.19
C VAL B 154 -21.80 -12.51 21.36
N ALA B 155 -20.95 -13.53 21.21
CA ALA B 155 -19.68 -13.38 20.51
C ALA B 155 -19.74 -14.09 19.16
N TYR B 156 -19.09 -13.50 18.16
CA TYR B 156 -18.99 -14.05 16.81
C TYR B 156 -17.55 -13.92 16.35
N ARG B 157 -16.92 -15.03 16.02
CA ARG B 157 -15.60 -15.00 15.42
C ARG B 157 -15.79 -14.93 13.90
N ILE B 158 -15.01 -14.07 13.25
CA ILE B 158 -15.12 -13.86 11.80
C ILE B 158 -13.72 -14.04 11.20
N THR B 159 -13.38 -15.27 10.74
CA THR B 159 -12.09 -15.57 10.12
C THR B 159 -12.31 -16.32 8.80
N GLY B 160 -11.22 -16.51 8.06
CA GLY B 160 -11.20 -17.19 6.79
C GLY B 160 -12.19 -16.64 5.80
N PHE B 161 -13.11 -17.48 5.34
CA PHE B 161 -14.06 -17.06 4.32
C PHE B 161 -15.20 -16.22 4.87
N ALA B 162 -15.21 -15.94 6.19
CA ALA B 162 -16.25 -15.07 6.74
C ALA B 162 -15.90 -13.60 6.56
N TYR B 163 -14.65 -13.29 6.25
CA TYR B 163 -14.27 -11.93 5.88
C TYR B 163 -13.63 -11.99 4.50
N LEU B 164 -14.11 -11.12 3.60
CA LEU B 164 -13.57 -11.01 2.25
C LEU B 164 -13.30 -9.53 2.01
N LEU B 165 -12.02 -9.16 1.82
CA LEU B 165 -11.66 -7.76 1.69
C LEU B 165 -11.14 -7.46 0.29
N ASP B 166 -11.53 -6.30 -0.22
CA ASP B 166 -11.24 -5.95 -1.62
C ASP B 166 -9.74 -5.79 -1.89
N LYS B 167 -8.94 -5.46 -0.89
CA LYS B 167 -7.50 -5.52 -1.00
C LYS B 167 -6.99 -6.52 0.04
N VAL B 168 -5.76 -7.01 -0.12
CA VAL B 168 -5.18 -7.92 0.86
C VAL B 168 -4.49 -7.11 1.95
N TYR B 169 -4.98 -7.24 3.20
CA TYR B 169 -4.53 -6.40 4.31
C TYR B 169 -3.58 -7.17 5.23
N ASP B 170 -2.42 -6.56 5.50
CA ASP B 170 -1.47 -7.09 6.46
C ASP B 170 -1.74 -6.63 7.88
N SER B 171 -2.35 -5.44 8.06
CA SER B 171 -2.73 -4.92 9.37
C SER B 171 -4.07 -4.22 9.26
N VAL B 172 -4.90 -4.35 10.29
CA VAL B 172 -6.24 -3.80 10.23
C VAL B 172 -6.63 -3.22 11.57
N PHE B 173 -7.09 -1.98 11.56
CA PHE B 173 -7.59 -1.33 12.76
C PHE B 173 -9.00 -0.79 12.48
N ILE B 174 -9.96 -1.09 13.36
CA ILE B 174 -11.28 -0.48 13.24
C ILE B 174 -11.20 0.98 13.69
N GLY B 175 -11.81 1.86 12.92
CA GLY B 175 -11.81 3.27 13.23
C GLY B 175 -12.52 3.56 14.53
N LYS B 176 -11.79 4.20 15.44
CA LYS B 176 -12.32 4.41 16.79
C LYS B 176 -13.55 5.32 16.84
N GLY B 177 -13.87 6.05 15.77
CA GLY B 177 -15.05 6.89 15.80
C GLY B 177 -16.32 6.08 15.99
N GLY B 178 -16.34 4.86 15.49
CA GLY B 178 -17.49 3.99 15.64
C GLY B 178 -18.22 3.79 14.33
N GLY B 179 -19.32 3.03 14.44
CA GLY B 179 -20.15 2.77 13.29
C GLY B 179 -21.64 2.93 13.51
N ILE B 180 -22.41 2.47 12.53
CA ILE B 180 -23.87 2.55 12.56
C ILE B 180 -24.47 1.20 12.17
N GLN B 181 -25.73 1.02 12.54
CA GLN B 181 -26.53 -0.08 12.06
C GLN B 181 -27.57 0.46 11.12
N ARG B 182 -27.73 -0.20 9.98
CA ARG B 182 -28.80 0.10 9.04
C ARG B 182 -29.48 -1.21 8.68
N GLY B 183 -30.72 -1.39 9.15
CA GLY B 183 -31.42 -2.63 8.89
C GLY B 183 -30.64 -3.79 9.47
N ASN B 184 -30.38 -4.80 8.64
CA ASN B 184 -29.71 -6.01 9.08
C ASN B 184 -28.21 -5.92 8.88
N ASP B 185 -27.67 -4.70 8.71
CA ASP B 185 -26.26 -4.53 8.40
C ASP B 185 -25.60 -3.56 9.37
N LEU B 186 -24.28 -3.71 9.57
CA LEU B 186 -23.48 -2.71 10.24
C LEU B 186 -22.48 -2.09 9.27
N TYR B 187 -22.12 -0.82 9.52
CA TYR B 187 -21.11 -0.13 8.73
C TYR B 187 -20.11 0.57 9.65
N PHE B 188 -18.84 0.21 9.51
CA PHE B 188 -17.72 0.78 10.24
C PHE B 188 -16.69 1.29 9.25
N GLN B 189 -15.70 1.99 9.75
CA GLN B 189 -14.56 2.39 8.95
C GLN B 189 -13.36 1.63 9.48
N MET B 190 -12.43 1.27 8.60
CA MET B 190 -11.19 0.63 9.02
C MET B 190 -10.02 1.11 8.17
N PHE B 191 -8.82 0.91 8.68
CA PHE B 191 -7.64 1.40 7.96
C PHE B 191 -6.50 0.43 8.26
N GLY B 192 -5.51 0.43 7.39
CA GLY B 192 -4.41 -0.48 7.61
C GLY B 192 -3.52 -0.57 6.41
N LEU B 193 -2.62 -1.54 6.48
CA LEU B 193 -1.66 -1.77 5.42
C LEU B 193 -2.29 -2.71 4.39
N SER B 194 -2.49 -2.22 3.18
CA SER B 194 -3.00 -3.04 2.09
C SER B 194 -1.89 -3.17 1.05
N ARG B 195 -1.72 -4.36 0.49
CA ARG B 195 -0.64 -4.57 -0.46
C ARG B 195 -1.02 -3.90 -1.76
N ASN B 196 -0.03 -3.34 -2.46
CA ASN B 196 -0.31 -2.64 -3.70
C ASN B 196 0.85 -2.73 -4.67
N ARG B 197 0.54 -2.99 -5.94
CA ARG B 197 1.55 -3.24 -6.97
C ARG B 197 1.41 -2.26 -8.14
N GLN B 198 0.41 -1.39 -8.14
CA GLN B 198 0.12 -0.50 -9.25
C GLN B 198 0.57 0.91 -8.91
N SER B 199 1.04 1.65 -9.92
CA SER B 199 1.50 3.02 -9.69
C SER B 199 0.33 3.89 -9.25
N ILE B 200 0.63 4.96 -8.51
CA ILE B 200 -0.42 5.77 -7.91
C ILE B 200 -0.10 7.25 -8.08
N LYS B 201 -1.14 8.07 -7.91
CA LYS B 201 -1.03 9.52 -7.81
C LYS B 201 -1.87 9.94 -6.61
N ALA B 202 -1.24 10.08 -5.45
CA ALA B 202 -2.01 10.30 -4.26
C ALA B 202 -2.70 11.65 -4.28
N LEU B 203 -3.85 11.69 -3.60
CA LEU B 203 -4.59 12.93 -3.41
C LEU B 203 -3.67 13.98 -2.82
N CYS B 204 -3.59 15.12 -3.47
CA CYS B 204 -2.54 16.03 -3.08
C CYS B 204 -2.99 17.49 -3.21
N GLU B 205 -4.13 17.82 -2.59
CA GLU B 205 -4.69 19.17 -2.58
C GLU B 205 -4.09 20.02 -1.48
N HIS B 206 -3.60 21.21 -1.85
CA HIS B 206 -2.99 22.11 -0.91
C HIS B 206 -3.13 23.54 -1.42
N GLY B 207 -2.56 24.46 -0.67
CA GLY B 207 -2.56 25.87 -1.01
C GLY B 207 -1.35 26.29 -1.82
N SER B 208 -0.91 27.54 -1.63
CA SER B 208 0.22 28.08 -2.35
C SER B 208 1.50 27.61 -1.69
N CYS B 209 2.31 26.86 -2.42
CA CYS B 209 3.53 26.31 -1.85
C CYS B 209 4.62 26.41 -2.91
N LEU B 210 5.80 26.82 -2.51
CA LEU B 210 6.85 27.01 -3.50
C LEU B 210 8.08 26.18 -3.14
N GLY B 211 8.05 24.89 -3.48
CA GLY B 211 9.22 24.06 -3.29
C GLY B 211 10.22 24.38 -4.39
N THR B 212 11.51 24.34 -4.05
CA THR B 212 12.53 24.77 -5.01
C THR B 212 12.45 23.95 -6.29
N GLY B 213 12.39 22.62 -6.16
CA GLY B 213 12.16 21.79 -7.33
C GLY B 213 10.77 21.97 -7.87
N GLY B 214 9.79 22.17 -6.98
CA GLY B 214 8.40 22.33 -7.33
C GLY B 214 7.67 21.04 -7.64
N GLY B 215 8.36 20.03 -8.16
CA GLY B 215 7.71 18.77 -8.43
C GLY B 215 7.62 17.90 -7.21
N GLY B 216 8.17 18.38 -6.10
CA GLY B 216 8.25 17.56 -4.91
C GLY B 216 6.92 17.24 -4.29
N TYR B 217 5.93 18.13 -4.44
CA TYR B 217 4.70 17.91 -3.70
C TYR B 217 3.96 16.66 -4.11
N GLN B 218 3.93 16.33 -5.40
CA GLN B 218 3.26 15.09 -5.75
C GLN B 218 4.04 13.87 -5.25
N VAL B 219 5.37 13.94 -5.23
CA VAL B 219 6.15 12.80 -4.76
C VAL B 219 6.00 12.63 -3.25
N LEU B 220 6.05 13.74 -2.52
CA LEU B 220 5.73 13.72 -1.09
C LEU B 220 4.38 13.08 -0.85
N CYS B 221 3.35 13.57 -1.57
CA CYS B 221 2.00 13.08 -1.34
C CYS B 221 1.97 11.58 -1.60
N ASP B 222 2.74 11.12 -2.59
CA ASP B 222 2.85 9.69 -2.90
C ASP B 222 3.50 8.92 -1.74
N ARG B 223 4.55 9.46 -1.13
CA ARG B 223 5.17 8.71 -0.04
C ARG B 223 4.24 8.63 1.15
N ALA B 224 3.56 9.73 1.46
CA ALA B 224 2.80 9.82 2.68
C ALA B 224 1.84 8.65 2.84
N VAL B 225 1.29 8.16 1.72
CA VAL B 225 0.31 7.07 1.77
C VAL B 225 0.97 5.70 1.67
N MET B 226 2.27 5.65 1.32
CA MET B 226 3.01 4.42 1.14
C MET B 226 3.61 4.03 2.48
N SER B 227 4.21 2.87 2.53
CA SER B 227 4.71 2.35 3.78
C SER B 227 6.20 2.05 3.69
N PHE B 228 6.91 2.36 4.77
CA PHE B 228 8.29 1.95 4.86
C PHE B 228 8.26 0.52 5.36
N GLY B 229 8.89 -0.39 4.62
CA GLY B 229 8.84 -1.78 5.03
C GLY B 229 9.34 -2.69 3.93
N SER B 230 9.25 -4.00 4.21
CA SER B 230 9.68 -4.99 3.22
C SER B 230 8.82 -4.94 1.99
N GLU B 231 7.51 -4.93 2.21
CA GLU B 231 6.58 -5.04 1.07
C GLU B 231 5.95 -3.69 0.72
N GLU B 232 5.77 -3.43 -0.58
CA GLU B 232 5.11 -2.23 -1.01
C GLU B 232 3.67 -2.37 -0.58
N SER B 233 3.25 -1.45 0.26
CA SER B 233 1.90 -1.45 0.77
C SER B 233 1.49 -0.01 0.97
N LEU B 234 0.19 0.19 1.05
CA LEU B 234 -0.43 1.50 1.25
C LEU B 234 -1.13 1.51 2.60
N ILE B 235 -1.02 2.63 3.28
CA ILE B 235 -1.78 2.85 4.50
C ILE B 235 -3.12 3.40 4.04
N SER B 236 -4.16 2.59 4.04
CA SER B 236 -5.35 2.96 3.30
C SER B 236 -6.61 2.84 4.17
N ASN B 237 -7.62 3.65 3.85
CA ASN B 237 -8.90 3.66 4.53
C ASN B 237 -9.90 2.83 3.71
N ALA B 238 -10.91 2.28 4.38
CA ALA B 238 -11.91 1.46 3.69
C ALA B 238 -13.16 1.33 4.54
N TYR B 239 -14.28 1.12 3.85
CA TYR B 239 -15.58 0.80 4.45
C TYR B 239 -15.65 -0.67 4.85
N LEU B 240 -16.16 -0.95 6.06
CA LEU B 240 -16.56 -2.31 6.45
C LEU B 240 -18.07 -2.40 6.55
N LYS B 241 -18.62 -3.42 5.91
CA LYS B 241 -20.02 -3.81 6.07
C LYS B 241 -20.00 -5.13 6.79
N VAL B 242 -20.89 -5.27 7.77
CA VAL B 242 -21.17 -6.51 8.47
C VAL B 242 -22.59 -6.94 8.07
N ASN B 243 -22.68 -7.97 7.22
CA ASN B 243 -23.92 -8.53 6.70
C ASN B 243 -24.46 -9.63 7.57
N ASP B 244 -25.78 -9.85 7.41
CA ASP B 244 -26.50 -10.97 7.99
C ASP B 244 -26.28 -10.98 9.50
N VAL B 245 -26.57 -9.83 10.11
CA VAL B 245 -26.23 -9.70 11.51
C VAL B 245 -27.19 -10.57 12.35
N ALA B 246 -28.44 -10.71 11.88
CA ALA B 246 -29.41 -11.52 12.58
C ALA B 246 -29.15 -13.02 12.41
N SER B 247 -28.48 -13.43 11.33
CA SER B 247 -28.28 -14.85 11.10
C SER B 247 -27.49 -15.53 12.21
N GLY B 248 -26.59 -14.82 12.84
CA GLY B 248 -25.66 -15.49 13.71
C GLY B 248 -24.43 -15.93 12.99
N LYS B 249 -24.33 -15.66 11.69
CA LYS B 249 -23.15 -15.95 10.88
C LYS B 249 -22.81 -14.66 10.15
N PRO B 250 -22.21 -13.72 10.85
CA PRO B 250 -21.96 -12.40 10.23
C PRO B 250 -20.81 -12.50 9.25
N THR B 251 -20.93 -11.75 8.16
CA THR B 251 -19.84 -11.70 7.18
C THR B 251 -19.37 -10.27 6.98
N ILE B 252 -18.05 -10.09 6.91
CA ILE B 252 -17.46 -8.77 6.81
C ILE B 252 -16.87 -8.57 5.42
N ILE B 253 -17.24 -7.45 4.80
CA ILE B 253 -16.85 -7.09 3.46
C ILE B 253 -16.22 -5.71 3.52
N SER B 254 -15.30 -5.45 2.62
CA SER B 254 -14.50 -4.25 2.57
C SER B 254 -14.53 -3.59 1.19
N GLN B 255 -14.58 -2.24 1.14
CA GLN B 255 -14.02 -1.58 -0.05
C GLN B 255 -13.15 -0.38 0.30
N THR B 256 -12.01 -0.28 -0.38
CA THR B 256 -10.93 0.62 -0.04
C THR B 256 -10.92 1.87 -0.91
N PHE B 257 -10.71 3.01 -0.26
CA PHE B 257 -10.47 4.26 -0.97
C PHE B 257 -9.11 4.20 -1.65
N PRO B 258 -9.04 4.46 -2.96
CA PRO B 258 -7.75 4.52 -3.65
C PRO B 258 -6.93 5.71 -3.18
N PRO B 259 -5.63 5.67 -3.36
CA PRO B 259 -4.83 6.83 -2.98
C PRO B 259 -5.24 8.10 -3.68
N SER B 260 -5.73 7.97 -4.90
CA SER B 260 -6.16 9.13 -5.66
C SER B 260 -7.24 9.92 -4.95
N ASP B 261 -7.99 9.27 -4.06
CA ASP B 261 -9.17 9.84 -3.43
C ASP B 261 -9.03 9.89 -1.90
N SER B 262 -7.81 9.78 -1.37
CA SER B 262 -7.63 9.73 0.09
C SER B 262 -6.24 10.22 0.50
N TYR B 263 -6.12 10.60 1.78
CA TYR B 263 -4.82 10.84 2.39
C TYR B 263 -4.40 9.57 3.12
N LYS B 264 -3.36 9.64 3.95
CA LYS B 264 -2.96 8.45 4.67
C LYS B 264 -4.09 7.89 5.52
N GLY B 265 -4.14 6.56 5.61
CA GLY B 265 -5.19 5.92 6.39
C GLY B 265 -5.16 6.38 7.84
N SER B 266 -6.32 6.36 8.47
CA SER B 266 -6.44 7.04 9.75
C SER B 266 -7.69 6.59 10.48
N ASN B 267 -7.78 7.00 11.75
CA ASN B 267 -9.01 6.76 12.49
C ASN B 267 -10.21 7.50 11.88
N GLY B 268 -11.31 6.75 11.69
CA GLY B 268 -12.51 7.29 11.07
C GLY B 268 -13.77 6.95 11.83
N ARG B 269 -14.90 7.39 11.27
CA ARG B 269 -16.22 7.22 11.86
C ARG B 269 -17.28 7.22 10.75
N ILE B 270 -18.30 6.38 10.90
CA ILE B 270 -19.41 6.30 9.96
C ILE B 270 -20.65 6.92 10.59
N TYR B 271 -21.41 7.69 9.81
CA TYR B 271 -22.55 8.48 10.30
C TYR B 271 -23.81 8.13 9.54
N THR B 272 -24.94 8.15 10.24
CA THR B 272 -26.25 8.17 9.59
C THR B 272 -26.73 9.62 9.52
N ILE B 273 -27.00 10.14 8.33
CA ILE B 273 -27.39 11.53 8.16
C ILE B 273 -28.72 11.51 7.40
N GLY B 274 -29.81 11.36 8.14
CA GLY B 274 -31.14 11.22 7.54
C GLY B 274 -31.23 9.97 6.68
N GLU B 275 -31.51 10.18 5.40
CA GLU B 275 -31.60 9.09 4.45
C GLU B 275 -30.23 8.76 3.85
N ARG B 276 -29.21 9.52 4.16
CA ARG B 276 -27.91 9.30 3.55
C ARG B 276 -26.92 8.93 4.66
N TYR B 277 -25.62 8.91 4.35
CA TYR B 277 -24.63 8.47 5.32
C TYR B 277 -23.39 9.32 5.14
N GLY B 278 -22.50 9.30 6.14
CA GLY B 278 -21.33 10.15 6.12
C GLY B 278 -20.11 9.48 6.70
N ILE B 279 -18.94 10.04 6.41
CA ILE B 279 -17.69 9.48 6.92
C ILE B 279 -16.77 10.59 7.41
N TYR B 280 -16.17 10.42 8.58
CA TYR B 280 -15.10 11.31 9.05
C TYR B 280 -13.81 10.53 9.00
N LEU B 281 -12.74 11.19 8.56
CA LEU B 281 -11.40 10.61 8.58
C LEU B 281 -10.47 11.59 9.28
N ALA B 282 -9.99 11.19 10.45
CA ALA B 282 -9.08 12.04 11.17
C ALA B 282 -7.82 12.26 10.33
N PRO B 283 -7.17 13.39 10.44
CA PRO B 283 -5.84 13.54 9.83
C PRO B 283 -4.84 12.62 10.50
N SER B 284 -4.03 11.96 9.68
CA SER B 284 -2.89 11.18 10.13
C SER B 284 -1.55 11.61 9.52
N SER B 285 -1.57 12.59 8.63
CA SER B 285 -0.44 12.93 7.77
C SER B 285 -0.46 14.45 7.60
N TRP B 286 0.09 14.94 6.48
CA TRP B 286 0.32 16.38 6.32
C TRP B 286 -0.96 17.22 6.22
N ASN B 287 -2.06 16.67 5.69
CA ASN B 287 -3.29 17.45 5.50
C ASN B 287 -4.17 17.39 6.75
N ARG B 288 -4.25 18.52 7.44
CA ARG B 288 -4.88 18.61 8.74
C ARG B 288 -6.25 19.26 8.66
N TYR B 289 -6.77 19.46 7.46
CA TYR B 289 -8.13 19.96 7.33
C TYR B 289 -9.14 18.87 7.62
N LEU B 290 -10.36 19.33 7.90
CA LEU B 290 -11.48 18.43 8.05
C LEU B 290 -11.70 17.60 6.80
N ARG B 291 -11.72 16.29 6.98
CA ARG B 291 -11.95 15.39 5.87
C ARG B 291 -13.27 14.72 6.19
N PHE B 292 -14.32 15.12 5.51
CA PHE B 292 -15.63 14.56 5.81
C PHE B 292 -16.35 14.27 4.50
N GLY B 293 -16.94 13.10 4.40
CA GLY B 293 -17.60 12.68 3.19
C GLY B 293 -19.07 12.41 3.38
N LEU B 294 -19.84 12.63 2.31
CA LEU B 294 -21.25 12.34 2.21
C LEU B 294 -21.48 11.32 1.10
N THR B 295 -22.36 10.34 1.38
CA THR B 295 -22.66 9.26 0.45
C THR B 295 -24.10 8.74 0.55
N PRO B 296 -24.79 8.50 -0.58
CA PRO B 296 -26.17 8.01 -0.51
C PRO B 296 -26.29 6.51 -0.24
N ASP B 297 -25.30 5.72 -0.56
CA ASP B 297 -25.41 4.27 -0.37
C ASP B 297 -24.11 3.65 0.15
N ILE B 298 -23.24 4.44 0.77
CA ILE B 298 -22.01 3.99 1.39
C ILE B 298 -21.14 3.27 0.37
N SER B 299 -20.63 4.01 -0.62
CA SER B 299 -19.68 3.48 -1.59
C SER B 299 -18.59 4.51 -1.83
N VAL B 300 -17.42 4.05 -2.30
CA VAL B 300 -16.33 5.00 -2.52
C VAL B 300 -16.69 5.99 -3.63
N ARG B 301 -17.40 5.51 -4.66
CA ARG B 301 -17.76 6.32 -5.83
C ARG B 301 -18.80 7.38 -5.49
N SER B 302 -19.73 7.05 -4.62
CA SER B 302 -20.76 7.98 -4.23
C SER B 302 -20.35 8.87 -3.06
N THR B 303 -19.10 8.79 -2.60
CA THR B 303 -18.66 9.62 -1.49
C THR B 303 -18.19 10.95 -2.04
N THR B 304 -18.79 12.03 -1.54
CA THR B 304 -18.43 13.40 -1.90
C THR B 304 -17.87 14.07 -0.66
N TRP B 305 -16.76 14.81 -0.79
CA TRP B 305 -16.09 15.41 0.38
C TRP B 305 -16.47 16.86 0.62
N LEU B 306 -16.82 17.20 1.87
CA LEU B 306 -17.18 18.57 2.23
C LEU B 306 -16.02 19.53 2.02
N LYS B 307 -16.32 20.71 1.51
CA LYS B 307 -15.27 21.68 1.20
C LYS B 307 -14.83 22.52 2.38
N GLU B 308 -15.54 22.50 3.51
CA GLU B 308 -15.17 23.35 4.64
C GLU B 308 -13.94 22.78 5.35
N LYS B 309 -13.13 23.67 5.94
CA LYS B 309 -11.81 23.26 6.43
C LYS B 309 -11.75 22.98 7.93
N ASP B 310 -12.75 23.40 8.72
CA ASP B 310 -12.87 23.43 10.18
C ASP B 310 -13.51 22.15 10.71
N PRO B 311 -13.04 21.53 11.79
CA PRO B 311 -11.87 21.92 12.56
C PRO B 311 -10.58 21.54 11.85
N ILE B 312 -9.60 22.41 11.97
CA ILE B 312 -8.25 22.10 11.54
C ILE B 312 -7.58 21.43 12.71
N MET B 313 -6.90 20.30 12.45
CA MET B 313 -6.29 19.60 13.57
C MET B 313 -4.90 20.16 13.84
N LYS B 314 -4.71 20.71 15.04
CA LYS B 314 -3.51 21.44 15.35
C LYS B 314 -2.68 20.80 16.44
N VAL B 315 -3.18 19.76 17.09
CA VAL B 315 -2.49 19.13 18.21
C VAL B 315 -2.01 17.75 17.77
N LEU B 316 -1.10 17.17 18.55
CA LEU B 316 -0.60 15.81 18.33
C LEU B 316 -0.05 15.61 16.90
N THR B 317 0.79 16.55 16.48
CA THR B 317 1.34 16.53 15.14
C THR B 317 2.80 16.95 15.13
N THR B 318 3.59 16.27 14.32
CA THR B 318 4.95 16.72 14.05
C THR B 318 5.00 17.61 12.83
N CYS B 319 3.87 17.97 12.25
CA CYS B 319 3.88 18.80 11.06
C CYS B 319 4.24 20.24 11.41
N THR B 320 4.83 20.92 10.44
CA THR B 320 5.27 22.29 10.61
C THR B 320 4.69 23.24 9.58
N ASN B 321 3.86 22.75 8.66
CA ASN B 321 3.24 23.58 7.64
C ASN B 321 2.17 24.49 8.26
N THR B 322 1.73 25.47 7.47
CA THR B 322 0.81 26.50 7.95
C THR B 322 -0.64 26.04 7.85
N ASP B 323 -1.48 26.57 8.74
CA ASP B 323 -2.90 26.32 8.58
C ASP B 323 -3.45 27.01 7.33
N LYS B 324 -2.70 27.97 6.80
CA LYS B 324 -3.19 28.70 5.64
C LYS B 324 -3.08 27.85 4.38
N ASP B 325 -1.95 27.20 4.19
CA ASP B 325 -1.63 26.58 2.91
C ASP B 325 -1.43 25.06 2.99
N MET B 326 -1.07 24.53 4.15
CA MET B 326 -1.06 23.08 4.35
C MET B 326 -0.16 22.39 3.35
N CYS B 327 1.06 22.87 3.21
CA CYS B 327 1.98 22.31 2.23
C CYS B 327 2.34 20.88 2.62
N PRO B 328 2.33 19.94 1.70
CA PRO B 328 2.64 18.55 2.09
C PRO B 328 4.08 18.42 2.59
N GLU B 329 4.26 17.49 3.51
CA GLU B 329 5.57 17.12 4.08
C GLU B 329 5.39 15.78 4.78
N ILE B 330 6.51 15.12 5.08
CA ILE B 330 6.41 13.84 5.77
C ILE B 330 6.31 14.09 7.27
N CYS B 331 5.12 13.90 7.82
CA CYS B 331 4.91 14.11 9.25
C CYS B 331 3.73 13.26 9.70
N ASN B 332 3.54 13.17 11.01
CA ASN B 332 2.50 12.34 11.57
C ASN B 332 1.58 13.15 12.45
N THR B 333 0.30 12.89 12.30
CA THR B 333 -0.75 13.46 13.12
C THR B 333 -1.52 12.32 13.75
N ARG B 334 -1.84 12.43 15.03
CA ARG B 334 -2.47 11.31 15.70
C ARG B 334 -3.63 11.75 16.60
N GLY B 335 -4.31 12.83 16.21
CA GLY B 335 -5.43 13.31 16.96
C GLY B 335 -6.71 12.72 16.42
N TYR B 336 -7.82 13.19 17.01
CA TYR B 336 -9.17 12.84 16.55
C TYR B 336 -10.15 13.88 17.06
N GLN B 337 -10.81 14.61 16.14
CA GLN B 337 -11.79 15.64 16.49
C GLN B 337 -12.84 15.57 15.39
N ASP B 338 -13.88 14.80 15.62
CA ASP B 338 -14.87 14.65 14.56
C ASP B 338 -15.91 15.75 14.71
N ILE B 339 -16.93 15.67 13.88
CA ILE B 339 -18.02 16.63 13.88
C ILE B 339 -19.29 15.84 14.05
N PHE B 340 -20.39 16.56 14.28
CA PHE B 340 -21.71 15.97 14.19
C PHE B 340 -22.55 16.83 13.26
N PRO B 341 -23.07 16.26 12.17
CA PRO B 341 -23.90 17.06 11.25
C PRO B 341 -25.25 17.42 11.86
N LEU B 342 -25.70 18.66 11.57
CA LEU B 342 -26.96 19.23 12.03
C LEU B 342 -27.93 19.59 10.90
N SER B 343 -27.61 19.26 9.65
CA SER B 343 -28.55 19.40 8.54
C SER B 343 -28.30 18.26 7.56
N GLU B 344 -29.21 18.13 6.60
CA GLU B 344 -29.14 16.95 5.76
C GLU B 344 -27.89 16.95 4.90
N ASP B 345 -27.50 18.12 4.40
CA ASP B 345 -26.32 18.23 3.57
C ASP B 345 -25.07 18.45 4.39
N SER B 346 -25.22 18.45 5.72
CA SER B 346 -24.11 18.69 6.65
C SER B 346 -23.39 20.01 6.37
N SER B 347 -24.15 21.01 5.88
CA SER B 347 -23.66 22.39 5.83
C SER B 347 -23.74 23.09 7.17
N PHE B 348 -24.61 22.59 8.07
CA PHE B 348 -24.63 22.92 9.50
C PHE B 348 -24.08 21.74 10.30
N TYR B 349 -23.06 22.00 11.13
CA TYR B 349 -22.55 20.90 11.96
C TYR B 349 -21.83 21.50 13.15
N THR B 350 -21.75 20.72 14.23
CA THR B 350 -21.05 21.12 15.44
C THR B 350 -19.73 20.37 15.55
N TYR B 351 -18.76 20.99 16.19
CA TYR B 351 -17.49 20.32 16.39
C TYR B 351 -16.78 20.92 17.59
N ILE B 352 -15.67 20.31 18.00
CA ILE B 352 -14.84 20.84 19.08
C ILE B 352 -13.45 21.12 18.53
N GLY B 353 -12.96 22.33 18.77
CA GLY B 353 -11.63 22.72 18.33
C GLY B 353 -10.66 22.77 19.48
N ILE B 354 -9.42 22.36 19.21
CA ILE B 354 -8.37 22.31 20.20
C ILE B 354 -7.15 22.99 19.62
N THR B 355 -6.67 24.02 20.31
CA THR B 355 -5.50 24.76 19.90
C THR B 355 -4.43 24.66 20.97
N PRO B 356 -3.18 24.37 20.63
CA PRO B 356 -2.15 24.16 21.65
C PRO B 356 -1.61 25.49 22.16
N SER B 357 -1.49 25.61 23.48
CA SER B 357 -0.91 26.80 24.09
C SER B 357 -0.01 26.32 25.23
N ASN B 358 1.30 26.49 25.07
CA ASN B 358 2.27 26.25 26.13
C ASN B 358 2.14 24.82 26.67
N GLU B 359 2.11 23.88 25.72
CA GLU B 359 2.02 22.44 26.02
C GLU B 359 0.83 22.10 26.91
N GLY B 360 -0.21 22.94 26.80
CA GLY B 360 -1.52 22.64 27.33
C GLY B 360 -2.47 22.93 26.17
N THR B 361 -3.77 22.71 26.35
CA THR B 361 -4.67 23.01 25.24
C THR B 361 -5.78 23.98 25.62
N LYS B 362 -6.10 24.87 24.69
CA LYS B 362 -7.25 25.74 24.77
C LYS B 362 -8.34 25.15 23.88
N SER B 363 -9.56 25.10 24.40
CA SER B 363 -10.60 24.35 23.73
C SER B 363 -11.83 25.21 23.55
N PHE B 364 -12.54 24.98 22.44
CA PHE B 364 -13.84 25.60 22.22
C PHE B 364 -14.80 24.62 21.58
N VAL B 365 -16.10 24.83 21.81
CA VAL B 365 -17.16 24.11 21.12
C VAL B 365 -17.80 25.08 20.15
N ALA B 366 -18.16 24.59 18.97
CA ALA B 366 -18.56 25.49 17.90
C ALA B 366 -19.63 24.83 17.03
N VAL B 367 -20.34 25.69 16.30
CA VAL B 367 -21.31 25.29 15.28
C VAL B 367 -21.09 26.09 14.00
N LYS B 368 -21.05 25.38 12.86
CA LYS B 368 -20.96 25.96 11.52
C LYS B 368 -22.32 26.27 10.95
N ASP B 369 -22.37 27.41 10.32
CA ASP B 369 -23.51 28.00 9.66
C ASP B 369 -23.33 27.75 8.17
N ASP B 370 -24.42 27.69 7.42
CA ASP B 370 -24.28 27.44 5.98
C ASP B 370 -23.56 28.60 5.27
N ALA B 371 -23.71 29.83 5.78
CA ALA B 371 -22.94 30.96 5.26
C ALA B 371 -21.46 30.82 5.56
N GLY B 372 -21.11 30.04 6.57
CA GLY B 372 -19.72 29.91 6.95
C GLY B 372 -19.44 30.56 8.27
N HIS B 373 -20.46 31.14 8.90
CA HIS B 373 -20.30 31.75 10.20
C HIS B 373 -20.02 30.65 11.21
N VAL B 374 -19.14 30.93 12.17
CA VAL B 374 -18.81 29.95 13.19
C VAL B 374 -19.16 30.55 14.55
N ALA B 375 -20.01 29.86 15.32
CA ALA B 375 -20.38 30.29 16.66
C ALA B 375 -19.63 29.43 17.66
N SER B 376 -18.71 30.02 18.40
CA SER B 376 -17.84 29.29 19.29
C SER B 376 -17.95 29.82 20.72
N ILE B 377 -17.81 28.90 21.67
CA ILE B 377 -17.70 29.18 23.10
C ILE B 377 -16.56 28.39 23.70
N THR B 378 -15.66 29.09 24.39
CA THR B 378 -14.57 28.43 25.10
C THR B 378 -15.10 27.44 26.14
N ILE B 379 -14.42 26.28 26.23
CA ILE B 379 -14.84 25.24 27.16
C ILE B 379 -13.62 24.68 27.88
N LEU B 380 -13.90 24.06 29.03
CA LEU B 380 -12.91 23.44 29.91
C LEU B 380 -11.64 24.30 30.04
N PRO B 381 -11.76 25.51 30.58
CA PRO B 381 -10.54 26.33 30.71
C PRO B 381 -9.68 25.83 31.84
N ASN B 382 -10.30 25.35 32.91
CA ASN B 382 -9.60 24.80 34.06
C ASN B 382 -8.89 23.48 33.76
N TYR B 383 -9.29 22.76 32.73
CA TYR B 383 -8.57 21.53 32.38
C TYR B 383 -7.21 21.89 31.79
N TYR B 384 -6.19 21.12 32.16
CA TYR B 384 -4.86 21.40 31.61
C TYR B 384 -4.86 21.24 30.09
N SER B 385 -5.26 20.06 29.61
CA SER B 385 -5.26 19.74 28.18
C SER B 385 -6.45 18.86 27.83
N ILE B 386 -6.95 19.02 26.61
CA ILE B 386 -7.85 18.10 25.92
C ILE B 386 -7.24 17.78 24.56
N THR B 387 -7.13 16.51 24.20
CA THR B 387 -6.46 16.16 22.95
C THR B 387 -7.38 15.54 21.89
N SER B 388 -8.61 15.14 22.21
CA SER B 388 -9.47 14.51 21.24
C SER B 388 -10.93 14.80 21.60
N ALA B 389 -11.81 14.62 20.62
CA ALA B 389 -13.23 14.85 20.86
C ALA B 389 -14.04 14.03 19.85
N THR B 390 -15.06 13.32 20.36
CA THR B 390 -16.10 12.70 19.54
C THR B 390 -17.44 13.20 20.03
N ILE B 391 -18.33 13.54 19.10
CA ILE B 391 -19.58 14.22 19.41
C ILE B 391 -20.75 13.42 18.85
N SER B 392 -21.77 13.20 19.68
CA SER B 392 -22.98 12.55 19.17
C SER B 392 -24.20 13.29 19.72
N CYS B 393 -25.11 13.65 18.84
CA CYS B 393 -26.26 14.46 19.23
C CYS B 393 -27.59 13.71 19.03
N PHE B 394 -28.64 14.32 19.58
CA PHE B 394 -29.94 13.70 19.71
C PHE B 394 -30.97 14.76 20.13
N MET B 395 -32.22 14.36 20.12
CA MET B 395 -33.30 15.17 20.67
C MET B 395 -33.39 14.85 22.15
N TYR B 396 -33.47 15.89 22.96
CA TYR B 396 -33.64 15.76 24.40
C TYR B 396 -34.35 17.01 24.88
N LYS B 397 -35.44 16.79 25.61
CA LYS B 397 -36.28 17.88 26.09
C LYS B 397 -36.58 18.87 24.96
N GLU B 398 -37.10 18.32 23.85
CA GLU B 398 -37.52 19.06 22.66
C GLU B 398 -36.44 20.00 22.13
N GLU B 399 -35.16 19.68 22.34
CA GLU B 399 -34.09 20.46 21.74
C GLU B 399 -32.98 19.54 21.25
N ILE B 400 -32.14 20.06 20.36
CA ILE B 400 -30.96 19.28 20.00
C ILE B 400 -29.93 19.42 21.10
N TRP B 401 -29.47 18.28 21.64
CA TRP B 401 -28.43 18.17 22.67
C TRP B 401 -27.30 17.26 22.18
N CYS B 402 -26.06 17.63 22.48
CA CYS B 402 -24.89 16.86 22.08
C CYS B 402 -24.08 16.45 23.29
N ILE B 403 -23.48 15.27 23.22
CA ILE B 403 -22.52 14.80 24.20
C ILE B 403 -21.16 14.64 23.52
N ALA B 404 -20.12 15.13 24.15
CA ALA B 404 -18.77 15.07 23.63
C ALA B 404 -17.90 14.30 24.59
N VAL B 405 -17.17 13.34 24.05
CA VAL B 405 -16.25 12.50 24.80
C VAL B 405 -14.84 12.87 24.38
N THR B 406 -14.02 13.23 25.37
CA THR B 406 -12.74 13.89 25.21
C THR B 406 -11.65 13.25 26.06
N GLU B 407 -10.54 12.90 25.44
CA GLU B 407 -9.34 12.49 26.17
C GLU B 407 -8.62 13.72 26.70
N GLY B 408 -8.03 13.62 27.88
CA GLY B 408 -7.25 14.74 28.37
C GLY B 408 -6.81 14.53 29.80
N ARG B 409 -6.12 15.57 30.31
CA ARG B 409 -5.64 15.59 31.69
C ARG B 409 -6.21 16.79 32.42
N LYS B 410 -6.93 16.53 33.52
CA LYS B 410 -7.53 17.62 34.29
C LYS B 410 -6.42 18.57 34.77
N GLN B 411 -5.36 18.01 35.35
CA GLN B 411 -4.15 18.74 35.75
C GLN B 411 -2.93 18.08 35.12
N LYS B 412 -1.84 18.85 34.99
CA LYS B 412 -0.74 18.48 34.09
C LYS B 412 -0.13 17.11 34.41
N GLU B 413 0.01 16.78 35.68
CA GLU B 413 0.71 15.55 36.09
C GLU B 413 -0.21 14.37 36.21
N ASN B 414 -1.50 14.56 35.95
CA ASN B 414 -2.42 13.45 35.95
C ASN B 414 -2.14 12.54 34.75
N PRO B 415 -2.45 11.26 34.88
CA PRO B 415 -2.55 10.41 33.70
C PRO B 415 -3.78 10.75 32.87
N GLN B 416 -3.70 10.48 31.57
CA GLN B 416 -4.82 10.81 30.70
C GLN B 416 -6.07 10.04 31.12
N ARG B 417 -7.21 10.71 31.06
CA ARG B 417 -8.52 10.11 31.34
C ARG B 417 -9.50 10.54 30.24
N ILE B 418 -10.72 10.02 30.34
CA ILE B 418 -11.78 10.28 29.37
C ILE B 418 -12.95 10.94 30.08
N TYR B 419 -13.45 12.03 29.51
CA TYR B 419 -14.45 12.87 30.14
C TYR B 419 -15.60 13.11 29.16
N ALA B 420 -16.82 13.19 29.67
CA ALA B 420 -18.02 13.39 28.85
C ALA B 420 -18.79 14.61 29.33
N HIS B 421 -19.15 15.48 28.40
CA HIS B 421 -19.91 16.67 28.73
C HIS B 421 -21.07 16.83 27.74
N SER B 422 -22.03 17.69 28.07
CA SER B 422 -23.21 17.91 27.23
C SER B 422 -23.43 19.40 26.98
N TYR B 423 -24.07 19.69 25.86
CA TYR B 423 -24.44 21.07 25.56
C TYR B 423 -25.62 21.04 24.61
N ARG B 424 -26.29 22.17 24.47
CA ARG B 424 -27.42 22.16 23.56
C ARG B 424 -27.10 23.07 22.38
N VAL B 425 -27.81 22.85 21.29
CA VAL B 425 -27.71 23.64 20.08
C VAL B 425 -29.01 24.43 19.98
N GLN B 426 -28.89 25.75 19.90
CA GLN B 426 -30.03 26.64 19.84
C GLN B 426 -30.16 27.19 18.42
N LYS B 427 -31.40 27.37 17.97
CA LYS B 427 -31.70 27.88 16.62
C LYS B 427 -32.20 29.32 16.71
N MET B 428 -31.72 30.18 15.80
CA MET B 428 -32.07 31.59 15.82
C MET B 428 -32.21 32.15 14.41
N CYS B 429 -32.95 33.26 14.29
CA CYS B 429 -33.14 34.06 13.06
C CYS B 429 -32.51 35.44 13.24
N PHE B 430 -31.21 35.55 13.02
CA PHE B 430 -30.60 36.86 13.19
C PHE B 430 -31.02 37.76 12.04
N ASN B 431 -31.06 39.07 12.31
CA ASN B 431 -31.35 40.07 11.27
C ASN B 431 -30.21 41.10 11.22
N THR C 1 30.08 -23.02 -3.76
CA THR C 1 31.05 -23.31 -2.69
C THR C 1 30.51 -23.01 -1.29
N ILE C 2 29.85 -21.86 -1.16
CA ILE C 2 29.20 -21.42 0.07
C ILE C 2 27.74 -21.15 -0.21
N LYS C 3 26.92 -21.31 0.83
CA LYS C 3 25.49 -21.09 0.79
C LYS C 3 25.09 -20.20 1.94
N PRO C 4 24.03 -19.39 1.79
CA PRO C 4 23.49 -18.69 2.96
C PRO C 4 23.12 -19.64 4.09
N VAL C 5 23.42 -19.18 5.31
CA VAL C 5 23.44 -20.03 6.48
C VAL C 5 22.09 -20.68 6.73
N GLU C 6 22.11 -21.96 7.06
CA GLU C 6 20.92 -22.74 7.36
C GLU C 6 20.87 -22.92 8.87
N TYR C 7 20.05 -22.09 9.53
CA TYR C 7 19.94 -22.12 10.98
C TYR C 7 19.55 -23.51 11.40
N TYR C 8 20.49 -24.29 11.92
CA TYR C 8 20.21 -25.69 12.17
C TYR C 8 19.81 -25.93 13.62
N LYS C 9 18.97 -26.94 13.80
CA LYS C 9 18.36 -27.28 15.07
C LYS C 9 18.76 -28.72 15.37
N PRO C 10 18.44 -29.25 16.57
CA PRO C 10 18.86 -30.62 16.90
C PRO C 10 18.04 -31.67 16.18
N ASP C 11 18.70 -32.49 15.36
CA ASP C 11 17.99 -33.63 14.78
C ASP C 11 17.76 -34.69 15.83
N GLY C 12 18.65 -34.78 16.81
CA GLY C 12 18.53 -35.70 17.91
C GLY C 12 18.23 -34.94 19.17
N CYS C 13 19.05 -35.10 20.21
CA CYS C 13 18.73 -34.58 21.56
C CYS C 13 17.31 -35.02 21.88
N ASN C 14 16.41 -34.09 22.23
CA ASN C 14 15.04 -34.45 22.59
C ASN C 14 15.03 -35.56 23.63
N LYS C 15 15.95 -35.47 24.57
CA LYS C 15 16.16 -36.52 25.54
C LYS C 15 16.30 -35.93 26.94
N THR C 16 16.02 -36.75 27.95
CA THR C 16 16.18 -36.32 29.33
C THR C 16 17.66 -36.06 29.63
N ASN C 17 17.91 -34.93 30.32
CA ASN C 17 19.24 -34.47 30.73
C ASN C 17 20.16 -34.12 29.57
N ASP C 18 19.66 -33.89 28.36
CA ASP C 18 20.48 -33.47 27.23
C ASP C 18 20.25 -32.01 26.91
N HIS C 19 21.32 -31.29 26.62
CA HIS C 19 21.19 -29.89 26.21
C HIS C 19 21.82 -29.77 24.82
N PHE C 20 21.07 -29.15 23.90
CA PHE C 20 21.59 -28.81 22.58
C PHE C 20 22.37 -27.52 22.70
N THR C 21 23.67 -27.58 22.55
CA THR C 21 24.41 -26.34 22.61
C THR C 21 25.19 -26.15 21.32
N MET C 22 25.64 -24.92 21.15
CA MET C 22 26.50 -24.49 20.07
C MET C 22 27.71 -23.81 20.66
N GLN C 23 28.83 -23.90 19.97
CA GLN C 23 30.05 -23.31 20.52
C GLN C 23 31.01 -23.02 19.39
N PRO C 24 31.97 -22.13 19.61
CA PRO C 24 32.94 -21.83 18.54
C PRO C 24 33.89 -23.00 18.29
N GLY C 25 34.34 -23.08 17.04
CA GLY C 25 35.38 -24.04 16.70
C GLY C 25 36.67 -23.74 17.44
N VAL C 26 37.49 -24.77 17.60
CA VAL C 26 38.67 -24.63 18.45
C VAL C 26 39.64 -23.63 17.87
N ASN C 27 39.65 -23.47 16.54
CA ASN C 27 40.68 -22.66 15.91
C ASN C 27 40.10 -21.39 15.27
N PHE C 28 41.03 -20.45 15.03
CA PHE C 28 40.78 -19.11 14.50
C PHE C 28 41.71 -18.91 13.28
N TYR C 29 41.31 -19.44 12.12
CA TYR C 29 42.20 -19.52 10.95
C TYR C 29 42.28 -18.17 10.28
N THR C 30 43.45 -17.82 9.77
CA THR C 30 43.52 -16.57 9.04
C THR C 30 42.81 -16.67 7.70
N VAL C 31 42.31 -15.53 7.23
CA VAL C 31 41.74 -15.38 5.89
C VAL C 31 42.56 -14.28 5.23
N PRO C 32 43.74 -14.59 4.75
CA PRO C 32 44.62 -13.53 4.27
C PRO C 32 44.10 -12.90 2.99
N ASN C 33 44.47 -11.63 2.81
CA ASN C 33 44.21 -10.88 1.58
C ASN C 33 42.73 -10.87 1.23
N LEU C 34 41.89 -10.72 2.25
CA LEU C 34 40.50 -10.37 2.00
C LEU C 34 40.41 -9.00 1.35
N GLY C 35 41.29 -8.09 1.75
CA GLY C 35 41.49 -6.85 1.05
C GLY C 35 42.93 -6.41 1.14
N PRO C 36 43.34 -5.49 0.28
CA PRO C 36 44.74 -5.03 0.27
C PRO C 36 45.05 -4.10 1.41
N SER C 37 46.33 -4.07 1.77
CA SER C 37 46.78 -3.24 2.88
C SER C 37 48.16 -2.72 2.57
N SER C 38 48.36 -1.43 2.80
CA SER C 38 49.69 -0.87 2.64
C SER C 38 50.49 -1.15 3.89
N SER C 39 51.81 -1.12 3.74
CA SER C 39 52.70 -1.19 4.88
C SER C 39 53.12 0.21 5.37
N SER C 40 52.66 1.28 4.72
CA SER C 40 53.00 2.65 5.10
C SER C 40 52.53 2.94 6.52
N ALA C 41 53.47 3.26 7.42
CA ALA C 41 53.10 3.45 8.81
C ALA C 41 52.39 4.78 9.07
N ASP C 42 52.35 5.69 8.09
CA ASP C 42 51.64 6.96 8.23
C ASP C 42 50.16 6.85 7.90
N GLU C 43 49.69 5.65 7.57
CA GLU C 43 48.34 5.41 7.09
C GLU C 43 47.62 4.50 8.07
N CYS C 44 46.38 4.86 8.38
CA CYS C 44 45.50 4.08 9.23
C CYS C 44 44.39 3.45 8.38
N TYR C 45 44.19 2.15 8.53
CA TYR C 45 43.08 1.43 7.92
C TYR C 45 41.97 1.28 8.97
N THR C 46 40.78 1.80 8.66
CA THR C 46 39.73 1.89 9.68
C THR C 46 38.35 1.75 9.05
N ASN C 47 37.35 1.65 9.93
CA ASN C 47 35.94 1.64 9.54
C ASN C 47 35.62 0.67 8.40
N PRO C 48 35.84 -0.62 8.60
CA PRO C 48 35.51 -1.60 7.59
C PRO C 48 34.01 -1.81 7.54
N SER C 49 33.53 -2.22 6.38
CA SER C 49 32.18 -2.72 6.22
C SER C 49 32.28 -4.08 5.54
N PHE C 50 31.60 -5.09 6.09
CA PHE C 50 31.77 -6.44 5.60
C PHE C 50 30.39 -7.10 5.51
N SER C 51 30.07 -7.60 4.32
CA SER C 51 28.80 -8.28 4.11
C SER C 51 29.05 -9.48 3.19
N ILE C 52 28.35 -10.58 3.44
CA ILE C 52 28.50 -11.80 2.65
C ILE C 52 27.17 -12.18 2.03
N GLY C 53 27.17 -12.45 0.72
CA GLY C 53 25.93 -12.75 0.03
C GLY C 53 25.63 -14.20 -0.25
N SER C 54 25.21 -14.48 -1.49
CA SER C 54 25.00 -15.86 -1.93
C SER C 54 26.32 -16.59 -2.01
N SER C 55 27.26 -16.03 -2.77
CA SER C 55 28.62 -16.54 -2.81
C SER C 55 29.66 -15.44 -2.76
N ILE C 56 29.33 -14.21 -3.13
CA ILE C 56 30.30 -13.14 -3.14
C ILE C 56 30.32 -12.49 -1.78
N TYR C 57 31.37 -11.71 -1.54
CA TYR C 57 31.43 -10.82 -0.40
C TYR C 57 31.77 -9.42 -0.86
N MET C 58 31.32 -8.46 -0.06
CA MET C 58 31.63 -7.06 -0.24
C MET C 58 32.37 -6.56 1.00
N PHE C 59 33.47 -5.84 0.78
CA PHE C 59 34.30 -5.34 1.87
C PHE C 59 34.76 -3.93 1.53
N SER C 60 34.81 -3.07 2.53
CA SER C 60 35.28 -1.72 2.29
C SER C 60 36.09 -1.25 3.49
N GLN C 61 37.04 -0.37 3.22
CA GLN C 61 37.89 0.16 4.28
C GLN C 61 38.28 1.59 3.94
N GLU C 62 38.31 2.45 4.96
CA GLU C 62 38.80 3.80 4.84
C GLU C 62 40.30 3.80 5.14
N ILE C 63 41.06 4.48 4.29
CA ILE C 63 42.49 4.73 4.49
C ILE C 63 42.65 6.21 4.84
N ARG C 64 43.03 6.50 6.07
CA ARG C 64 43.15 7.86 6.58
C ARG C 64 44.61 8.20 6.90
N LYS C 65 44.91 9.49 6.89
CA LYS C 65 46.25 9.98 7.14
C LYS C 65 46.45 10.16 8.65
N THR C 66 47.40 9.42 9.22
CA THR C 66 47.85 9.55 10.61
C THR C 66 46.85 9.09 11.66
N ASP C 67 45.79 9.87 11.86
CA ASP C 67 44.85 9.69 12.95
C ASP C 67 43.67 8.84 12.48
N CYS C 68 43.38 7.77 13.22
CA CYS C 68 42.30 6.87 12.83
C CYS C 68 40.93 7.51 12.97
N THR C 69 40.81 8.51 13.84
CA THR C 69 39.50 9.07 14.14
C THR C 69 39.21 10.25 13.25
N THR C 70 40.09 11.24 13.24
CA THR C 70 39.86 12.52 12.61
C THR C 70 40.84 12.82 11.49
N GLY C 71 41.71 11.88 11.16
CA GLY C 71 42.62 12.09 10.06
C GLY C 71 41.88 12.16 8.73
N GLU C 72 42.47 12.89 7.79
CA GLU C 72 41.86 13.05 6.49
C GLU C 72 41.71 11.72 5.77
N ILE C 73 40.54 11.50 5.19
CA ILE C 73 40.28 10.29 4.42
C ILE C 73 41.09 10.39 3.12
N LEU C 74 42.19 9.64 3.06
CA LEU C 74 43.02 9.58 1.85
C LEU C 74 42.40 8.70 0.75
N SER C 75 41.73 7.61 1.13
CA SER C 75 41.12 6.72 0.14
C SER C 75 39.98 5.94 0.80
N ILE C 76 38.99 5.54 0.00
CA ILE C 76 38.04 4.52 0.43
C ILE C 76 38.13 3.39 -0.57
N GLN C 77 38.52 2.21 -0.10
CA GLN C 77 38.83 1.08 -0.95
C GLN C 77 37.73 0.04 -0.81
N ILE C 78 37.25 -0.46 -1.94
CA ILE C 78 36.17 -1.42 -2.02
C ILE C 78 36.73 -2.69 -2.64
N VAL C 79 36.32 -3.84 -2.11
CA VAL C 79 36.68 -5.14 -2.65
C VAL C 79 35.42 -5.97 -2.84
N LEU C 80 35.20 -6.44 -4.06
CA LEU C 80 34.23 -7.50 -4.31
C LEU C 80 35.02 -8.78 -4.51
N GLY C 81 34.65 -9.81 -3.77
CA GLY C 81 35.36 -11.06 -3.91
C GLY C 81 34.47 -12.26 -3.74
N ARG C 82 35.07 -13.45 -3.65
CA ARG C 82 34.30 -14.67 -3.43
C ARG C 82 34.92 -15.49 -2.32
N ILE C 83 34.07 -16.11 -1.53
CA ILE C 83 34.51 -17.07 -0.52
C ILE C 83 34.60 -18.44 -1.18
N VAL C 84 35.81 -19.02 -1.14
CA VAL C 84 36.15 -20.27 -1.82
C VAL C 84 37.00 -21.15 -0.89
N ASP C 85 37.17 -22.41 -1.29
CA ASP C 85 38.07 -23.34 -0.62
C ASP C 85 39.37 -23.42 -1.40
N LYS C 86 40.45 -22.89 -0.83
CA LYS C 86 41.77 -23.02 -1.42
C LYS C 86 42.56 -24.15 -0.75
N GLY C 87 41.85 -25.18 -0.27
CA GLY C 87 42.48 -26.34 0.34
C GLY C 87 43.04 -26.09 1.72
N GLN C 88 42.70 -24.98 2.34
CA GLN C 88 43.18 -24.67 3.67
C GLN C 88 42.26 -25.25 4.74
N GLN C 89 42.75 -25.21 5.96
CA GLN C 89 41.97 -25.46 7.17
C GLN C 89 40.54 -24.90 7.14
N GLY C 90 40.41 -23.63 6.75
CA GLY C 90 39.14 -22.96 6.69
C GLY C 90 38.98 -22.24 5.37
N PRO C 91 37.83 -21.59 5.19
CA PRO C 91 37.55 -20.88 3.95
C PRO C 91 38.54 -19.74 3.74
N GLN C 92 38.67 -19.31 2.48
CA GLN C 92 39.63 -18.30 2.08
C GLN C 92 38.98 -17.25 1.18
N ALA C 93 39.71 -16.18 0.91
CA ALA C 93 39.19 -15.03 0.19
C ALA C 93 39.86 -14.88 -1.17
N SER C 94 39.05 -14.74 -2.23
CA SER C 94 39.53 -14.48 -3.59
C SER C 94 39.01 -13.15 -4.12
N PRO C 95 39.80 -12.08 -4.02
CA PRO C 95 39.37 -10.79 -4.58
C PRO C 95 39.13 -10.87 -6.08
N LEU C 96 38.01 -10.30 -6.52
CA LEU C 96 37.69 -10.21 -7.95
C LEU C 96 37.84 -8.80 -8.49
N LEU C 97 37.43 -7.79 -7.72
CA LEU C 97 37.63 -6.39 -8.06
C LEU C 97 38.13 -5.64 -6.84
N VAL C 98 39.04 -4.69 -7.08
CA VAL C 98 39.50 -3.69 -6.12
C VAL C 98 39.27 -2.32 -6.74
N TRP C 99 38.61 -1.42 -6.01
CA TRP C 99 38.13 -0.17 -6.60
C TRP C 99 38.19 0.94 -5.56
N SER C 100 38.38 2.19 -5.99
CA SER C 100 38.50 3.31 -5.07
C SER C 100 37.32 4.26 -5.23
N VAL C 101 36.81 4.74 -4.11
CA VAL C 101 35.65 5.63 -4.19
C VAL C 101 36.10 7.01 -4.66
N PRO C 102 35.47 7.56 -5.71
CA PRO C 102 35.91 8.85 -6.25
C PRO C 102 35.71 9.99 -5.25
N ASN C 103 36.67 10.90 -5.22
CA ASN C 103 36.60 12.08 -4.37
C ASN C 103 36.34 11.73 -2.91
N PRO C 104 37.20 10.92 -2.28
CA PRO C 104 36.93 10.50 -0.90
C PRO C 104 36.86 11.62 0.12
N LYS C 105 37.38 12.81 -0.19
CA LYS C 105 37.33 13.91 0.76
C LYS C 105 35.91 14.41 1.05
N ILE C 106 34.93 14.10 0.19
CA ILE C 106 33.54 14.54 0.35
C ILE C 106 32.67 13.50 1.05
N ILE C 107 33.18 12.29 1.23
CA ILE C 107 32.41 11.19 1.82
C ILE C 107 32.30 11.41 3.33
N ASN C 108 31.09 11.26 3.86
CA ASN C 108 30.92 11.12 5.31
C ASN C 108 31.26 9.70 5.75
N SER C 109 30.58 8.72 5.17
CA SER C 109 30.92 7.32 5.40
C SER C 109 30.25 6.46 4.34
N CYS C 110 30.75 5.24 4.19
CA CYS C 110 30.18 4.25 3.30
C CYS C 110 29.89 2.97 4.04
N ALA C 111 29.05 2.15 3.43
CA ALA C 111 28.87 0.79 3.90
C ALA C 111 28.47 -0.07 2.70
N VAL C 112 28.54 -1.39 2.89
CA VAL C 112 28.39 -2.33 1.81
C VAL C 112 27.22 -3.25 2.08
N ALA C 113 26.75 -3.88 1.01
CA ALA C 113 25.73 -4.90 1.10
C ALA C 113 26.00 -5.90 -0.02
N ALA C 114 26.06 -7.20 0.33
CA ALA C 114 26.32 -8.26 -0.62
C ALA C 114 25.04 -9.02 -0.95
N GLY C 115 24.80 -9.21 -2.25
CA GLY C 115 23.65 -9.96 -2.71
C GLY C 115 24.05 -11.17 -3.49
N ASP C 116 23.38 -11.41 -4.62
CA ASP C 116 23.64 -12.56 -5.49
C ASP C 116 24.38 -12.11 -6.74
N GLU C 117 25.67 -12.43 -6.79
CA GLU C 117 26.56 -12.04 -7.90
C GLU C 117 26.54 -10.54 -8.15
N THR C 118 26.06 -9.77 -7.16
CA THR C 118 25.99 -8.31 -7.25
C THR C 118 26.22 -7.71 -5.86
N GLY C 119 26.95 -6.58 -5.82
CA GLY C 119 27.23 -5.92 -4.55
C GLY C 119 26.98 -4.42 -4.62
N TRP C 120 26.85 -3.82 -3.44
CA TRP C 120 26.47 -2.43 -3.36
C TRP C 120 27.31 -1.69 -2.34
N VAL C 121 27.67 -0.45 -2.66
CA VAL C 121 28.25 0.51 -1.72
C VAL C 121 27.39 1.74 -1.68
N LEU C 122 26.90 2.08 -0.49
CA LEU C 122 26.11 3.29 -0.27
C LEU C 122 26.94 4.26 0.56
N CYS C 123 27.08 5.51 0.07
CA CYS C 123 27.89 6.53 0.69
C CYS C 123 27.10 7.82 0.89
N SER C 124 27.25 8.46 2.05
CA SER C 124 26.68 9.80 2.18
C SER C 124 27.79 10.80 1.98
N VAL C 125 27.45 11.94 1.37
CA VAL C 125 28.42 12.95 1.00
C VAL C 125 28.02 14.27 1.65
N THR C 126 29.03 15.05 1.97
CA THR C 126 28.82 16.36 2.58
C THR C 126 28.82 17.44 1.50
N LEU C 127 28.41 18.65 1.90
CA LEU C 127 28.38 19.76 0.94
C LEU C 127 29.80 20.20 0.61
N THR C 128 29.99 20.64 -0.62
CA THR C 128 31.26 21.13 -1.09
C THR C 128 31.21 22.65 -1.22
N ALA C 129 32.26 23.34 -0.80
CA ALA C 129 32.36 24.77 -1.03
C ALA C 129 32.59 25.02 -2.53
N ALA C 130 32.66 26.30 -2.92
CA ALA C 130 32.96 26.61 -4.31
C ALA C 130 34.37 26.15 -4.69
N SER C 131 35.28 26.09 -3.72
CA SER C 131 36.64 25.59 -3.89
C SER C 131 36.71 24.09 -4.20
N GLY C 132 35.62 23.36 -4.01
CA GLY C 132 35.64 21.92 -4.06
C GLY C 132 35.93 21.27 -2.72
N GLU C 133 36.36 22.06 -1.73
CA GLU C 133 36.69 21.53 -0.41
C GLU C 133 35.43 21.14 0.35
N PRO C 134 35.49 20.05 1.13
CA PRO C 134 34.28 19.62 1.84
C PRO C 134 33.96 20.62 2.94
N ILE C 135 32.68 20.89 3.11
CA ILE C 135 32.24 21.66 4.27
C ILE C 135 31.79 20.57 5.22
N PRO C 136 32.58 20.24 6.24
CA PRO C 136 32.29 19.03 7.02
C PRO C 136 30.98 19.12 7.81
N HIS C 137 30.40 17.96 8.12
CA HIS C 137 29.41 17.75 9.17
C HIS C 137 28.05 17.96 8.50
N MET C 138 28.05 18.05 7.18
CA MET C 138 26.85 18.42 6.46
C MET C 138 26.41 17.26 5.59
N PHE C 139 25.33 17.48 4.86
CA PHE C 139 24.71 16.41 4.10
C PHE C 139 24.33 16.91 2.72
N ASP C 140 24.69 16.15 1.70
CA ASP C 140 24.41 16.50 0.33
C ASP C 140 24.02 15.24 -0.44
N GLY C 141 23.17 14.42 0.16
CA GLY C 141 22.68 13.28 -0.57
C GLY C 141 23.62 12.09 -0.51
N PHE C 142 23.46 11.21 -1.49
CA PHE C 142 24.12 9.93 -1.46
C PHE C 142 24.70 9.60 -2.82
N TRP C 143 25.66 8.67 -2.79
CA TRP C 143 26.13 7.93 -3.96
C TRP C 143 25.87 6.44 -3.75
N LEU C 144 25.39 5.76 -4.78
CA LEU C 144 25.25 4.30 -4.76
C LEU C 144 26.09 3.71 -5.88
N TYR C 145 26.98 2.79 -5.53
CA TYR C 145 27.85 2.13 -6.50
C TYR C 145 27.51 0.65 -6.55
N LYS C 146 27.23 0.17 -7.76
CA LYS C 146 26.89 -1.23 -8.01
C LYS C 146 28.08 -1.93 -8.63
N PHE C 147 28.47 -3.04 -8.02
CA PHE C 147 29.60 -3.84 -8.41
C PHE C 147 29.11 -5.18 -8.91
N GLU C 148 29.78 -5.69 -9.95
CA GLU C 148 29.44 -6.95 -10.56
C GLU C 148 30.66 -7.39 -11.33
N PRO C 149 30.99 -8.68 -11.32
CA PRO C 149 32.21 -9.13 -12.03
C PRO C 149 32.15 -8.81 -13.52
N ASP C 150 33.26 -8.32 -14.06
CA ASP C 150 33.37 -8.05 -15.48
C ASP C 150 32.34 -7.04 -15.97
N THR C 151 31.90 -6.17 -15.07
CA THR C 151 30.98 -5.09 -15.38
C THR C 151 31.56 -3.82 -14.78
N GLU C 152 31.54 -2.74 -15.55
CA GLU C 152 32.04 -1.48 -15.00
C GLU C 152 31.18 -1.12 -13.79
N VAL C 153 31.82 -0.51 -12.80
CA VAL C 153 31.06 -0.08 -11.64
C VAL C 153 30.03 0.95 -12.09
N VAL C 154 28.78 0.77 -11.64
CA VAL C 154 27.69 1.65 -12.01
C VAL C 154 27.49 2.67 -10.90
N ALA C 155 27.38 3.95 -11.27
CA ALA C 155 27.21 5.01 -10.30
C ALA C 155 25.81 5.61 -10.36
N TYR C 156 25.27 5.95 -9.21
CA TYR C 156 23.98 6.60 -9.12
C TYR C 156 24.12 7.75 -8.13
N ARG C 157 23.71 8.93 -8.53
CA ARG C 157 23.74 10.02 -7.60
C ARG C 157 22.35 10.21 -7.13
N ILE C 158 22.18 10.14 -5.82
CA ILE C 158 20.87 10.34 -5.26
C ILE C 158 20.93 11.68 -4.62
N THR C 159 20.14 12.60 -5.13
CA THR C 159 20.10 13.92 -4.60
C THR C 159 18.78 14.48 -4.89
N GLY C 160 18.48 15.59 -4.28
CA GLY C 160 17.24 16.22 -4.57
C GLY C 160 16.09 15.37 -4.20
N PHE C 161 15.26 15.08 -5.17
CA PHE C 161 14.06 14.35 -4.85
C PHE C 161 14.25 12.87 -4.84
N ALA C 162 15.46 12.42 -5.10
CA ALA C 162 15.74 11.02 -5.00
C ALA C 162 15.78 10.60 -3.56
N TYR C 163 15.83 11.54 -2.65
CA TYR C 163 15.76 11.17 -1.26
C TYR C 163 14.66 11.85 -0.52
N LEU C 164 14.01 11.14 0.39
CA LEU C 164 13.01 11.74 1.25
C LEU C 164 13.17 11.17 2.63
N LEU C 165 13.52 11.99 3.59
CA LEU C 165 13.80 11.55 4.94
C LEU C 165 12.71 12.05 5.87
N ASP C 166 12.25 11.19 6.78
CA ASP C 166 11.12 11.55 7.64
C ASP C 166 11.43 12.70 8.59
N LYS C 167 12.69 12.92 8.94
CA LYS C 167 13.11 14.12 9.64
C LYS C 167 14.12 14.84 8.77
N VAL C 168 14.32 16.12 9.06
CA VAL C 168 15.31 16.89 8.31
C VAL C 168 16.71 16.76 8.94
N TYR C 169 17.64 16.20 8.18
CA TYR C 169 18.95 15.81 8.70
C TYR C 169 20.02 16.81 8.24
N ASP C 170 20.77 17.34 9.21
CA ASP C 170 21.91 18.23 8.97
C ASP C 170 23.20 17.49 8.70
N SER C 171 23.33 16.25 9.21
CA SER C 171 24.44 15.35 8.90
C SER C 171 23.92 13.92 8.82
N VAL C 172 24.51 13.14 7.92
CA VAL C 172 24.08 11.77 7.70
C VAL C 172 25.28 10.86 7.49
N PHE C 173 25.33 9.75 8.24
CA PHE C 173 26.36 8.75 8.12
C PHE C 173 25.71 7.39 7.93
N ILE C 174 26.15 6.65 6.92
CA ILE C 174 25.70 5.27 6.74
C ILE C 174 26.42 4.39 7.74
N GLY C 175 25.67 3.56 8.47
CA GLY C 175 26.25 2.68 9.47
C GLY C 175 27.23 1.67 8.89
N LYS C 176 28.47 1.68 9.42
CA LYS C 176 29.54 0.91 8.82
C LYS C 176 29.30 -0.59 8.87
N GLY C 177 28.33 -1.05 9.66
CA GLY C 177 28.08 -2.48 9.76
C GLY C 177 27.65 -3.08 8.44
N GLY C 178 26.95 -2.30 7.64
CA GLY C 178 26.48 -2.73 6.35
C GLY C 178 24.97 -2.87 6.30
N GLY C 179 24.52 -3.27 5.13
CA GLY C 179 23.13 -3.48 4.84
C GLY C 179 22.91 -4.79 4.12
N ILE C 180 21.67 -4.96 3.62
CA ILE C 180 21.26 -6.17 2.94
C ILE C 180 20.52 -5.79 1.66
N GLN C 181 20.43 -6.74 0.75
CA GLN C 181 19.54 -6.64 -0.40
C GLN C 181 18.38 -7.59 -0.19
N ARG C 182 17.16 -7.10 -0.42
CA ARG C 182 15.97 -7.94 -0.39
C ARG C 182 15.17 -7.60 -1.64
N GLY C 183 15.17 -8.54 -2.59
CA GLY C 183 14.46 -8.32 -3.83
C GLY C 183 15.01 -7.12 -4.57
N ASN C 184 14.10 -6.21 -4.94
CA ASN C 184 14.46 -5.02 -5.69
C ASN C 184 14.76 -3.86 -4.78
N ASP C 185 15.07 -4.11 -3.51
CA ASP C 185 15.36 -3.06 -2.55
C ASP C 185 16.68 -3.34 -1.82
N LEU C 186 17.32 -2.27 -1.31
CA LEU C 186 18.42 -2.36 -0.34
C LEU C 186 17.97 -1.76 0.98
N TYR C 187 18.60 -2.23 2.06
CA TYR C 187 18.31 -1.72 3.39
C TYR C 187 19.62 -1.49 4.13
N PHE C 188 19.79 -0.27 4.62
CA PHE C 188 20.92 0.13 5.41
C PHE C 188 20.46 0.79 6.70
N GLN C 189 21.41 1.01 7.59
CA GLN C 189 21.15 1.79 8.78
C GLN C 189 21.96 3.05 8.68
N MET C 190 21.39 4.16 9.15
CA MET C 190 22.10 5.44 9.19
C MET C 190 21.74 6.18 10.47
N PHE C 191 22.59 7.16 10.80
CA PHE C 191 22.42 7.94 12.03
C PHE C 191 22.91 9.34 11.72
N GLY C 192 22.47 10.31 12.52
CA GLY C 192 22.89 11.67 12.27
C GLY C 192 22.12 12.66 13.10
N LEU C 193 22.34 13.95 12.79
CA LEU C 193 21.68 15.05 13.48
C LEU C 193 20.37 15.36 12.77
N SER C 194 19.25 15.16 13.44
CA SER C 194 17.96 15.48 12.88
C SER C 194 17.41 16.64 13.66
N ARG C 195 16.76 17.56 12.97
CA ARG C 195 16.23 18.73 13.65
C ARG C 195 15.05 18.29 14.48
N ASN C 196 14.88 18.91 15.63
CA ASN C 196 13.82 18.47 16.51
C ASN C 196 13.20 19.67 17.18
N ARG C 197 11.87 19.68 17.18
CA ARG C 197 11.04 20.80 17.57
C ARG C 197 10.11 20.44 18.69
N GLN C 198 10.03 19.16 19.03
CA GLN C 198 9.09 18.64 20.02
C GLN C 198 9.87 18.19 21.25
N SER C 199 9.24 18.25 22.42
CA SER C 199 9.88 17.73 23.63
C SER C 199 9.98 16.20 23.55
N ILE C 200 10.95 15.60 24.28
CA ILE C 200 11.21 14.17 24.22
C ILE C 200 11.42 13.58 25.61
N LYS C 201 11.31 12.24 25.68
CA LYS C 201 11.66 11.43 26.85
C LYS C 201 12.51 10.24 26.37
N ALA C 202 13.83 10.39 26.41
CA ALA C 202 14.72 9.40 25.81
C ALA C 202 14.70 8.11 26.58
N LEU C 203 14.97 7.02 25.85
CA LEU C 203 15.04 5.69 26.45
C LEU C 203 16.07 5.65 27.53
N CYS C 204 15.65 5.21 28.72
CA CYS C 204 16.48 5.43 29.89
C CYS C 204 16.34 4.25 30.87
N GLU C 205 16.60 3.05 30.37
CA GLU C 205 16.59 1.83 31.14
C GLU C 205 17.96 1.60 31.73
N HIS C 206 18.01 1.40 33.04
CA HIS C 206 19.30 1.20 33.70
C HIS C 206 19.07 0.36 34.94
N GLY C 207 20.17 0.08 35.64
CA GLY C 207 20.18 -0.74 36.83
C GLY C 207 19.99 0.07 38.09
N SER C 208 20.59 -0.38 39.17
CA SER C 208 20.46 0.32 40.44
C SER C 208 21.42 1.49 40.49
N CYS C 209 20.88 2.69 40.63
CA CYS C 209 21.67 3.92 40.60
C CYS C 209 21.17 4.79 41.75
N LEU C 210 22.04 5.67 42.22
CA LEU C 210 21.76 6.43 43.41
C LEU C 210 21.14 7.77 43.02
N GLY C 211 20.03 8.11 43.66
CA GLY C 211 19.30 9.30 43.25
C GLY C 211 18.29 9.03 42.17
N THR C 212 17.96 7.76 41.91
CA THR C 212 17.02 7.39 40.87
C THR C 212 15.70 8.11 41.05
N GLY C 213 15.26 8.30 42.30
CA GLY C 213 13.97 8.92 42.54
C GLY C 213 13.81 10.27 41.88
N GLY C 214 14.88 11.07 41.86
CA GLY C 214 14.82 12.33 41.16
C GLY C 214 14.82 12.11 39.66
N GLY C 215 14.26 13.06 38.94
CA GLY C 215 14.22 12.93 37.50
C GLY C 215 15.58 13.16 36.88
N GLY C 216 16.61 13.25 37.73
CA GLY C 216 17.94 13.60 37.27
C GLY C 216 18.53 12.63 36.29
N TYR C 217 18.24 11.34 36.44
CA TYR C 217 18.74 10.38 35.46
C TYR C 217 18.02 10.51 34.14
N GLN C 218 16.73 10.82 34.17
CA GLN C 218 16.04 11.01 32.91
C GLN C 218 16.61 12.24 32.21
N VAL C 219 17.01 13.26 32.97
CA VAL C 219 17.57 14.44 32.35
C VAL C 219 18.90 14.10 31.70
N LEU C 220 19.72 13.30 32.38
CA LEU C 220 20.91 12.76 31.72
C LEU C 220 20.59 12.03 30.43
N CYS C 221 19.65 11.09 30.48
CA CYS C 221 19.36 10.28 29.29
C CYS C 221 18.91 11.16 28.13
N ASP C 222 18.07 12.18 28.44
CA ASP C 222 17.59 13.12 27.44
C ASP C 222 18.75 13.92 26.86
N ARG C 223 19.66 14.37 27.73
CA ARG C 223 20.78 15.16 27.26
C ARG C 223 21.72 14.32 26.41
N ALA C 224 21.80 13.03 26.72
CA ALA C 224 22.76 12.15 26.02
C ALA C 224 22.53 12.15 24.52
N VAL C 225 21.26 12.22 24.10
CA VAL C 225 20.91 12.13 22.68
C VAL C 225 20.82 13.47 21.98
N MET C 226 20.98 14.58 22.71
CA MET C 226 20.84 15.88 22.10
C MET C 226 22.18 16.40 21.62
N SER C 227 22.15 17.61 21.11
CA SER C 227 23.30 18.28 20.55
C SER C 227 23.55 19.49 21.44
N PHE C 228 24.80 19.87 21.56
CA PHE C 228 25.13 21.07 22.31
C PHE C 228 24.98 22.25 21.36
N GLY C 229 24.31 23.31 21.81
CA GLY C 229 24.31 24.48 20.96
C GLY C 229 23.21 25.47 21.27
N SER C 230 23.17 26.49 20.40
CA SER C 230 21.97 27.32 20.27
C SER C 230 20.83 26.50 19.65
N GLU C 231 21.13 25.73 18.61
CA GLU C 231 20.17 24.88 17.96
C GLU C 231 20.44 23.45 18.43
N GLU C 232 19.61 22.99 19.35
CA GLU C 232 19.67 21.64 19.83
C GLU C 232 18.86 20.73 18.93
N SER C 233 19.50 19.69 18.46
CA SER C 233 18.89 18.73 17.55
C SER C 233 19.35 17.37 18.00
N LEU C 234 18.68 16.31 17.52
CA LEU C 234 18.86 14.95 18.03
C LEU C 234 19.78 14.08 17.19
N ILE C 235 20.66 13.36 17.87
CA ILE C 235 21.50 12.35 17.22
C ILE C 235 20.68 11.07 17.21
N SER C 236 20.20 10.71 16.04
CA SER C 236 19.18 9.68 15.96
C SER C 236 19.51 8.65 14.90
N ASN C 237 18.96 7.45 15.10
CA ASN C 237 19.06 6.28 14.24
C ASN C 237 17.86 6.14 13.32
N ALA C 238 18.09 5.52 12.16
CA ALA C 238 17.02 5.34 11.22
C ALA C 238 17.38 4.29 10.18
N TYR C 239 16.35 3.66 9.67
CA TYR C 239 16.43 2.76 8.53
C TYR C 239 16.48 3.57 7.23
N LEU C 240 17.38 3.17 6.30
CA LEU C 240 17.32 3.61 4.90
C LEU C 240 16.87 2.48 4.00
N LYS C 241 15.89 2.75 3.15
CA LYS C 241 15.50 1.85 2.09
C LYS C 241 15.95 2.49 0.79
N VAL C 242 16.52 1.68 -0.09
CA VAL C 242 16.87 2.09 -1.44
C VAL C 242 15.91 1.34 -2.35
N ASN C 243 14.94 2.07 -2.91
CA ASN C 243 13.89 1.55 -3.78
C ASN C 243 14.29 1.57 -5.25
N ASP C 244 13.67 0.64 -6.01
CA ASP C 244 13.76 0.56 -7.47
C ASP C 244 15.21 0.45 -7.92
N VAL C 245 15.90 -0.52 -7.34
CA VAL C 245 17.36 -0.58 -7.50
C VAL C 245 17.73 -1.04 -8.91
N ALA C 246 16.99 -1.99 -9.47
CA ALA C 246 17.23 -2.44 -10.82
C ALA C 246 16.73 -1.45 -11.86
N SER C 247 15.78 -0.59 -11.49
CA SER C 247 15.25 0.37 -12.44
C SER C 247 16.35 1.27 -13.00
N GLY C 248 17.39 1.56 -12.21
CA GLY C 248 18.36 2.57 -12.56
C GLY C 248 18.02 3.96 -12.04
N LYS C 249 16.90 4.09 -11.31
CA LYS C 249 16.47 5.34 -10.70
C LYS C 249 16.27 5.05 -9.23
N PRO C 250 17.35 4.92 -8.47
CA PRO C 250 17.20 4.53 -7.06
C PRO C 250 16.68 5.70 -6.27
N THR C 251 15.76 5.40 -5.34
CA THR C 251 15.25 6.42 -4.43
C THR C 251 15.51 5.96 -3.01
N ILE C 252 15.94 6.88 -2.15
CA ILE C 252 16.27 6.54 -0.78
C ILE C 252 15.21 7.13 0.15
N ILE C 253 14.72 6.32 1.08
CA ILE C 253 13.69 6.68 2.05
C ILE C 253 14.20 6.37 3.44
N SER C 254 13.70 7.10 4.42
CA SER C 254 14.11 6.99 5.82
C SER C 254 12.93 6.79 6.75
N GLN C 255 13.11 5.97 7.78
CA GLN C 255 12.36 6.23 9.01
C GLN C 255 13.21 6.10 10.27
N THR C 256 13.04 7.08 11.16
CA THR C 256 13.89 7.35 12.31
C THR C 256 13.28 6.82 13.61
N PHE C 257 14.11 6.16 14.40
CA PHE C 257 13.68 5.75 15.72
C PHE C 257 13.53 6.98 16.60
N PRO C 258 12.42 7.16 17.27
CA PRO C 258 12.28 8.28 18.22
C PRO C 258 13.19 8.07 19.41
N PRO C 259 13.59 9.15 20.09
CA PRO C 259 14.44 8.98 21.27
C PRO C 259 13.84 8.08 22.31
N SER C 260 12.52 8.04 22.41
CA SER C 260 11.86 7.15 23.36
C SER C 260 12.22 5.68 23.15
N ASP C 261 12.71 5.32 21.96
CA ASP C 261 13.01 3.94 21.65
C ASP C 261 14.48 3.72 21.27
N SER C 262 15.38 4.65 21.56
CA SER C 262 16.77 4.43 21.13
C SER C 262 17.71 5.21 22.02
N TYR C 263 18.97 4.80 22.04
CA TYR C 263 19.98 5.58 22.71
C TYR C 263 20.64 6.50 21.69
N LYS C 264 21.77 7.10 22.02
CA LYS C 264 22.35 8.00 21.04
C LYS C 264 22.62 7.24 19.75
N GLY C 265 22.37 7.93 18.64
CA GLY C 265 22.59 7.32 17.34
C GLY C 265 24.04 6.89 17.18
N SER C 266 24.22 5.84 16.38
CA SER C 266 25.49 5.13 16.35
C SER C 266 25.59 4.33 15.08
N ASN C 267 26.80 3.83 14.78
CA ASN C 267 26.98 2.93 13.65
C ASN C 267 26.13 1.69 13.83
N GLY C 268 25.41 1.29 12.79
CA GLY C 268 24.52 0.15 12.86
C GLY C 268 24.71 -0.81 11.70
N ARG C 269 23.89 -1.85 11.69
CA ARG C 269 23.98 -2.89 10.68
C ARG C 269 22.62 -3.54 10.50
N ILE C 270 22.29 -3.89 9.26
CA ILE C 270 21.04 -4.58 8.93
C ILE C 270 21.33 -6.03 8.60
N TYR C 271 20.46 -6.91 9.09
CA TYR C 271 20.61 -8.36 8.98
C TYR C 271 19.38 -8.96 8.32
N THR C 272 19.61 -10.01 7.51
CA THR C 272 18.54 -10.90 7.06
C THR C 272 18.55 -12.13 7.95
N ILE C 273 17.43 -12.41 8.61
CA ILE C 273 17.32 -13.50 9.58
C ILE C 273 16.14 -14.38 9.15
N GLY C 274 16.42 -15.35 8.27
CA GLY C 274 15.36 -16.18 7.74
C GLY C 274 14.35 -15.35 6.98
N GLU C 275 13.10 -15.41 7.40
CA GLU C 275 12.05 -14.61 6.76
C GLU C 275 11.94 -13.21 7.38
N ARG C 276 12.70 -12.94 8.42
CA ARG C 276 12.61 -11.68 9.14
C ARG C 276 13.95 -10.94 8.99
N TYR C 277 14.11 -9.86 9.76
CA TYR C 277 15.25 -8.97 9.62
C TYR C 277 15.70 -8.45 10.98
N GLY C 278 16.93 -7.92 11.03
CA GLY C 278 17.50 -7.49 12.29
C GLY C 278 18.35 -6.23 12.17
N ILE C 279 18.54 -5.58 13.31
CA ILE C 279 19.33 -4.36 13.35
C ILE C 279 20.26 -4.37 14.55
N TYR C 280 21.53 -4.05 14.32
CA TYR C 280 22.49 -3.87 15.40
C TYR C 280 22.84 -2.39 15.49
N LEU C 281 22.87 -1.87 16.71
CA LEU C 281 23.26 -0.49 16.98
C LEU C 281 24.38 -0.52 18.01
N ALA C 282 25.58 -0.19 17.56
CA ALA C 282 26.70 -0.16 18.47
C ALA C 282 26.44 0.85 19.57
N PRO C 283 26.98 0.66 20.76
CA PRO C 283 26.92 1.72 21.76
C PRO C 283 27.75 2.91 21.32
N SER C 284 27.17 4.10 21.49
CA SER C 284 27.85 5.36 21.29
C SER C 284 27.79 6.28 22.50
N SER C 285 27.14 5.84 23.58
CA SER C 285 26.76 6.73 24.64
C SER C 285 26.89 5.93 25.92
N TRP C 286 26.09 6.27 26.93
CA TRP C 286 26.25 5.68 28.24
C TRP C 286 25.80 4.21 28.27
N ASN C 287 24.85 3.80 27.44
CA ASN C 287 24.36 2.41 27.50
C ASN C 287 25.21 1.53 26.60
N ARG C 288 26.00 0.65 27.24
CA ARG C 288 26.97 -0.18 26.55
C ARG C 288 26.52 -1.62 26.38
N TYR C 289 25.26 -1.93 26.70
CA TYR C 289 24.74 -3.26 26.48
C TYR C 289 24.46 -3.51 25.00
N LEU C 290 24.33 -4.78 24.65
CA LEU C 290 23.97 -5.15 23.30
C LEU C 290 22.64 -4.53 22.93
N ARG C 291 22.65 -3.81 21.81
CA ARG C 291 21.46 -3.18 21.30
C ARG C 291 21.19 -3.87 19.98
N PHE C 292 20.26 -4.81 19.99
CA PHE C 292 19.94 -5.60 18.81
C PHE C 292 18.44 -5.79 18.73
N GLY C 293 17.89 -5.54 17.55
CA GLY C 293 16.46 -5.58 17.34
C GLY C 293 16.06 -6.60 16.29
N LEU C 294 14.84 -7.14 16.47
CA LEU C 294 14.26 -8.09 15.53
C LEU C 294 12.99 -7.50 14.94
N THR C 295 12.80 -7.69 13.62
CA THR C 295 11.65 -7.12 12.94
C THR C 295 11.16 -7.98 11.79
N PRO C 296 9.85 -8.18 11.66
CA PRO C 296 9.35 -8.97 10.52
C PRO C 296 9.28 -8.20 9.21
N ASP C 297 9.14 -6.89 9.24
CA ASP C 297 8.95 -6.16 7.99
C ASP C 297 9.75 -4.85 7.91
N ILE C 298 10.81 -4.69 8.71
CA ILE C 298 11.75 -3.56 8.74
C ILE C 298 11.05 -2.23 9.01
N SER C 299 10.46 -2.08 10.20
CA SER C 299 9.84 -0.82 10.63
C SER C 299 10.22 -0.54 12.08
N VAL C 300 10.08 0.72 12.51
CA VAL C 300 10.41 1.01 13.88
C VAL C 300 9.45 0.31 14.85
N ARG C 301 8.17 0.18 14.47
CA ARG C 301 7.13 -0.39 15.34
C ARG C 301 7.31 -1.89 15.55
N SER C 302 7.70 -2.59 14.52
CA SER C 302 7.90 -4.02 14.61
C SER C 302 9.27 -4.43 15.14
N THR C 303 10.11 -3.46 15.52
CA THR C 303 11.43 -3.77 16.05
C THR C 303 11.32 -4.03 17.53
N THR C 304 11.73 -5.23 17.91
CA THR C 304 11.78 -5.69 19.29
C THR C 304 13.24 -5.90 19.67
N TRP C 305 13.64 -5.45 20.88
CA TRP C 305 15.04 -5.45 21.32
C TRP C 305 15.34 -6.65 22.21
N LEU C 306 16.43 -7.34 21.89
CA LEU C 306 16.84 -8.52 22.66
C LEU C 306 17.13 -8.13 24.09
N LYS C 307 16.73 -9.00 25.02
CA LYS C 307 16.95 -8.65 26.41
C LYS C 307 18.34 -9.04 26.90
N GLU C 308 19.09 -9.82 26.13
CA GLU C 308 20.41 -10.23 26.60
C GLU C 308 21.39 -9.07 26.47
N LYS C 309 22.40 -9.07 27.34
CA LYS C 309 23.29 -7.92 27.46
C LYS C 309 24.63 -8.08 26.73
N ASP C 310 25.02 -9.29 26.31
CA ASP C 310 26.34 -9.70 25.81
C ASP C 310 26.42 -9.51 24.28
N PRO C 311 27.52 -9.02 23.71
CA PRO C 311 28.71 -8.55 24.38
C PRO C 311 28.44 -7.20 25.01
N ILE C 312 29.05 -6.93 26.16
CA ILE C 312 29.07 -5.59 26.74
C ILE C 312 30.30 -4.88 26.22
N MET C 313 30.11 -3.66 25.70
CA MET C 313 31.23 -2.99 25.04
C MET C 313 32.06 -2.28 26.07
N LYS C 314 33.35 -2.68 26.17
CA LYS C 314 34.23 -2.21 27.23
C LYS C 314 35.40 -1.39 26.70
N VAL C 315 35.57 -1.28 25.38
CA VAL C 315 36.70 -0.55 24.82
C VAL C 315 36.20 0.73 24.17
N LEU C 316 37.12 1.65 23.94
CA LEU C 316 36.80 2.90 23.24
C LEU C 316 35.63 3.64 23.90
N THR C 317 35.70 3.80 25.22
CA THR C 317 34.65 4.50 25.93
C THR C 317 35.25 5.39 27.01
N THR C 318 34.68 6.57 27.14
CA THR C 318 35.00 7.46 28.22
C THR C 318 34.05 7.27 29.38
N CYS C 319 33.16 6.29 29.29
CA CYS C 319 32.19 6.10 30.37
C CYS C 319 32.87 5.49 31.57
N THR C 320 32.29 5.75 32.74
CA THR C 320 32.82 5.31 34.00
C THR C 320 31.81 4.53 34.83
N ASN C 321 30.61 4.27 34.30
CA ASN C 321 29.63 3.46 35.00
C ASN C 321 29.97 1.97 34.95
N THR C 322 29.28 1.23 35.81
CA THR C 322 29.55 -0.18 36.02
C THR C 322 28.87 -1.03 34.96
N ASP C 323 29.49 -2.17 34.63
CA ASP C 323 28.80 -3.12 33.78
C ASP C 323 27.60 -3.74 34.49
N LYS C 324 27.55 -3.64 35.82
CA LYS C 324 26.43 -4.23 36.53
C LYS C 324 25.18 -3.39 36.35
N ASP C 325 25.31 -2.08 36.45
CA ASP C 325 24.17 -1.18 36.55
C ASP C 325 24.07 -0.16 35.42
N MET C 326 25.18 0.20 34.78
CA MET C 326 25.16 1.04 33.57
C MET C 326 24.44 2.37 33.82
N CYS C 327 24.81 3.05 34.90
CA CYS C 327 24.14 4.29 35.26
C CYS C 327 24.37 5.34 34.19
N PRO C 328 23.35 6.10 33.81
CA PRO C 328 23.51 7.10 32.75
C PRO C 328 24.48 8.22 33.14
N GLU C 329 25.21 8.70 32.14
CA GLU C 329 26.14 9.81 32.24
C GLU C 329 26.49 10.26 30.83
N ILE C 330 27.03 11.46 30.72
CA ILE C 330 27.42 11.99 29.42
C ILE C 330 28.82 11.48 29.09
N CYS C 331 28.92 10.55 28.15
CA CYS C 331 30.22 9.99 27.77
C CYS C 331 30.12 9.47 26.35
N ASN C 332 31.26 9.13 25.77
CA ASN C 332 31.31 8.69 24.37
C ASN C 332 31.92 7.31 24.20
N THR C 333 31.23 6.49 23.41
CA THR C 333 31.65 5.15 23.07
C THR C 333 31.71 5.06 21.56
N ARG C 334 32.80 4.54 21.02
CA ARG C 334 32.99 4.60 19.57
C ARG C 334 33.59 3.33 19.01
N GLY C 335 33.28 2.21 19.66
CA GLY C 335 33.72 0.92 19.22
C GLY C 335 32.64 0.30 18.36
N TYR C 336 32.88 -0.95 18.00
CA TYR C 336 31.90 -1.69 17.21
C TYR C 336 32.15 -3.18 17.43
N GLN C 337 31.14 -3.87 17.97
CA GLN C 337 31.25 -5.32 18.18
C GLN C 337 29.85 -5.89 17.98
N ASP C 338 29.54 -6.31 16.73
CA ASP C 338 28.19 -6.77 16.42
C ASP C 338 28.04 -8.28 16.69
N ILE C 339 26.87 -8.82 16.36
CA ILE C 339 26.65 -10.25 16.53
C ILE C 339 26.24 -10.79 15.18
N PHE C 340 26.14 -12.11 15.12
CA PHE C 340 25.53 -12.82 14.00
C PHE C 340 24.54 -13.80 14.60
N PRO C 341 23.26 -13.73 14.24
CA PRO C 341 22.29 -14.69 14.79
C PRO C 341 22.51 -16.09 14.25
N LEU C 342 22.28 -17.08 15.13
CA LEU C 342 22.37 -18.51 14.83
C LEU C 342 21.04 -19.24 14.99
N SER C 343 19.94 -18.53 15.27
CA SER C 343 18.61 -19.13 15.24
C SER C 343 17.63 -18.08 14.73
N GLU C 344 16.40 -18.51 14.47
CA GLU C 344 15.44 -17.60 13.83
C GLU C 344 15.03 -16.46 14.76
N ASP C 345 14.92 -16.74 16.07
CA ASP C 345 14.63 -15.69 17.05
C ASP C 345 15.92 -15.09 17.61
N SER C 346 17.06 -15.50 17.08
CA SER C 346 18.39 -15.07 17.49
C SER C 346 18.59 -15.20 19.00
N SER C 347 18.01 -16.25 19.60
CA SER C 347 18.38 -16.61 20.97
C SER C 347 19.73 -17.30 21.03
N PHE C 348 20.19 -17.86 19.92
CA PHE C 348 21.56 -18.31 19.75
C PHE C 348 22.31 -17.32 18.87
N TYR C 349 23.50 -16.90 19.29
CA TYR C 349 24.25 -16.05 18.35
C TYR C 349 25.74 -16.04 18.66
N THR C 350 26.54 -15.77 17.64
CA THR C 350 27.98 -15.70 17.84
C THR C 350 28.41 -14.25 17.85
N TYR C 351 29.45 -13.97 18.66
CA TYR C 351 30.01 -12.63 18.75
C TYR C 351 31.46 -12.69 19.19
N ILE C 352 32.08 -11.52 19.23
CA ILE C 352 33.42 -11.37 19.75
C ILE C 352 33.35 -10.37 20.90
N GLY C 353 33.94 -10.73 22.03
CA GLY C 353 34.02 -9.86 23.20
C GLY C 353 35.43 -9.34 23.32
N ILE C 354 35.56 -8.09 23.73
CA ILE C 354 36.86 -7.46 23.89
C ILE C 354 36.89 -6.81 25.26
N THR C 355 37.89 -7.17 26.07
CA THR C 355 38.13 -6.61 27.39
C THR C 355 39.51 -5.96 27.45
N PRO C 356 39.62 -4.74 27.98
CA PRO C 356 40.91 -4.04 27.96
C PRO C 356 41.79 -4.55 29.09
N SER C 357 43.05 -4.82 28.78
CA SER C 357 44.00 -5.21 29.80
C SER C 357 45.31 -4.51 29.50
N ASN C 358 45.73 -3.63 30.43
CA ASN C 358 47.06 -2.98 30.39
C ASN C 358 47.30 -2.23 29.07
N GLU C 359 46.32 -1.39 28.70
CA GLU C 359 46.39 -0.57 27.49
C GLU C 359 46.59 -1.44 26.24
N GLY C 360 46.15 -2.69 26.34
CA GLY C 360 46.06 -3.62 25.24
C GLY C 360 44.69 -4.26 25.34
N THR C 361 44.37 -5.15 24.42
CA THR C 361 43.09 -5.82 24.53
C THR C 361 43.26 -7.33 24.51
N LYS C 362 42.48 -7.98 25.35
CA LYS C 362 42.35 -9.42 25.37
C LYS C 362 40.98 -9.76 24.76
N SER C 363 40.94 -10.70 23.81
CA SER C 363 39.76 -10.91 22.98
C SER C 363 39.33 -12.37 23.01
N PHE C 364 38.02 -12.60 22.95
CA PHE C 364 37.50 -13.97 22.90
C PHE C 364 36.38 -14.05 21.87
N VAL C 365 36.22 -15.24 21.32
CA VAL C 365 35.10 -15.52 20.44
C VAL C 365 34.11 -16.37 21.22
N ALA C 366 32.81 -16.13 21.02
CA ALA C 366 31.83 -16.76 21.89
C ALA C 366 30.56 -17.03 21.13
N VAL C 367 29.80 -17.98 21.67
CA VAL C 367 28.47 -18.30 21.16
C VAL C 367 27.52 -18.35 22.34
N LYS C 368 26.44 -17.60 22.23
CA LYS C 368 25.45 -17.52 23.28
C LYS C 368 24.31 -18.49 23.00
N ASP C 369 23.90 -19.16 24.07
CA ASP C 369 22.95 -20.25 24.21
C ASP C 369 21.57 -19.68 24.58
N ASP C 370 20.51 -20.44 24.31
CA ASP C 370 19.19 -19.93 24.63
C ASP C 370 19.01 -19.77 26.15
N ALA C 371 19.69 -20.59 26.94
CA ALA C 371 19.63 -20.43 28.39
C ALA C 371 20.33 -19.17 28.85
N GLY C 372 21.30 -18.69 28.07
CA GLY C 372 22.13 -17.56 28.46
C GLY C 372 23.58 -17.91 28.63
N HIS C 373 23.91 -19.18 28.45
CA HIS C 373 25.28 -19.65 28.56
C HIS C 373 26.12 -19.10 27.41
N VAL C 374 27.35 -18.73 27.72
CA VAL C 374 28.25 -18.22 26.71
C VAL C 374 29.45 -19.14 26.64
N ALA C 375 29.71 -19.67 25.46
CA ALA C 375 30.85 -20.55 25.24
C ALA C 375 31.95 -19.69 24.61
N SER C 376 33.05 -19.49 25.33
CA SER C 376 34.08 -18.57 24.90
C SER C 376 35.43 -19.26 24.74
N ILE C 377 36.19 -18.76 23.76
CA ILE C 377 37.56 -19.16 23.49
C ILE C 377 38.41 -17.91 23.32
N THR C 378 39.47 -17.82 24.10
CA THR C 378 40.43 -16.75 23.90
C THR C 378 40.93 -16.83 22.45
N ILE C 379 41.17 -15.69 21.85
CA ILE C 379 41.65 -15.64 20.48
C ILE C 379 42.73 -14.57 20.36
N LEU C 380 43.51 -14.66 19.30
CA LEU C 380 44.58 -13.73 18.94
C LEU C 380 45.45 -13.30 20.14
N PRO C 381 46.11 -14.25 20.81
CA PRO C 381 46.91 -13.85 21.98
C PRO C 381 48.16 -13.09 21.60
N ASN C 382 48.76 -13.43 20.46
CA ASN C 382 49.89 -12.67 19.92
C ASN C 382 49.54 -11.22 19.53
N TYR C 383 48.28 -10.90 19.25
CA TYR C 383 47.94 -9.52 18.87
C TYR C 383 47.97 -8.58 20.07
N TYR C 384 48.52 -7.38 19.83
CA TYR C 384 48.56 -6.38 20.89
C TYR C 384 47.15 -5.94 21.29
N SER C 385 46.38 -5.44 20.30
CA SER C 385 45.04 -4.90 20.53
C SER C 385 44.09 -5.24 19.37
N ILE C 386 42.81 -5.47 19.73
CA ILE C 386 41.66 -5.55 18.83
C ILE C 386 40.55 -4.65 19.37
N THR C 387 40.07 -3.72 18.54
CA THR C 387 39.13 -2.72 18.99
C THR C 387 37.74 -2.86 18.37
N SER C 388 37.57 -3.68 17.32
CA SER C 388 36.27 -3.78 16.69
C SER C 388 36.09 -5.15 16.02
N ALA C 389 34.83 -5.52 15.81
CA ALA C 389 34.53 -6.81 15.20
C ALA C 389 33.19 -6.78 14.47
N THR C 390 33.19 -7.22 13.20
CA THR C 390 31.96 -7.54 12.46
C THR C 390 32.05 -8.98 11.97
N ILE C 391 30.96 -9.74 12.13
CA ILE C 391 30.95 -11.17 11.88
C ILE C 391 29.86 -11.48 10.86
N SER C 392 30.20 -12.28 9.84
CA SER C 392 29.19 -12.77 8.90
C SER C 392 29.38 -14.27 8.72
N CYS C 393 28.29 -15.03 8.86
CA CYS C 393 28.38 -16.49 8.81
C CYS C 393 27.65 -17.02 7.58
N PHE C 394 27.87 -18.31 7.34
CA PHE C 394 27.42 -18.97 6.12
C PHE C 394 27.60 -20.49 6.27
N MET C 395 27.08 -21.23 5.30
CA MET C 395 27.35 -22.66 5.16
C MET C 395 28.62 -22.85 4.34
N TYR C 396 29.53 -23.68 4.84
CA TYR C 396 30.78 -24.02 4.16
C TYR C 396 31.15 -25.39 4.66
N LYS C 397 31.42 -26.30 3.72
CA LYS C 397 31.74 -27.70 4.00
C LYS C 397 30.73 -28.26 5.01
N GLU C 398 29.43 -28.11 4.66
CA GLU C 398 28.28 -28.63 5.40
C GLU C 398 28.27 -28.25 6.89
N GLU C 399 28.91 -27.12 7.22
CA GLU C 399 28.88 -26.61 8.59
C GLU C 399 28.71 -25.09 8.56
N ILE C 400 28.26 -24.53 9.68
CA ILE C 400 28.24 -23.07 9.81
C ILE C 400 29.64 -22.55 10.05
N TRP C 401 30.08 -21.65 9.19
CA TRP C 401 31.38 -21.00 9.32
C TRP C 401 31.18 -19.50 9.32
N CYS C 402 31.94 -18.82 10.16
CA CYS C 402 31.88 -17.38 10.30
C CYS C 402 33.23 -16.76 9.99
N ILE C 403 33.19 -15.60 9.34
CA ILE C 403 34.37 -14.76 9.12
C ILE C 403 34.18 -13.51 9.97
N ALA C 404 35.24 -13.16 10.72
CA ALA C 404 35.23 -12.01 11.61
C ALA C 404 36.29 -11.01 11.16
N VAL C 405 35.87 -9.77 10.99
CA VAL C 405 36.71 -8.67 10.52
C VAL C 405 36.93 -7.70 11.68
N THR C 406 38.19 -7.49 12.01
CA THR C 406 38.58 -6.83 13.24
C THR C 406 39.65 -5.79 12.98
N GLU C 407 39.43 -4.58 13.49
CA GLU C 407 40.46 -3.57 13.53
C GLU C 407 41.42 -3.88 14.66
N GLY C 408 42.69 -3.54 14.47
CA GLY C 408 43.63 -3.71 15.55
C GLY C 408 45.06 -3.41 15.13
N ARG C 409 45.95 -3.62 16.08
CA ARG C 409 47.39 -3.49 15.86
C ARG C 409 48.05 -4.81 16.26
N LYS C 410 48.78 -5.42 15.33
CA LYS C 410 49.48 -6.67 15.62
C LYS C 410 50.50 -6.44 16.74
N GLN C 411 51.30 -5.38 16.62
CA GLN C 411 52.24 -4.93 17.64
C GLN C 411 51.95 -3.49 18.02
N LYS C 412 52.39 -3.12 19.22
CA LYS C 412 51.95 -1.86 19.84
C LYS C 412 52.26 -0.66 18.96
N GLU C 413 53.41 -0.66 18.30
CA GLU C 413 53.90 0.49 17.52
C GLU C 413 53.46 0.46 16.06
N ASN C 414 52.71 -0.56 15.67
CA ASN C 414 52.19 -0.63 14.31
C ASN C 414 51.11 0.42 14.10
N PRO C 415 50.91 0.87 12.86
CA PRO C 415 49.66 1.55 12.55
C PRO C 415 48.51 0.55 12.55
N GLN C 416 47.31 1.04 12.85
CA GLN C 416 46.15 0.15 12.89
C GLN C 416 45.92 -0.44 11.52
N ARG C 417 45.58 -1.72 11.48
CA ARG C 417 45.24 -2.42 10.26
C ARG C 417 43.95 -3.20 10.49
N ILE C 418 43.48 -3.86 9.44
CA ILE C 418 42.25 -4.61 9.49
C ILE C 418 42.61 -6.07 9.20
N TYR C 419 42.10 -6.99 10.03
CA TYR C 419 42.47 -8.39 9.93
C TYR C 419 41.22 -9.26 9.87
N ALA C 420 41.31 -10.34 9.11
CA ALA C 420 40.18 -11.24 8.88
C ALA C 420 40.52 -12.66 9.33
N HIS C 421 39.58 -13.28 10.04
CA HIS C 421 39.77 -14.66 10.49
C HIS C 421 38.49 -15.46 10.28
N SER C 422 38.62 -16.77 10.38
CA SER C 422 37.50 -17.70 10.16
C SER C 422 37.43 -18.71 11.29
N TYR C 423 36.22 -19.21 11.54
CA TYR C 423 36.04 -20.27 12.52
C TYR C 423 34.73 -20.96 12.21
N ARG C 424 34.48 -22.09 12.84
CA ARG C 424 33.22 -22.77 12.60
C ARG C 424 32.42 -22.80 13.90
N VAL C 425 31.13 -23.00 13.76
CA VAL C 425 30.22 -23.12 14.87
C VAL C 425 29.82 -24.57 14.92
N GLN C 426 30.04 -25.21 16.07
CA GLN C 426 29.80 -26.63 16.23
C GLN C 426 28.54 -26.86 17.09
N LYS C 427 27.79 -27.92 16.77
CA LYS C 427 26.59 -28.29 17.52
C LYS C 427 26.83 -29.57 18.32
N MET C 428 26.30 -29.63 19.55
CA MET C 428 26.45 -30.85 20.34
C MET C 428 25.17 -31.19 21.10
N CYS C 429 25.03 -32.49 21.41
CA CYS C 429 24.08 -33.06 22.35
C CYS C 429 24.90 -33.71 23.45
N PHE C 430 25.39 -32.96 24.39
CA PHE C 430 26.09 -33.60 25.48
C PHE C 430 25.06 -34.08 26.44
N ASN C 431 25.34 -35.16 27.13
CA ASN C 431 24.43 -35.60 28.16
C ASN C 431 25.20 -35.21 29.35
N ILE C 432 24.64 -34.29 30.12
CA ILE C 432 25.35 -33.81 31.27
C ILE C 432 24.60 -34.27 32.49
N LYS C 433 25.31 -34.97 33.35
CA LYS C 433 24.71 -35.42 34.56
C LYS C 433 25.55 -34.69 35.59
N PRO C 434 24.90 -33.95 36.47
CA PRO C 434 25.67 -33.15 37.41
C PRO C 434 26.54 -34.05 38.29
#